data_5DP9
# 
_entry.id   5DP9 
# 
_audit_conform.dict_name       mmcif_pdbx.dic 
_audit_conform.dict_version    5.398 
_audit_conform.dict_location   http://mmcif.pdb.org/dictionaries/ascii/mmcif_pdbx.dic 
# 
loop_
_database_2.database_id 
_database_2.database_code 
_database_2.pdbx_database_accession 
_database_2.pdbx_DOI 
PDB   5DP9         pdb_00005dp9 10.2210/pdb5dp9/pdb 
WWPDB D_1000213596 ?            ?                   
# 
loop_
_pdbx_audit_revision_history.ordinal 
_pdbx_audit_revision_history.data_content_type 
_pdbx_audit_revision_history.major_revision 
_pdbx_audit_revision_history.minor_revision 
_pdbx_audit_revision_history.revision_date 
1 'Structure model' 1 0 2016-03-30 
2 'Structure model' 1 1 2016-04-06 
3 'Structure model' 1 2 2017-09-27 
4 'Structure model' 1 3 2023-11-08 
5 'Structure model' 1 4 2024-11-13 
# 
_pdbx_audit_revision_details.ordinal             1 
_pdbx_audit_revision_details.revision_ordinal    1 
_pdbx_audit_revision_details.data_content_type   'Structure model' 
_pdbx_audit_revision_details.provider            repository 
_pdbx_audit_revision_details.type                'Initial release' 
_pdbx_audit_revision_details.description         ? 
_pdbx_audit_revision_details.details             ? 
# 
loop_
_pdbx_audit_revision_group.ordinal 
_pdbx_audit_revision_group.revision_ordinal 
_pdbx_audit_revision_group.data_content_type 
_pdbx_audit_revision_group.group 
1 2 'Structure model' 'Database references'    
2 3 'Structure model' 'Data collection'        
3 3 'Structure model' 'Database references'    
4 3 'Structure model' 'Derived calculations'   
5 4 'Structure model' 'Data collection'        
6 4 'Structure model' 'Database references'    
7 4 'Structure model' 'Refinement description' 
8 5 'Structure model' 'Structure summary'      
# 
loop_
_pdbx_audit_revision_category.ordinal 
_pdbx_audit_revision_category.revision_ordinal 
_pdbx_audit_revision_category.data_content_type 
_pdbx_audit_revision_category.category 
1 3 'Structure model' citation                      
2 3 'Structure model' diffrn_detector               
3 3 'Structure model' pdbx_struct_oper_list         
4 4 'Structure model' chem_comp_atom                
5 4 'Structure model' chem_comp_bond                
6 4 'Structure model' database_2                    
7 4 'Structure model' pdbx_initial_refinement_model 
8 5 'Structure model' pdbx_entry_details            
9 5 'Structure model' pdbx_modification_feature     
# 
loop_
_pdbx_audit_revision_item.ordinal 
_pdbx_audit_revision_item.revision_ordinal 
_pdbx_audit_revision_item.data_content_type 
_pdbx_audit_revision_item.item 
1 3 'Structure model' '_citation.journal_id_CSD'                  
2 3 'Structure model' '_diffrn_detector.detector'                 
3 3 'Structure model' '_pdbx_struct_oper_list.symmetry_operation' 
4 4 'Structure model' '_database_2.pdbx_DOI'                      
5 4 'Structure model' '_database_2.pdbx_database_accession'       
# 
_pdbx_database_status.status_code                     REL 
_pdbx_database_status.status_code_sf                  REL 
_pdbx_database_status.status_code_mr                  ? 
_pdbx_database_status.entry_id                        5DP9 
_pdbx_database_status.recvd_initial_deposition_date   2015-09-12 
_pdbx_database_status.SG_entry                        N 
_pdbx_database_status.deposit_site                    RCSB 
_pdbx_database_status.process_site                    PDBJ 
_pdbx_database_status.status_code_cs                  ? 
_pdbx_database_status.methods_development_category    ? 
_pdbx_database_status.pdb_format_compatible           Y 
_pdbx_database_status.status_code_nmr_data            ? 
# 
loop_
_pdbx_database_related.db_name 
_pdbx_database_related.details 
_pdbx_database_related.db_id 
_pdbx_database_related.content_type 
PDB . 5DP3 unspecified 
PDB . 5DP4 unspecified 
PDB . 5DP5 unspecified 
PDB . 5DP6 unspecified 
PDB . 5DP7 unspecified 
PDB . 5DP8 unspecified 
PDB . 5DPA unspecified 
# 
loop_
_audit_author.name 
_audit_author.pdbx_ordinal 
'Wu, C.'    1 
'Zhang, L.' 2 
'Li, P.'    3 
'Cai, Q.'   4 
'Peng, X.'  5 
'Li, N.'    6 
'Cai, Y.'   7 
'Li, J.'    8 
'Lin, T.'   9 
# 
_citation.abstract                  ? 
_citation.abstract_id_CAS           ? 
_citation.book_id_ISBN              ? 
_citation.book_publisher            ? 
_citation.book_publisher_city       ? 
_citation.book_title                ? 
_citation.coordinate_linkage        ? 
_citation.country                   NE 
_citation.database_id_Medline       ? 
_citation.details                   ? 
_citation.id                        primary 
_citation.journal_abbrev            Biochim.Biophys.Acta 
_citation.journal_id_ASTM           BBACAQ 
_citation.journal_id_CSD            0113 
_citation.journal_id_ISSN           0006-3002 
_citation.journal_full              ? 
_citation.journal_issue             ? 
_citation.journal_volume            1860 
_citation.language                  ? 
_citation.page_first                1299 
_citation.page_last                 1307 
_citation.title                     'Fragment-wise design of inhibitors to 3C proteinase from enterovirus 71' 
_citation.year                      2016 
_citation.database_id_CSD           ? 
_citation.pdbx_database_id_DOI      10.1016/j.bbagen.2016.03.017 
_citation.pdbx_database_id_PubMed   26987809 
_citation.unpublished_flag          ? 
# 
loop_
_citation_author.citation_id 
_citation_author.name 
_citation_author.ordinal 
_citation_author.identifier_ORCID 
primary 'Wu, C.'    1  ? 
primary 'Zhang, L.' 2  ? 
primary 'Li, P.'    3  ? 
primary 'Cai, Q.'   4  ? 
primary 'Peng, X.'  5  ? 
primary 'Yin, K.'   6  ? 
primary 'Chen, X.'  7  ? 
primary 'Ren, H.'   8  ? 
primary 'Zhong, S.' 9  ? 
primary 'Weng, Y.'  10 ? 
primary 'Guan, Y.'  11 ? 
primary 'Chen, S.'  12 ? 
primary 'Wu, J.'    13 ? 
primary 'Li, J.'    14 ? 
primary 'Lin, T.'   15 ? 
# 
loop_
_entity.id 
_entity.type 
_entity.src_method 
_entity.pdbx_description 
_entity.formula_weight 
_entity.pdbx_number_of_molecules 
_entity.pdbx_ec 
_entity.pdbx_mutation 
_entity.pdbx_fragment 
_entity.details 
1 polymer     man '3C proteinase' 21391.482 1   ? ? ? ? 
2 non-polymer syn 
'ethyl (2Z,4S)-4-[(N-{[(cyclobutylmethyl)amino](oxo)acetyl}-L-phenylalanyl)amino]-5-[(3S)-2-oxopyrrolidin-3-yl]pent-2-enoate' 
512.598   1   ? ? ? ? 
3 water       nat water 18.015    134 ? ? ? ? 
# 
_entity_poly.entity_id                      1 
_entity_poly.type                           'polypeptide(L)' 
_entity_poly.nstd_linkage                   no 
_entity_poly.nstd_monomer                   no 
_entity_poly.pdbx_seq_one_letter_code       
;MGPSLDFALSLLRRNVRQVQTDQGHFTMLGVRDRLAVLPRHSQPGKTIWIEHKLVNILDAVELVDEQGVNLELTLITLDT
NEKFRDITKFIPENISTASDATLVINTEHMPSMFVPVGDVVQYGFLNLSGKPTHRTMMYNFPTKAGQCGGVVTSVGKVIG
IHIGGNGRQGFCAGLKRSYFASEQLEHHHHHH
;
_entity_poly.pdbx_seq_one_letter_code_can   
;MGPSLDFALSLLRRNVRQVQTDQGHFTMLGVRDRLAVLPRHSQPGKTIWIEHKLVNILDAVELVDEQGVNLELTLITLDT
NEKFRDITKFIPENISTASDATLVINTEHMPSMFVPVGDVVQYGFLNLSGKPTHRTMMYNFPTKAGQCGGVVTSVGKVIG
IHIGGNGRQGFCAGLKRSYFASEQLEHHHHHH
;
_entity_poly.pdbx_strand_id                 A 
_entity_poly.pdbx_target_identifier         ? 
# 
loop_
_pdbx_entity_nonpoly.entity_id 
_pdbx_entity_nonpoly.name 
_pdbx_entity_nonpoly.comp_id 
2 'ethyl (2Z,4S)-4-[(N-{[(cyclobutylmethyl)amino](oxo)acetyl}-L-phenylalanyl)amino]-5-[(3S)-2-oxopyrrolidin-3-yl]pent-2-enoate' 
5EX 
3 water                                                                                                                         
HOH 
# 
loop_
_entity_poly_seq.entity_id 
_entity_poly_seq.num 
_entity_poly_seq.mon_id 
_entity_poly_seq.hetero 
1 1   MET n 
1 2   GLY n 
1 3   PRO n 
1 4   SER n 
1 5   LEU n 
1 6   ASP n 
1 7   PHE n 
1 8   ALA n 
1 9   LEU n 
1 10  SER n 
1 11  LEU n 
1 12  LEU n 
1 13  ARG n 
1 14  ARG n 
1 15  ASN n 
1 16  VAL n 
1 17  ARG n 
1 18  GLN n 
1 19  VAL n 
1 20  GLN n 
1 21  THR n 
1 22  ASP n 
1 23  GLN n 
1 24  GLY n 
1 25  HIS n 
1 26  PHE n 
1 27  THR n 
1 28  MET n 
1 29  LEU n 
1 30  GLY n 
1 31  VAL n 
1 32  ARG n 
1 33  ASP n 
1 34  ARG n 
1 35  LEU n 
1 36  ALA n 
1 37  VAL n 
1 38  LEU n 
1 39  PRO n 
1 40  ARG n 
1 41  HIS n 
1 42  SER n 
1 43  GLN n 
1 44  PRO n 
1 45  GLY n 
1 46  LYS n 
1 47  THR n 
1 48  ILE n 
1 49  TRP n 
1 50  ILE n 
1 51  GLU n 
1 52  HIS n 
1 53  LYS n 
1 54  LEU n 
1 55  VAL n 
1 56  ASN n 
1 57  ILE n 
1 58  LEU n 
1 59  ASP n 
1 60  ALA n 
1 61  VAL n 
1 62  GLU n 
1 63  LEU n 
1 64  VAL n 
1 65  ASP n 
1 66  GLU n 
1 67  GLN n 
1 68  GLY n 
1 69  VAL n 
1 70  ASN n 
1 71  LEU n 
1 72  GLU n 
1 73  LEU n 
1 74  THR n 
1 75  LEU n 
1 76  ILE n 
1 77  THR n 
1 78  LEU n 
1 79  ASP n 
1 80  THR n 
1 81  ASN n 
1 82  GLU n 
1 83  LYS n 
1 84  PHE n 
1 85  ARG n 
1 86  ASP n 
1 87  ILE n 
1 88  THR n 
1 89  LYS n 
1 90  PHE n 
1 91  ILE n 
1 92  PRO n 
1 93  GLU n 
1 94  ASN n 
1 95  ILE n 
1 96  SER n 
1 97  THR n 
1 98  ALA n 
1 99  SER n 
1 100 ASP n 
1 101 ALA n 
1 102 THR n 
1 103 LEU n 
1 104 VAL n 
1 105 ILE n 
1 106 ASN n 
1 107 THR n 
1 108 GLU n 
1 109 HIS n 
1 110 MET n 
1 111 PRO n 
1 112 SER n 
1 113 MET n 
1 114 PHE n 
1 115 VAL n 
1 116 PRO n 
1 117 VAL n 
1 118 GLY n 
1 119 ASP n 
1 120 VAL n 
1 121 VAL n 
1 122 GLN n 
1 123 TYR n 
1 124 GLY n 
1 125 PHE n 
1 126 LEU n 
1 127 ASN n 
1 128 LEU n 
1 129 SER n 
1 130 GLY n 
1 131 LYS n 
1 132 PRO n 
1 133 THR n 
1 134 HIS n 
1 135 ARG n 
1 136 THR n 
1 137 MET n 
1 138 MET n 
1 139 TYR n 
1 140 ASN n 
1 141 PHE n 
1 142 PRO n 
1 143 THR n 
1 144 LYS n 
1 145 ALA n 
1 146 GLY n 
1 147 GLN n 
1 148 CYS n 
1 149 GLY n 
1 150 GLY n 
1 151 VAL n 
1 152 VAL n 
1 153 THR n 
1 154 SER n 
1 155 VAL n 
1 156 GLY n 
1 157 LYS n 
1 158 VAL n 
1 159 ILE n 
1 160 GLY n 
1 161 ILE n 
1 162 HIS n 
1 163 ILE n 
1 164 GLY n 
1 165 GLY n 
1 166 ASN n 
1 167 GLY n 
1 168 ARG n 
1 169 GLN n 
1 170 GLY n 
1 171 PHE n 
1 172 CYS n 
1 173 ALA n 
1 174 GLY n 
1 175 LEU n 
1 176 LYS n 
1 177 ARG n 
1 178 SER n 
1 179 TYR n 
1 180 PHE n 
1 181 ALA n 
1 182 SER n 
1 183 GLU n 
1 184 GLN n 
1 185 LEU n 
1 186 GLU n 
1 187 HIS n 
1 188 HIS n 
1 189 HIS n 
1 190 HIS n 
1 191 HIS n 
1 192 HIS n 
# 
_entity_src_gen.entity_id                          1 
_entity_src_gen.pdbx_src_id                        1 
_entity_src_gen.pdbx_alt_source_flag               sample 
_entity_src_gen.pdbx_seq_type                      'Biological sequence' 
_entity_src_gen.pdbx_beg_seq_num                   1 
_entity_src_gen.pdbx_end_seq_num                   192 
_entity_src_gen.gene_src_common_name               ? 
_entity_src_gen.gene_src_genus                     ? 
_entity_src_gen.pdbx_gene_src_gene                 ? 
_entity_src_gen.gene_src_species                   ? 
_entity_src_gen.gene_src_strain                    ? 
_entity_src_gen.gene_src_tissue                    ? 
_entity_src_gen.gene_src_tissue_fraction           ? 
_entity_src_gen.gene_src_details                   ? 
_entity_src_gen.pdbx_gene_src_fragment             ? 
_entity_src_gen.pdbx_gene_src_scientific_name      'Enterovirus A71' 
_entity_src_gen.pdbx_gene_src_ncbi_taxonomy_id     39054 
_entity_src_gen.pdbx_gene_src_variant              ? 
_entity_src_gen.pdbx_gene_src_cell_line            ? 
_entity_src_gen.pdbx_gene_src_atcc                 ? 
_entity_src_gen.pdbx_gene_src_organ                ? 
_entity_src_gen.pdbx_gene_src_organelle            ? 
_entity_src_gen.pdbx_gene_src_cell                 ? 
_entity_src_gen.pdbx_gene_src_cellular_location    ? 
_entity_src_gen.host_org_common_name               ? 
_entity_src_gen.pdbx_host_org_scientific_name      'Escherichia coli BL21(DE3)' 
_entity_src_gen.pdbx_host_org_ncbi_taxonomy_id     469008 
_entity_src_gen.host_org_genus                     ? 
_entity_src_gen.pdbx_host_org_gene                 ? 
_entity_src_gen.pdbx_host_org_organ                ? 
_entity_src_gen.host_org_species                   ? 
_entity_src_gen.pdbx_host_org_tissue               ? 
_entity_src_gen.pdbx_host_org_tissue_fraction      ? 
_entity_src_gen.pdbx_host_org_strain               'BL21(DE3)' 
_entity_src_gen.pdbx_host_org_variant              ? 
_entity_src_gen.pdbx_host_org_cell_line            ? 
_entity_src_gen.pdbx_host_org_atcc                 ? 
_entity_src_gen.pdbx_host_org_culture_collection   ? 
_entity_src_gen.pdbx_host_org_cell                 ? 
_entity_src_gen.pdbx_host_org_organelle            ? 
_entity_src_gen.pdbx_host_org_cellular_location    ? 
_entity_src_gen.pdbx_host_org_vector_type          plasmid 
_entity_src_gen.pdbx_host_org_vector               ? 
_entity_src_gen.host_org_details                   ? 
_entity_src_gen.expression_system_id               ? 
_entity_src_gen.plasmid_name                       pET28a 
_entity_src_gen.plasmid_details                    ? 
_entity_src_gen.pdbx_description                   ? 
# 
loop_
_chem_comp.id 
_chem_comp.type 
_chem_comp.mon_nstd_flag 
_chem_comp.name 
_chem_comp.pdbx_synonyms 
_chem_comp.formula 
_chem_comp.formula_weight 
5EX non-polymer         . 
'ethyl (2Z,4S)-4-[(N-{[(cyclobutylmethyl)amino](oxo)acetyl}-L-phenylalanyl)amino]-5-[(3S)-2-oxopyrrolidin-3-yl]pent-2-enoate' ? 
'C27 H36 N4 O6'  512.598 
ALA 'L-peptide linking' y ALANINE ? 'C3 H7 N O2'     89.093  
ARG 'L-peptide linking' y ARGININE ? 'C6 H15 N4 O2 1' 175.209 
ASN 'L-peptide linking' y ASPARAGINE ? 'C4 H8 N2 O3'    132.118 
ASP 'L-peptide linking' y 'ASPARTIC ACID' ? 'C4 H7 N O4'     133.103 
CYS 'L-peptide linking' y CYSTEINE ? 'C3 H7 N O2 S'   121.158 
GLN 'L-peptide linking' y GLUTAMINE ? 'C5 H10 N2 O3'   146.144 
GLU 'L-peptide linking' y 'GLUTAMIC ACID' ? 'C5 H9 N O4'     147.129 
GLY 'peptide linking'   y GLYCINE ? 'C2 H5 N O2'     75.067  
HIS 'L-peptide linking' y HISTIDINE ? 'C6 H10 N3 O2 1' 156.162 
HOH non-polymer         . WATER ? 'H2 O'           18.015  
ILE 'L-peptide linking' y ISOLEUCINE ? 'C6 H13 N O2'    131.173 
LEU 'L-peptide linking' y LEUCINE ? 'C6 H13 N O2'    131.173 
LYS 'L-peptide linking' y LYSINE ? 'C6 H15 N2 O2 1' 147.195 
MET 'L-peptide linking' y METHIONINE ? 'C5 H11 N O2 S'  149.211 
PHE 'L-peptide linking' y PHENYLALANINE ? 'C9 H11 N O2'    165.189 
PRO 'L-peptide linking' y PROLINE ? 'C5 H9 N O2'     115.130 
SER 'L-peptide linking' y SERINE ? 'C3 H7 N O3'     105.093 
THR 'L-peptide linking' y THREONINE ? 'C4 H9 N O3'     119.119 
TRP 'L-peptide linking' y TRYPTOPHAN ? 'C11 H12 N2 O2'  204.225 
TYR 'L-peptide linking' y TYROSINE ? 'C9 H11 N O3'    181.189 
VAL 'L-peptide linking' y VALINE ? 'C5 H11 N O2'    117.146 
# 
loop_
_pdbx_poly_seq_scheme.asym_id 
_pdbx_poly_seq_scheme.entity_id 
_pdbx_poly_seq_scheme.seq_id 
_pdbx_poly_seq_scheme.mon_id 
_pdbx_poly_seq_scheme.ndb_seq_num 
_pdbx_poly_seq_scheme.pdb_seq_num 
_pdbx_poly_seq_scheme.auth_seq_num 
_pdbx_poly_seq_scheme.pdb_mon_id 
_pdbx_poly_seq_scheme.auth_mon_id 
_pdbx_poly_seq_scheme.pdb_strand_id 
_pdbx_poly_seq_scheme.pdb_ins_code 
_pdbx_poly_seq_scheme.hetero 
A 1 1   MET 1   0   0   MET MET A . n 
A 1 2   GLY 2   1   1   GLY GLY A . n 
A 1 3   PRO 3   2   2   PRO PRO A . n 
A 1 4   SER 4   3   3   SER SER A . n 
A 1 5   LEU 5   4   4   LEU LEU A . n 
A 1 6   ASP 6   5   5   ASP ASP A . n 
A 1 7   PHE 7   6   6   PHE PHE A . n 
A 1 8   ALA 8   7   7   ALA ALA A . n 
A 1 9   LEU 9   8   8   LEU LEU A . n 
A 1 10  SER 10  9   9   SER SER A . n 
A 1 11  LEU 11  10  10  LEU LEU A . n 
A 1 12  LEU 12  11  11  LEU LEU A . n 
A 1 13  ARG 13  12  12  ARG ARG A . n 
A 1 14  ARG 14  13  13  ARG ARG A . n 
A 1 15  ASN 15  14  14  ASN ASN A . n 
A 1 16  VAL 16  15  15  VAL VAL A . n 
A 1 17  ARG 17  16  16  ARG ARG A . n 
A 1 18  GLN 18  17  17  GLN GLN A . n 
A 1 19  VAL 19  18  18  VAL VAL A . n 
A 1 20  GLN 20  19  19  GLN GLN A . n 
A 1 21  THR 21  20  20  THR THR A . n 
A 1 22  ASP 22  21  21  ASP ASP A . n 
A 1 23  GLN 23  22  22  GLN GLN A . n 
A 1 24  GLY 24  23  23  GLY GLY A . n 
A 1 25  HIS 25  24  24  HIS HIS A . n 
A 1 26  PHE 26  25  25  PHE PHE A . n 
A 1 27  THR 27  26  26  THR THR A . n 
A 1 28  MET 28  27  27  MET MET A . n 
A 1 29  LEU 29  28  28  LEU LEU A . n 
A 1 30  GLY 30  29  29  GLY GLY A . n 
A 1 31  VAL 31  30  30  VAL VAL A . n 
A 1 32  ARG 32  31  31  ARG ARG A . n 
A 1 33  ASP 33  32  32  ASP ASP A . n 
A 1 34  ARG 34  33  33  ARG ARG A . n 
A 1 35  LEU 35  34  34  LEU LEU A . n 
A 1 36  ALA 36  35  35  ALA ALA A . n 
A 1 37  VAL 37  36  36  VAL VAL A . n 
A 1 38  LEU 38  37  37  LEU LEU A . n 
A 1 39  PRO 39  38  38  PRO PRO A . n 
A 1 40  ARG 40  39  39  ARG ARG A . n 
A 1 41  HIS 41  40  40  HIS HIS A . n 
A 1 42  SER 42  41  41  SER SER A . n 
A 1 43  GLN 43  42  42  GLN GLN A . n 
A 1 44  PRO 44  43  43  PRO PRO A . n 
A 1 45  GLY 45  44  44  GLY GLY A . n 
A 1 46  LYS 46  45  45  LYS LYS A . n 
A 1 47  THR 47  46  46  THR THR A . n 
A 1 48  ILE 48  47  47  ILE ILE A . n 
A 1 49  TRP 49  48  48  TRP TRP A . n 
A 1 50  ILE 50  49  49  ILE ILE A . n 
A 1 51  GLU 51  50  50  GLU GLU A . n 
A 1 52  HIS 52  51  51  HIS HIS A . n 
A 1 53  LYS 53  52  52  LYS LYS A . n 
A 1 54  LEU 54  53  53  LEU LEU A . n 
A 1 55  VAL 55  54  54  VAL VAL A . n 
A 1 56  ASN 56  55  55  ASN ASN A . n 
A 1 57  ILE 57  56  56  ILE ILE A . n 
A 1 58  LEU 58  57  57  LEU LEU A . n 
A 1 59  ASP 59  58  58  ASP ASP A . n 
A 1 60  ALA 60  59  59  ALA ALA A . n 
A 1 61  VAL 61  60  60  VAL VAL A . n 
A 1 62  GLU 62  61  61  GLU GLU A . n 
A 1 63  LEU 63  62  62  LEU LEU A . n 
A 1 64  VAL 64  63  63  VAL VAL A . n 
A 1 65  ASP 65  64  64  ASP ASP A . n 
A 1 66  GLU 66  65  65  GLU GLU A . n 
A 1 67  GLN 67  66  66  GLN GLN A . n 
A 1 68  GLY 68  67  67  GLY GLY A . n 
A 1 69  VAL 69  68  68  VAL VAL A . n 
A 1 70  ASN 70  69  69  ASN ASN A . n 
A 1 71  LEU 71  70  70  LEU LEU A . n 
A 1 72  GLU 72  71  71  GLU GLU A . n 
A 1 73  LEU 73  72  72  LEU LEU A . n 
A 1 74  THR 74  73  73  THR THR A . n 
A 1 75  LEU 75  74  74  LEU LEU A . n 
A 1 76  ILE 76  75  75  ILE ILE A . n 
A 1 77  THR 77  76  76  THR THR A . n 
A 1 78  LEU 78  77  77  LEU LEU A . n 
A 1 79  ASP 79  78  78  ASP ASP A . n 
A 1 80  THR 80  79  79  THR THR A . n 
A 1 81  ASN 81  80  80  ASN ASN A . n 
A 1 82  GLU 82  81  81  GLU GLU A . n 
A 1 83  LYS 83  82  82  LYS LYS A . n 
A 1 84  PHE 84  83  83  PHE PHE A . n 
A 1 85  ARG 85  84  84  ARG ARG A . n 
A 1 86  ASP 86  85  85  ASP ASP A . n 
A 1 87  ILE 87  86  86  ILE ILE A . n 
A 1 88  THR 88  87  87  THR THR A . n 
A 1 89  LYS 89  88  88  LYS LYS A . n 
A 1 90  PHE 90  89  89  PHE PHE A . n 
A 1 91  ILE 91  90  90  ILE ILE A . n 
A 1 92  PRO 92  91  91  PRO PRO A . n 
A 1 93  GLU 93  92  92  GLU GLU A . n 
A 1 94  ASN 94  93  93  ASN ASN A . n 
A 1 95  ILE 95  94  94  ILE ILE A . n 
A 1 96  SER 96  95  95  SER SER A . n 
A 1 97  THR 97  96  96  THR THR A . n 
A 1 98  ALA 98  97  97  ALA ALA A . n 
A 1 99  SER 99  98  98  SER SER A . n 
A 1 100 ASP 100 99  99  ASP ASP A . n 
A 1 101 ALA 101 100 100 ALA ALA A . n 
A 1 102 THR 102 101 101 THR THR A . n 
A 1 103 LEU 103 102 102 LEU LEU A . n 
A 1 104 VAL 104 103 103 VAL VAL A . n 
A 1 105 ILE 105 104 104 ILE ILE A . n 
A 1 106 ASN 106 105 105 ASN ASN A . n 
A 1 107 THR 107 106 106 THR THR A . n 
A 1 108 GLU 108 107 107 GLU GLU A . n 
A 1 109 HIS 109 108 108 HIS HIS A . n 
A 1 110 MET 110 109 109 MET MET A . n 
A 1 111 PRO 111 110 110 PRO PRO A . n 
A 1 112 SER 112 111 111 SER SER A . n 
A 1 113 MET 113 112 112 MET MET A . n 
A 1 114 PHE 114 113 113 PHE PHE A . n 
A 1 115 VAL 115 114 114 VAL VAL A . n 
A 1 116 PRO 116 115 115 PRO PRO A . n 
A 1 117 VAL 117 116 116 VAL VAL A . n 
A 1 118 GLY 118 117 117 GLY GLY A . n 
A 1 119 ASP 119 118 118 ASP ASP A . n 
A 1 120 VAL 120 119 119 VAL VAL A . n 
A 1 121 VAL 121 120 120 VAL VAL A . n 
A 1 122 GLN 122 121 121 GLN GLN A . n 
A 1 123 TYR 123 122 122 TYR TYR A . n 
A 1 124 GLY 124 123 123 GLY GLY A . n 
A 1 125 PHE 125 124 124 PHE PHE A . n 
A 1 126 LEU 126 125 125 LEU LEU A . n 
A 1 127 ASN 127 126 126 ASN ASN A . n 
A 1 128 LEU 128 127 127 LEU LEU A . n 
A 1 129 SER 129 128 128 SER SER A . n 
A 1 130 GLY 130 129 129 GLY GLY A . n 
A 1 131 LYS 131 130 130 LYS LYS A . n 
A 1 132 PRO 132 131 131 PRO PRO A . n 
A 1 133 THR 133 132 132 THR THR A . n 
A 1 134 HIS 134 133 133 HIS HIS A . n 
A 1 135 ARG 135 134 134 ARG ARG A . n 
A 1 136 THR 136 135 135 THR THR A . n 
A 1 137 MET 137 136 136 MET MET A . n 
A 1 138 MET 138 137 137 MET MET A . n 
A 1 139 TYR 139 138 138 TYR TYR A . n 
A 1 140 ASN 140 139 139 ASN ASN A . n 
A 1 141 PHE 141 140 140 PHE PHE A . n 
A 1 142 PRO 142 141 141 PRO PRO A . n 
A 1 143 THR 143 142 142 THR THR A . n 
A 1 144 LYS 144 143 143 LYS LYS A . n 
A 1 145 ALA 145 144 144 ALA ALA A . n 
A 1 146 GLY 146 145 145 GLY GLY A . n 
A 1 147 GLN 147 146 146 GLN GLN A . n 
A 1 148 CYS 148 147 147 CYS CYS A . n 
A 1 149 GLY 149 148 148 GLY GLY A . n 
A 1 150 GLY 150 149 149 GLY GLY A . n 
A 1 151 VAL 151 150 150 VAL VAL A . n 
A 1 152 VAL 152 151 151 VAL VAL A . n 
A 1 153 THR 153 152 152 THR THR A . n 
A 1 154 SER 154 153 153 SER SER A . n 
A 1 155 VAL 155 154 154 VAL VAL A . n 
A 1 156 GLY 156 155 155 GLY GLY A . n 
A 1 157 LYS 157 156 156 LYS LYS A . n 
A 1 158 VAL 158 157 157 VAL VAL A . n 
A 1 159 ILE 159 158 158 ILE ILE A . n 
A 1 160 GLY 160 159 159 GLY GLY A . n 
A 1 161 ILE 161 160 160 ILE ILE A . n 
A 1 162 HIS 162 161 161 HIS HIS A . n 
A 1 163 ILE 163 162 162 ILE ILE A . n 
A 1 164 GLY 164 163 163 GLY GLY A . n 
A 1 165 GLY 165 164 164 GLY GLY A . n 
A 1 166 ASN 166 165 165 ASN ASN A . n 
A 1 167 GLY 167 166 166 GLY GLY A . n 
A 1 168 ARG 168 167 167 ARG ARG A . n 
A 1 169 GLN 169 168 168 GLN GLN A . n 
A 1 170 GLY 170 169 169 GLY GLY A . n 
A 1 171 PHE 171 170 170 PHE PHE A . n 
A 1 172 CYS 172 171 171 CYS CYS A . n 
A 1 173 ALA 173 172 172 ALA ALA A . n 
A 1 174 GLY 174 173 173 GLY GLY A . n 
A 1 175 LEU 175 174 174 LEU LEU A . n 
A 1 176 LYS 176 175 175 LYS LYS A . n 
A 1 177 ARG 177 176 176 ARG ARG A . n 
A 1 178 SER 178 177 177 SER SER A . n 
A 1 179 TYR 179 178 178 TYR TYR A . n 
A 1 180 PHE 180 179 179 PHE PHE A . n 
A 1 181 ALA 181 180 180 ALA ALA A . n 
A 1 182 SER 182 181 ?   ?   ?   A . n 
A 1 183 GLU 183 182 ?   ?   ?   A . n 
A 1 184 GLN 184 183 ?   ?   ?   A . n 
A 1 185 LEU 185 184 ?   ?   ?   A . n 
A 1 186 GLU 186 185 ?   ?   ?   A . n 
A 1 187 HIS 187 186 ?   ?   ?   A . n 
A 1 188 HIS 188 187 ?   ?   ?   A . n 
A 1 189 HIS 189 188 ?   ?   ?   A . n 
A 1 190 HIS 190 189 ?   ?   ?   A . n 
A 1 191 HIS 191 190 ?   ?   ?   A . n 
A 1 192 HIS 192 191 ?   ?   ?   A . n 
# 
loop_
_pdbx_nonpoly_scheme.asym_id 
_pdbx_nonpoly_scheme.entity_id 
_pdbx_nonpoly_scheme.mon_id 
_pdbx_nonpoly_scheme.ndb_seq_num 
_pdbx_nonpoly_scheme.pdb_seq_num 
_pdbx_nonpoly_scheme.auth_seq_num 
_pdbx_nonpoly_scheme.pdb_mon_id 
_pdbx_nonpoly_scheme.auth_mon_id 
_pdbx_nonpoly_scheme.pdb_strand_id 
_pdbx_nonpoly_scheme.pdb_ins_code 
B 2 5EX 1   201 1   5EX 5EX A . 
C 3 HOH 1   301 145 HOH HOH A . 
C 3 HOH 2   302 117 HOH HOH A . 
C 3 HOH 3   303 93  HOH HOH A . 
C 3 HOH 4   304 116 HOH HOH A . 
C 3 HOH 5   305 31  HOH HOH A . 
C 3 HOH 6   306 121 HOH HOH A . 
C 3 HOH 7   307 128 HOH HOH A . 
C 3 HOH 8   308 25  HOH HOH A . 
C 3 HOH 9   309 48  HOH HOH A . 
C 3 HOH 10  310 75  HOH HOH A . 
C 3 HOH 11  311 77  HOH HOH A . 
C 3 HOH 12  312 101 HOH HOH A . 
C 3 HOH 13  313 112 HOH HOH A . 
C 3 HOH 14  314 44  HOH HOH A . 
C 3 HOH 15  315 94  HOH HOH A . 
C 3 HOH 16  316 83  HOH HOH A . 
C 3 HOH 17  317 13  HOH HOH A . 
C 3 HOH 18  318 53  HOH HOH A . 
C 3 HOH 19  319 144 HOH HOH A . 
C 3 HOH 20  320 11  HOH HOH A . 
C 3 HOH 21  321 45  HOH HOH A . 
C 3 HOH 22  322 103 HOH HOH A . 
C 3 HOH 23  323 37  HOH HOH A . 
C 3 HOH 24  324 27  HOH HOH A . 
C 3 HOH 25  325 18  HOH HOH A . 
C 3 HOH 26  326 67  HOH HOH A . 
C 3 HOH 27  327 32  HOH HOH A . 
C 3 HOH 28  328 105 HOH HOH A . 
C 3 HOH 29  329 39  HOH HOH A . 
C 3 HOH 30  330 60  HOH HOH A . 
C 3 HOH 31  331 12  HOH HOH A . 
C 3 HOH 32  332 97  HOH HOH A . 
C 3 HOH 33  333 143 HOH HOH A . 
C 3 HOH 34  334 54  HOH HOH A . 
C 3 HOH 35  335 81  HOH HOH A . 
C 3 HOH 36  336 20  HOH HOH A . 
C 3 HOH 37  337 69  HOH HOH A . 
C 3 HOH 38  338 7   HOH HOH A . 
C 3 HOH 39  339 58  HOH HOH A . 
C 3 HOH 40  340 104 HOH HOH A . 
C 3 HOH 41  341 72  HOH HOH A . 
C 3 HOH 42  342 70  HOH HOH A . 
C 3 HOH 43  343 17  HOH HOH A . 
C 3 HOH 44  344 142 HOH HOH A . 
C 3 HOH 45  345 51  HOH HOH A . 
C 3 HOH 46  346 64  HOH HOH A . 
C 3 HOH 47  347 6   HOH HOH A . 
C 3 HOH 48  348 106 HOH HOH A . 
C 3 HOH 49  349 71  HOH HOH A . 
C 3 HOH 50  350 55  HOH HOH A . 
C 3 HOH 51  351 10  HOH HOH A . 
C 3 HOH 52  352 118 HOH HOH A . 
C 3 HOH 53  353 8   HOH HOH A . 
C 3 HOH 54  354 80  HOH HOH A . 
C 3 HOH 55  355 36  HOH HOH A . 
C 3 HOH 56  356 40  HOH HOH A . 
C 3 HOH 57  357 126 HOH HOH A . 
C 3 HOH 58  358 52  HOH HOH A . 
C 3 HOH 59  359 59  HOH HOH A . 
C 3 HOH 60  360 91  HOH HOH A . 
C 3 HOH 61  361 107 HOH HOH A . 
C 3 HOH 62  362 16  HOH HOH A . 
C 3 HOH 63  363 41  HOH HOH A . 
C 3 HOH 64  364 26  HOH HOH A . 
C 3 HOH 65  365 24  HOH HOH A . 
C 3 HOH 66  366 66  HOH HOH A . 
C 3 HOH 67  367 3   HOH HOH A . 
C 3 HOH 68  368 22  HOH HOH A . 
C 3 HOH 69  369 19  HOH HOH A . 
C 3 HOH 70  370 50  HOH HOH A . 
C 3 HOH 71  371 21  HOH HOH A . 
C 3 HOH 72  372 2   HOH HOH A . 
C 3 HOH 73  373 14  HOH HOH A . 
C 3 HOH 74  374 38  HOH HOH A . 
C 3 HOH 75  375 34  HOH HOH A . 
C 3 HOH 76  376 68  HOH HOH A . 
C 3 HOH 77  377 146 HOH HOH A . 
C 3 HOH 78  378 47  HOH HOH A . 
C 3 HOH 79  379 23  HOH HOH A . 
C 3 HOH 80  380 76  HOH HOH A . 
C 3 HOH 81  381 92  HOH HOH A . 
C 3 HOH 82  382 35  HOH HOH A . 
C 3 HOH 83  383 88  HOH HOH A . 
C 3 HOH 84  384 30  HOH HOH A . 
C 3 HOH 85  385 63  HOH HOH A . 
C 3 HOH 86  386 89  HOH HOH A . 
C 3 HOH 87  387 57  HOH HOH A . 
C 3 HOH 88  388 4   HOH HOH A . 
C 3 HOH 89  389 56  HOH HOH A . 
C 3 HOH 90  390 5   HOH HOH A . 
C 3 HOH 91  391 49  HOH HOH A . 
C 3 HOH 92  392 102 HOH HOH A . 
C 3 HOH 93  393 43  HOH HOH A . 
C 3 HOH 94  394 125 HOH HOH A . 
C 3 HOH 95  395 1   HOH HOH A . 
C 3 HOH 96  396 96  HOH HOH A . 
C 3 HOH 97  397 62  HOH HOH A . 
C 3 HOH 98  398 82  HOH HOH A . 
C 3 HOH 99  399 61  HOH HOH A . 
C 3 HOH 100 400 42  HOH HOH A . 
C 3 HOH 101 401 124 HOH HOH A . 
C 3 HOH 102 402 84  HOH HOH A . 
C 3 HOH 103 403 132 HOH HOH A . 
C 3 HOH 104 404 9   HOH HOH A . 
C 3 HOH 105 405 65  HOH HOH A . 
C 3 HOH 106 406 113 HOH HOH A . 
C 3 HOH 107 407 114 HOH HOH A . 
C 3 HOH 108 408 78  HOH HOH A . 
C 3 HOH 109 409 46  HOH HOH A . 
C 3 HOH 110 410 140 HOH HOH A . 
C 3 HOH 111 411 86  HOH HOH A . 
C 3 HOH 112 412 135 HOH HOH A . 
C 3 HOH 113 413 119 HOH HOH A . 
C 3 HOH 114 414 33  HOH HOH A . 
C 3 HOH 115 415 29  HOH HOH A . 
C 3 HOH 116 416 123 HOH HOH A . 
C 3 HOH 117 417 138 HOH HOH A . 
C 3 HOH 118 418 134 HOH HOH A . 
C 3 HOH 119 419 139 HOH HOH A . 
C 3 HOH 120 420 90  HOH HOH A . 
C 3 HOH 121 421 100 HOH HOH A . 
C 3 HOH 122 422 141 HOH HOH A . 
C 3 HOH 123 423 109 HOH HOH A . 
C 3 HOH 124 424 120 HOH HOH A . 
C 3 HOH 125 425 137 HOH HOH A . 
C 3 HOH 126 426 87  HOH HOH A . 
C 3 HOH 127 427 115 HOH HOH A . 
C 3 HOH 128 428 147 HOH HOH A . 
C 3 HOH 129 429 136 HOH HOH A . 
C 3 HOH 130 430 131 HOH HOH A . 
C 3 HOH 131 431 127 HOH HOH A . 
C 3 HOH 132 432 28  HOH HOH A . 
C 3 HOH 133 433 133 HOH HOH A . 
C 3 HOH 134 434 85  HOH HOH A . 
# 
loop_
_software.citation_id 
_software.classification 
_software.compiler_name 
_software.compiler_version 
_software.contact_author 
_software.contact_author_email 
_software.date 
_software.description 
_software.dependencies 
_software.hardware 
_software.language 
_software.location 
_software.mods 
_software.name 
_software.os 
_software.os_version 
_software.type 
_software.version 
_software.pdbx_ordinal 
? refinement        ? ? ? ? ? ? ? ? ? ? ? REFMAC      ? ? ? 5.7.0032 1 
? 'data scaling'    ? ? ? ? ? ? ? ? ? ? ? HKL-2000    ? ? ? .        2 
? 'data extraction' ? ? ? ? ? ? ? ? ? ? ? PDB_EXTRACT ? ? ? 3.15     3 
# 
_cell.entry_id           5DP9 
_cell.length_a           64.126 
_cell.length_b           65.234 
_cell.length_c           76.044 
_cell.angle_alpha        90.00 
_cell.angle_beta         90.00 
_cell.angle_gamma        90.00 
_cell.Z_PDB              8 
_cell.pdbx_unique_axis   ? 
# 
_symmetry.entry_id                         5DP9 
_symmetry.space_group_name_H-M             'C 2 2 21' 
_symmetry.pdbx_full_space_group_name_H-M   ? 
_symmetry.cell_setting                     ? 
_symmetry.Int_Tables_number                20 
# 
_exptl.absorpt_coefficient_mu     ? 
_exptl.absorpt_correction_T_max   ? 
_exptl.absorpt_correction_T_min   ? 
_exptl.absorpt_correction_type    ? 
_exptl.absorpt_process_details    ? 
_exptl.entry_id                   5DP9 
_exptl.crystals_number            1 
_exptl.details                    ? 
_exptl.method                     'X-RAY DIFFRACTION' 
_exptl.method_details             ? 
# 
_exptl_crystal.colour                      ? 
_exptl_crystal.density_diffrn              ? 
_exptl_crystal.density_Matthews            1.99 
_exptl_crystal.density_method              ? 
_exptl_crystal.density_percent_sol         33.83 
_exptl_crystal.description                 ? 
_exptl_crystal.F_000                       ? 
_exptl_crystal.id                          1 
_exptl_crystal.preparation                 ? 
_exptl_crystal.size_max                    ? 
_exptl_crystal.size_mid                    ? 
_exptl_crystal.size_min                    ? 
_exptl_crystal.size_rad                    ? 
_exptl_crystal.colour_lustre               ? 
_exptl_crystal.colour_modifier             ? 
_exptl_crystal.colour_primary              ? 
_exptl_crystal.density_meas                ? 
_exptl_crystal.density_meas_esd            ? 
_exptl_crystal.density_meas_gt             ? 
_exptl_crystal.density_meas_lt             ? 
_exptl_crystal.density_meas_temp           ? 
_exptl_crystal.density_meas_temp_esd       ? 
_exptl_crystal.density_meas_temp_gt        ? 
_exptl_crystal.density_meas_temp_lt        ? 
_exptl_crystal.pdbx_crystal_image_url      ? 
_exptl_crystal.pdbx_crystal_image_format   ? 
_exptl_crystal.pdbx_mosaicity              ? 
_exptl_crystal.pdbx_mosaicity_esd          ? 
# 
_exptl_crystal_grow.apparatus       ? 
_exptl_crystal_grow.atmosphere      ? 
_exptl_crystal_grow.crystal_id      1 
_exptl_crystal_grow.details         ? 
_exptl_crystal_grow.method          'VAPOR DIFFUSION, HANGING DROP' 
_exptl_crystal_grow.method_ref      ? 
_exptl_crystal_grow.pH              8.5 
_exptl_crystal_grow.pressure        ? 
_exptl_crystal_grow.pressure_esd    ? 
_exptl_crystal_grow.seeding         ? 
_exptl_crystal_grow.seeding_ref     ? 
_exptl_crystal_grow.temp            289 
_exptl_crystal_grow.temp_details    ? 
_exptl_crystal_grow.temp_esd        ? 
_exptl_crystal_grow.time            ? 
_exptl_crystal_grow.pdbx_details    '100mM Tris, 25% PEG4000, 0.8M lithium chloride' 
_exptl_crystal_grow.pdbx_pH_range   ? 
# 
_diffrn.ambient_environment    ? 
_diffrn.ambient_temp           100 
_diffrn.ambient_temp_details   ? 
_diffrn.ambient_temp_esd       ? 
_diffrn.crystal_id             1 
_diffrn.crystal_support        ? 
_diffrn.crystal_treatment      ? 
_diffrn.details                ? 
_diffrn.id                     1 
_diffrn.ambient_pressure       ? 
_diffrn.ambient_pressure_esd   ? 
_diffrn.ambient_pressure_gt    ? 
_diffrn.ambient_pressure_lt    ? 
_diffrn.ambient_temp_gt        ? 
_diffrn.ambient_temp_lt        ? 
# 
_diffrn_detector.details                      mirrors 
_diffrn_detector.detector                     'IMAGE PLATE' 
_diffrn_detector.diffrn_id                    1 
_diffrn_detector.type                         'MAR scanner 345 mm plate' 
_diffrn_detector.area_resol_mean              ? 
_diffrn_detector.dtime                        ? 
_diffrn_detector.pdbx_frames_total            ? 
_diffrn_detector.pdbx_collection_time_total   ? 
_diffrn_detector.pdbx_collection_date         2013-08-28 
# 
_diffrn_radiation.collimation                      ? 
_diffrn_radiation.diffrn_id                        1 
_diffrn_radiation.filter_edge                      ? 
_diffrn_radiation.inhomogeneity                    ? 
_diffrn_radiation.monochromator                    'Ni FILTER' 
_diffrn_radiation.polarisn_norm                    ? 
_diffrn_radiation.polarisn_ratio                   ? 
_diffrn_radiation.probe                            ? 
_diffrn_radiation.type                             ? 
_diffrn_radiation.xray_symbol                      ? 
_diffrn_radiation.wavelength_id                    1 
_diffrn_radiation.pdbx_monochromatic_or_laue_m_l   M 
_diffrn_radiation.pdbx_wavelength_list             ? 
_diffrn_radiation.pdbx_wavelength                  ? 
_diffrn_radiation.pdbx_diffrn_protocol             'SINGLE WAVELENGTH' 
_diffrn_radiation.pdbx_analyzer                    ? 
_diffrn_radiation.pdbx_scattering_type             x-ray 
# 
_diffrn_radiation_wavelength.id           1 
_diffrn_radiation_wavelength.wavelength   1.5418 
_diffrn_radiation_wavelength.wt           1.0 
# 
_diffrn_source.current                     ? 
_diffrn_source.details                     ? 
_diffrn_source.diffrn_id                   1 
_diffrn_source.power                       ? 
_diffrn_source.size                        ? 
_diffrn_source.source                      'ROTATING ANODE' 
_diffrn_source.target                      ? 
_diffrn_source.type                        'RIGAKU MICROMAX-007 HF' 
_diffrn_source.voltage                     ? 
_diffrn_source.take-off_angle              ? 
_diffrn_source.pdbx_wavelength_list        1.5418 
_diffrn_source.pdbx_wavelength             ? 
_diffrn_source.pdbx_synchrotron_beamline   ? 
_diffrn_source.pdbx_synchrotron_site       ? 
# 
_reflns.B_iso_Wilson_estimate            ? 
_reflns.entry_id                         5DP9 
_reflns.data_reduction_details           ? 
_reflns.data_reduction_method            ? 
_reflns.d_resolution_high                1.9 
_reflns.d_resolution_low                 50 
_reflns.details                          ? 
_reflns.limit_h_max                      ? 
_reflns.limit_h_min                      ? 
_reflns.limit_k_max                      ? 
_reflns.limit_k_min                      ? 
_reflns.limit_l_max                      ? 
_reflns.limit_l_min                      ? 
_reflns.number_all                       ? 
_reflns.number_obs                       11963 
_reflns.observed_criterion               ? 
_reflns.observed_criterion_F_max         ? 
_reflns.observed_criterion_F_min         ? 
_reflns.observed_criterion_I_max         ? 
_reflns.observed_criterion_I_min         ? 
_reflns.observed_criterion_sigma_F       ? 
_reflns.observed_criterion_sigma_I       ? 
_reflns.percent_possible_obs             95.8 
_reflns.R_free_details                   ? 
_reflns.Rmerge_F_all                     ? 
_reflns.Rmerge_F_obs                     ? 
_reflns.Friedel_coverage                 ? 
_reflns.number_gt                        ? 
_reflns.threshold_expression             ? 
_reflns.pdbx_redundancy                  3.7 
_reflns.pdbx_Rmerge_I_obs                ? 
_reflns.pdbx_Rmerge_I_all                ? 
_reflns.pdbx_Rsym_value                  ? 
_reflns.pdbx_netI_over_av_sigmaI         ? 
_reflns.pdbx_netI_over_sigmaI            5.8 
_reflns.pdbx_res_netI_over_av_sigmaI_2   ? 
_reflns.pdbx_res_netI_over_sigmaI_2      ? 
_reflns.pdbx_chi_squared                 ? 
_reflns.pdbx_scaling_rejects             ? 
_reflns.pdbx_d_res_high_opt              ? 
_reflns.pdbx_d_res_low_opt               ? 
_reflns.pdbx_d_res_opt_method            ? 
_reflns.phase_calculation_details        ? 
_reflns.pdbx_Rrim_I_all                  ? 
_reflns.pdbx_Rpim_I_all                  ? 
_reflns.pdbx_d_opt                       ? 
_reflns.pdbx_number_measured_all         ? 
_reflns.pdbx_diffrn_id                   1 
_reflns.pdbx_ordinal                     1 
_reflns.pdbx_CC_half                     ? 
_reflns.pdbx_R_split                     ? 
# 
_refine.pdbx_refine_id                           'X-RAY DIFFRACTION' 
_refine.entry_id                                 5DP9 
_refine.pdbx_diffrn_id                           1 
_refine.pdbx_TLS_residual_ADP_flag               ? 
_refine.ls_number_reflns_obs                     11963 
_refine.ls_number_reflns_all                     ? 
_refine.pdbx_ls_sigma_I                          ? 
_refine.pdbx_ls_sigma_F                          ? 
_refine.pdbx_data_cutoff_high_absF               ? 
_refine.pdbx_data_cutoff_low_absF                ? 
_refine.pdbx_data_cutoff_high_rms_absF           ? 
_refine.ls_d_res_low                             45.73 
_refine.ls_d_res_high                            1.90 
_refine.ls_percent_reflns_obs                    97.44 
_refine.ls_R_factor_obs                          0.24473 
_refine.ls_R_factor_all                          ? 
_refine.ls_R_factor_R_work                       0.24232 
_refine.ls_R_factor_R_free                       0.29268 
_refine.ls_R_factor_R_free_error                 ? 
_refine.ls_R_factor_R_free_error_details         ? 
_refine.ls_percent_reflns_R_free                 4.9 
_refine.ls_number_reflns_R_free                  615 
_refine.ls_number_parameters                     ? 
_refine.ls_number_restraints                     ? 
_refine.occupancy_min                            ? 
_refine.occupancy_max                            ? 
_refine.correlation_coeff_Fo_to_Fc               0.939 
_refine.correlation_coeff_Fo_to_Fc_free          0.917 
_refine.B_iso_mean                               30.329 
_refine.aniso_B[1][1]                            3.61 
_refine.aniso_B[2][2]                            9.64 
_refine.aniso_B[3][3]                            -13.25 
_refine.aniso_B[1][2]                            -0.00 
_refine.aniso_B[1][3]                            -0.00 
_refine.aniso_B[2][3]                            0.00 
_refine.solvent_model_details                    MASK 
_refine.solvent_model_param_ksol                 ? 
_refine.solvent_model_param_bsol                 ? 
_refine.pdbx_solvent_vdw_probe_radii             1.20 
_refine.pdbx_solvent_ion_probe_radii             0.80 
_refine.pdbx_solvent_shrinkage_radii             0.80 
_refine.pdbx_ls_cross_valid_method               THROUGHOUT 
_refine.details                                  
'HYDROGENS HAVE BEEN ADDED IN THE RIDING POSITIONS U VALUES      : REFINED INDIVIDUALLY' 
_refine.pdbx_starting_model                      4GHQ 
_refine.pdbx_method_to_determine_struct          'MOLECULAR REPLACEMENT' 
_refine.pdbx_isotropic_thermal_model             ? 
_refine.pdbx_stereochemistry_target_values       'MAXIMUM LIKELIHOOD' 
_refine.pdbx_stereochem_target_val_spec_case     ? 
_refine.pdbx_R_Free_selection_details            RANDOM 
_refine.pdbx_overall_ESU_R                       0.053 
_refine.pdbx_overall_ESU_R_Free                  0.044 
_refine.overall_SU_ML                            0.137 
_refine.pdbx_overall_phase_error                 ? 
_refine.overall_SU_B                             4.683 
_refine.overall_SU_R_Cruickshank_DPI             ? 
_refine.pdbx_overall_SU_R_free_Cruickshank_DPI   ? 
_refine.pdbx_overall_SU_R_Blow_DPI               ? 
_refine.pdbx_overall_SU_R_free_Blow_DPI          ? 
# 
_refine_hist.pdbx_refine_id                   'X-RAY DIFFRACTION' 
_refine_hist.cycle_id                         LAST 
_refine_hist.pdbx_number_atoms_protein        1401 
_refine_hist.pdbx_number_atoms_nucleic_acid   0 
_refine_hist.pdbx_number_atoms_ligand         37 
_refine_hist.number_atoms_solvent             134 
_refine_hist.number_atoms_total               1572 
_refine_hist.d_res_high                       1.90 
_refine_hist.d_res_low                        45.73 
# 
loop_
_refine_ls_restr.type 
_refine_ls_restr.dev_ideal 
_refine_ls_restr.dev_ideal_target 
_refine_ls_restr.weight 
_refine_ls_restr.number 
_refine_ls_restr.pdbx_refine_id 
_refine_ls_restr.pdbx_restraint_function 
r_bond_refined_d             0.010  0.019  ? 1486 'X-RAY DIFFRACTION' ? 
r_bond_other_d               0.001  0.020  ? 1460 'X-RAY DIFFRACTION' ? 
r_angle_refined_deg          1.921  1.985  ? 2013 'X-RAY DIFFRACTION' ? 
r_angle_other_deg            0.900  3.000  ? 3350 'X-RAY DIFFRACTION' ? 
r_dihedral_angle_1_deg       6.894  5.000  ? 184  'X-RAY DIFFRACTION' ? 
r_dihedral_angle_2_deg       37.953 23.281 ? 64   'X-RAY DIFFRACTION' ? 
r_dihedral_angle_3_deg       16.829 15.000 ? 253  'X-RAY DIFFRACTION' ? 
r_dihedral_angle_4_deg       19.441 15.000 ? 12   'X-RAY DIFFRACTION' ? 
r_chiral_restr               0.085  0.200  ? 230  'X-RAY DIFFRACTION' ? 
r_gen_planes_refined         0.005  0.021  ? 1672 'X-RAY DIFFRACTION' ? 
r_gen_planes_other           0.001  0.020  ? 352  'X-RAY DIFFRACTION' ? 
r_nbd_refined                ?      ?      ? ?    'X-RAY DIFFRACTION' ? 
r_nbd_other                  ?      ?      ? ?    'X-RAY DIFFRACTION' ? 
r_nbtor_refined              ?      ?      ? ?    'X-RAY DIFFRACTION' ? 
r_nbtor_other                ?      ?      ? ?    'X-RAY DIFFRACTION' ? 
r_xyhbond_nbd_refined        ?      ?      ? ?    'X-RAY DIFFRACTION' ? 
r_xyhbond_nbd_other          ?      ?      ? ?    'X-RAY DIFFRACTION' ? 
r_metal_ion_refined          ?      ?      ? ?    'X-RAY DIFFRACTION' ? 
r_metal_ion_other            ?      ?      ? ?    'X-RAY DIFFRACTION' ? 
r_symmetry_vdw_refined       ?      ?      ? ?    'X-RAY DIFFRACTION' ? 
r_symmetry_vdw_other         ?      ?      ? ?    'X-RAY DIFFRACTION' ? 
r_symmetry_hbond_refined     ?      ?      ? ?    'X-RAY DIFFRACTION' ? 
r_symmetry_hbond_other       ?      ?      ? ?    'X-RAY DIFFRACTION' ? 
r_symmetry_metal_ion_refined ?      ?      ? ?    'X-RAY DIFFRACTION' ? 
r_symmetry_metal_ion_other   ?      ?      ? ?    'X-RAY DIFFRACTION' ? 
r_mcbond_it                  1.407  2.965  ? 727  'X-RAY DIFFRACTION' ? 
r_mcbond_other               1.398  2.964  ? 726  'X-RAY DIFFRACTION' ? 
r_mcangle_it                 2.196  4.443  ? 908  'X-RAY DIFFRACTION' ? 
r_mcangle_other              2.196  4.444  ? 909  'X-RAY DIFFRACTION' ? 
r_scbond_it                  1.298  3.089  ? 757  'X-RAY DIFFRACTION' ? 
r_scbond_other               1.298  3.092  ? 758  'X-RAY DIFFRACTION' ? 
r_scangle_it                 ?      ?      ? ?    'X-RAY DIFFRACTION' ? 
r_scangle_other              2.062  4.583  ? 1101 'X-RAY DIFFRACTION' ? 
r_long_range_B_refined       5.010  28.096 ? 6249 'X-RAY DIFFRACTION' ? 
r_long_range_B_other         4.878  27.984 ? 6169 'X-RAY DIFFRACTION' ? 
r_rigid_bond_restr           ?      ?      ? ?    'X-RAY DIFFRACTION' ? 
r_sphericity_free            ?      ?      ? ?    'X-RAY DIFFRACTION' ? 
r_sphericity_bonded          ?      ?      ? ?    'X-RAY DIFFRACTION' ? 
# 
_refine_ls_shell.pdbx_refine_id                   'X-RAY DIFFRACTION' 
_refine_ls_shell.pdbx_total_number_of_bins_used   20 
_refine_ls_shell.d_res_high                       1.900 
_refine_ls_shell.d_res_low                        1.949 
_refine_ls_shell.number_reflns_R_work             874 
_refine_ls_shell.R_factor_R_work                  0.432 
_refine_ls_shell.percent_reflns_obs               97.87 
_refine_ls_shell.R_factor_R_free                  0.493 
_refine_ls_shell.R_factor_R_free_error            ? 
_refine_ls_shell.percent_reflns_R_free            ? 
_refine_ls_shell.number_reflns_R_free             44 
_refine_ls_shell.number_reflns_all                ? 
_refine_ls_shell.R_factor_all                     ? 
_refine_ls_shell.R_factor_obs                     ? 
_refine_ls_shell.number_reflns_obs                ? 
# 
_struct.entry_id                     5DP9 
_struct.title                        'Crystal Structure of EV71 3C Proteinase in complex with compound 9' 
_struct.pdbx_model_details           ? 
_struct.pdbx_formula_weight          ? 
_struct.pdbx_formula_weight_method   ? 
_struct.pdbx_model_type_details      ? 
_struct.pdbx_CASP_flag               ? 
# 
_struct_keywords.entry_id        5DP9 
_struct_keywords.text            
'Hand, foot and mouth disease, 3C proteinase, peptidomimetics, drug design, rupintrivir, HYDROLASE-HYDROLASE INHIBITOR complex' 
_struct_keywords.pdbx_keywords   'HYDROLASE/HYDROLASE INHIBITOR' 
# 
loop_
_struct_asym.id 
_struct_asym.pdbx_blank_PDB_chainid_flag 
_struct_asym.pdbx_modified 
_struct_asym.entity_id 
_struct_asym.details 
A N N 1 ? 
B N N 2 ? 
C N N 3 ? 
# 
_struct_ref.db_code                    A9XG43_9ENTO 
_struct_ref.db_name                    UNP 
_struct_ref.details                    ? 
_struct_ref.entity_id                  1 
_struct_ref.id                         1 
_struct_ref.seq_align                  ? 
_struct_ref.seq_dif                    ? 
_struct_ref.pdbx_db_accession          A9XG43 
_struct_ref.pdbx_db_isoform            ? 
_struct_ref.pdbx_seq_one_letter_code   
;GPSLDFALSLLRRNVRQVQTDQGHFTMLGVRDRLAVLPRHSQPGKTIWIEHKLVNILDAVELVDEQGVNLELTLITLDTN
EKFRDITKFIPENISTASDATLVINTEHMPSMFVPVGDVVQYGFLNLSGKPTHRTMMYNFPTKAGQCGGVVTSVGKVIGI
HIGGNGRQGFCAGLKRSYFASEQ
;
_struct_ref.pdbx_align_begin           1549 
_struct_ref.pdbx_align_end             ? 
# 
_struct_ref_seq.align_id                      1 
_struct_ref_seq.ref_id                        1 
_struct_ref_seq.pdbx_PDB_id_code              5DP9 
_struct_ref_seq.pdbx_strand_id                A 
_struct_ref_seq.seq_align_beg                 2 
_struct_ref_seq.pdbx_seq_align_beg_ins_code   ? 
_struct_ref_seq.seq_align_end                 184 
_struct_ref_seq.pdbx_seq_align_end_ins_code   ? 
_struct_ref_seq.pdbx_db_accession             A9XG43 
_struct_ref_seq.db_align_beg                  1549 
_struct_ref_seq.pdbx_db_align_beg_ins_code    ? 
_struct_ref_seq.db_align_end                  1731 
_struct_ref_seq.pdbx_db_align_end_ins_code    ? 
_struct_ref_seq.pdbx_auth_seq_align_beg       1 
_struct_ref_seq.pdbx_auth_seq_align_end       183 
# 
loop_
_struct_ref_seq_dif.align_id 
_struct_ref_seq_dif.pdbx_pdb_id_code 
_struct_ref_seq_dif.mon_id 
_struct_ref_seq_dif.pdbx_pdb_strand_id 
_struct_ref_seq_dif.seq_num 
_struct_ref_seq_dif.pdbx_pdb_ins_code 
_struct_ref_seq_dif.pdbx_seq_db_name 
_struct_ref_seq_dif.pdbx_seq_db_accession_code 
_struct_ref_seq_dif.db_mon_id 
_struct_ref_seq_dif.pdbx_seq_db_seq_num 
_struct_ref_seq_dif.details 
_struct_ref_seq_dif.pdbx_auth_seq_num 
_struct_ref_seq_dif.pdbx_ordinal 
1 5DP9 MET A 1   ? UNP A9XG43 ? ? 'expression tag' 0   1 
1 5DP9 LEU A 185 ? UNP A9XG43 ? ? 'expression tag' 184 2 
1 5DP9 GLU A 186 ? UNP A9XG43 ? ? 'expression tag' 185 3 
1 5DP9 HIS A 187 ? UNP A9XG43 ? ? 'expression tag' 186 4 
1 5DP9 HIS A 188 ? UNP A9XG43 ? ? 'expression tag' 187 5 
1 5DP9 HIS A 189 ? UNP A9XG43 ? ? 'expression tag' 188 6 
1 5DP9 HIS A 190 ? UNP A9XG43 ? ? 'expression tag' 189 7 
1 5DP9 HIS A 191 ? UNP A9XG43 ? ? 'expression tag' 190 8 
1 5DP9 HIS A 192 ? UNP A9XG43 ? ? 'expression tag' 191 9 
# 
_pdbx_struct_assembly.id                   1 
_pdbx_struct_assembly.details              author_defined_assembly 
_pdbx_struct_assembly.method_details       ? 
_pdbx_struct_assembly.oligomeric_details   monomeric 
_pdbx_struct_assembly.oligomeric_count     1 
# 
loop_
_pdbx_struct_assembly_prop.biol_id 
_pdbx_struct_assembly_prop.type 
_pdbx_struct_assembly_prop.value 
_pdbx_struct_assembly_prop.details 
1 'ABSA (A^2)' 0    ? 
1 MORE         0    ? 
1 'SSA (A^2)'  8390 ? 
# 
_pdbx_struct_assembly_gen.assembly_id       1 
_pdbx_struct_assembly_gen.oper_expression   1 
_pdbx_struct_assembly_gen.asym_id_list      A,B,C 
# 
_pdbx_struct_oper_list.id                   1 
_pdbx_struct_oper_list.type                 'identity operation' 
_pdbx_struct_oper_list.name                 1_555 
_pdbx_struct_oper_list.symmetry_operation   x,y,z 
_pdbx_struct_oper_list.matrix[1][1]         1.0000000000 
_pdbx_struct_oper_list.matrix[1][2]         0.0000000000 
_pdbx_struct_oper_list.matrix[1][3]         0.0000000000 
_pdbx_struct_oper_list.vector[1]            0.0000000000 
_pdbx_struct_oper_list.matrix[2][1]         0.0000000000 
_pdbx_struct_oper_list.matrix[2][2]         1.0000000000 
_pdbx_struct_oper_list.matrix[2][3]         0.0000000000 
_pdbx_struct_oper_list.vector[2]            0.0000000000 
_pdbx_struct_oper_list.matrix[3][1]         0.0000000000 
_pdbx_struct_oper_list.matrix[3][2]         0.0000000000 
_pdbx_struct_oper_list.matrix[3][3]         1.0000000000 
_pdbx_struct_oper_list.vector[3]            0.0000000000 
# 
loop_
_struct_conf.conf_type_id 
_struct_conf.id 
_struct_conf.pdbx_PDB_helix_id 
_struct_conf.beg_label_comp_id 
_struct_conf.beg_label_asym_id 
_struct_conf.beg_label_seq_id 
_struct_conf.pdbx_beg_PDB_ins_code 
_struct_conf.end_label_comp_id 
_struct_conf.end_label_asym_id 
_struct_conf.end_label_seq_id 
_struct_conf.pdbx_end_PDB_ins_code 
_struct_conf.beg_auth_comp_id 
_struct_conf.beg_auth_asym_id 
_struct_conf.beg_auth_seq_id 
_struct_conf.end_auth_comp_id 
_struct_conf.end_auth_asym_id 
_struct_conf.end_auth_seq_id 
_struct_conf.pdbx_PDB_helix_class 
_struct_conf.details 
_struct_conf.pdbx_PDB_helix_length 
HELX_P HELX_P1 AA1 GLY A 2   ? ASN A 15  ? GLY A 1   ASN A 14  1 ? 14 
HELX_P HELX_P2 AA2 HIS A 41  ? GLN A 43  ? HIS A 40  GLN A 42  5 ? 3  
HELX_P HELX_P3 AA3 ILE A 87  ? ILE A 91  ? ILE A 86  ILE A 90  5 ? 5  
HELX_P HELX_P4 AA4 LYS A 176 ? ALA A 181 ? LYS A 175 ALA A 180 5 ? 6  
# 
_struct_conf_type.id          HELX_P 
_struct_conf_type.criteria    ? 
_struct_conf_type.reference   ? 
# 
_struct_conn.id                            covale1 
_struct_conn.conn_type_id                  covale 
_struct_conn.pdbx_leaving_atom_flag        none 
_struct_conn.pdbx_PDB_id                   ? 
_struct_conn.ptnr1_label_asym_id           A 
_struct_conn.ptnr1_label_comp_id           CYS 
_struct_conn.ptnr1_label_seq_id            148 
_struct_conn.ptnr1_label_atom_id           SG 
_struct_conn.pdbx_ptnr1_label_alt_id       ? 
_struct_conn.pdbx_ptnr1_PDB_ins_code       ? 
_struct_conn.pdbx_ptnr1_standard_comp_id   ? 
_struct_conn.ptnr1_symmetry                1_555 
_struct_conn.ptnr2_label_asym_id           B 
_struct_conn.ptnr2_label_comp_id           5EX 
_struct_conn.ptnr2_label_seq_id            . 
_struct_conn.ptnr2_label_atom_id           C14 
_struct_conn.pdbx_ptnr2_label_alt_id       ? 
_struct_conn.pdbx_ptnr2_PDB_ins_code       ? 
_struct_conn.ptnr1_auth_asym_id            A 
_struct_conn.ptnr1_auth_comp_id            CYS 
_struct_conn.ptnr1_auth_seq_id             147 
_struct_conn.ptnr2_auth_asym_id            A 
_struct_conn.ptnr2_auth_comp_id            5EX 
_struct_conn.ptnr2_auth_seq_id             201 
_struct_conn.ptnr2_symmetry                1_555 
_struct_conn.pdbx_ptnr3_label_atom_id      ? 
_struct_conn.pdbx_ptnr3_label_seq_id       ? 
_struct_conn.pdbx_ptnr3_label_comp_id      ? 
_struct_conn.pdbx_ptnr3_label_asym_id      ? 
_struct_conn.pdbx_ptnr3_label_alt_id       ? 
_struct_conn.pdbx_ptnr3_PDB_ins_code       ? 
_struct_conn.details                       ? 
_struct_conn.pdbx_dist_value               1.796 
_struct_conn.pdbx_value_order              ? 
_struct_conn.pdbx_role                     ? 
# 
_struct_conn_type.id          covale 
_struct_conn_type.criteria    ? 
_struct_conn_type.reference   ? 
# 
_pdbx_modification_feature.ordinal                            1 
_pdbx_modification_feature.label_comp_id                      5EX 
_pdbx_modification_feature.label_asym_id                      B 
_pdbx_modification_feature.label_seq_id                       . 
_pdbx_modification_feature.label_alt_id                       ? 
_pdbx_modification_feature.modified_residue_label_comp_id     CYS 
_pdbx_modification_feature.modified_residue_label_asym_id     A 
_pdbx_modification_feature.modified_residue_label_seq_id      148 
_pdbx_modification_feature.modified_residue_label_alt_id      ? 
_pdbx_modification_feature.auth_comp_id                       5EX 
_pdbx_modification_feature.auth_asym_id                       A 
_pdbx_modification_feature.auth_seq_id                        201 
_pdbx_modification_feature.PDB_ins_code                       ? 
_pdbx_modification_feature.symmetry                           1_555 
_pdbx_modification_feature.modified_residue_auth_comp_id      CYS 
_pdbx_modification_feature.modified_residue_auth_asym_id      A 
_pdbx_modification_feature.modified_residue_auth_seq_id       147 
_pdbx_modification_feature.modified_residue_PDB_ins_code      ? 
_pdbx_modification_feature.modified_residue_symmetry          1_555 
_pdbx_modification_feature.comp_id_linking_atom               C14 
_pdbx_modification_feature.modified_residue_id_linking_atom   SG 
_pdbx_modification_feature.modified_residue_id                CYS 
_pdbx_modification_feature.ref_pcm_id                         1 
_pdbx_modification_feature.ref_comp_id                        5EX 
_pdbx_modification_feature.type                               None 
_pdbx_modification_feature.category                           'Covalent chemical modification' 
# 
loop_
_struct_sheet.id 
_struct_sheet.type 
_struct_sheet.number_strands 
_struct_sheet.details 
AA1 ? 7 ? 
AA2 ? 7 ? 
# 
loop_
_struct_sheet_order.sheet_id 
_struct_sheet_order.range_id_1 
_struct_sheet_order.range_id_2 
_struct_sheet_order.offset 
_struct_sheet_order.sense 
AA1 1 2 ? anti-parallel 
AA1 2 3 ? anti-parallel 
AA1 3 4 ? anti-parallel 
AA1 4 5 ? anti-parallel 
AA1 5 6 ? anti-parallel 
AA1 6 7 ? anti-parallel 
AA2 1 2 ? anti-parallel 
AA2 2 3 ? anti-parallel 
AA2 3 4 ? anti-parallel 
AA2 4 5 ? anti-parallel 
AA2 5 6 ? anti-parallel 
AA2 6 7 ? anti-parallel 
# 
loop_
_struct_sheet_range.sheet_id 
_struct_sheet_range.id 
_struct_sheet_range.beg_label_comp_id 
_struct_sheet_range.beg_label_asym_id 
_struct_sheet_range.beg_label_seq_id 
_struct_sheet_range.pdbx_beg_PDB_ins_code 
_struct_sheet_range.end_label_comp_id 
_struct_sheet_range.end_label_asym_id 
_struct_sheet_range.end_label_seq_id 
_struct_sheet_range.pdbx_end_PDB_ins_code 
_struct_sheet_range.beg_auth_comp_id 
_struct_sheet_range.beg_auth_asym_id 
_struct_sheet_range.beg_auth_seq_id 
_struct_sheet_range.end_auth_comp_id 
_struct_sheet_range.end_auth_asym_id 
_struct_sheet_range.end_auth_seq_id 
AA1 1 VAL A 16  ? THR A 21  ? VAL A 15  THR A 20  
AA1 2 GLY A 24  ? ARG A 32  ? GLY A 23  ARG A 31  
AA1 3 LEU A 35  ? PRO A 39  ? LEU A 34  PRO A 38  
AA1 4 ASN A 70  ? LEU A 78  ? ASN A 69  LEU A 77  
AA1 5 LYS A 53  ? VAL A 64  ? LYS A 52  VAL A 63  
AA1 6 THR A 47  ? ILE A 50  ? THR A 46  ILE A 49  
AA1 7 VAL A 16  ? THR A 21  ? VAL A 15  THR A 20  
AA2 1 ALA A 98  ? ILE A 105 ? ALA A 97  ILE A 104 
AA2 2 MET A 113 ? LEU A 128 ? MET A 112 LEU A 127 
AA2 3 LYS A 131 ? TYR A 139 ? LYS A 130 TYR A 138 
AA2 4 GLY A 170 ? GLY A 174 ? GLY A 169 GLY A 173 
AA2 5 LYS A 157 ? GLY A 165 ? LYS A 156 GLY A 164 
AA2 6 VAL A 151 ? SER A 154 ? VAL A 150 SER A 153 
AA2 7 ALA A 98  ? ILE A 105 ? ALA A 97  ILE A 104 
# 
loop_
_pdbx_struct_sheet_hbond.sheet_id 
_pdbx_struct_sheet_hbond.range_id_1 
_pdbx_struct_sheet_hbond.range_id_2 
_pdbx_struct_sheet_hbond.range_1_label_atom_id 
_pdbx_struct_sheet_hbond.range_1_label_comp_id 
_pdbx_struct_sheet_hbond.range_1_label_asym_id 
_pdbx_struct_sheet_hbond.range_1_label_seq_id 
_pdbx_struct_sheet_hbond.range_1_PDB_ins_code 
_pdbx_struct_sheet_hbond.range_1_auth_atom_id 
_pdbx_struct_sheet_hbond.range_1_auth_comp_id 
_pdbx_struct_sheet_hbond.range_1_auth_asym_id 
_pdbx_struct_sheet_hbond.range_1_auth_seq_id 
_pdbx_struct_sheet_hbond.range_2_label_atom_id 
_pdbx_struct_sheet_hbond.range_2_label_comp_id 
_pdbx_struct_sheet_hbond.range_2_label_asym_id 
_pdbx_struct_sheet_hbond.range_2_label_seq_id 
_pdbx_struct_sheet_hbond.range_2_PDB_ins_code 
_pdbx_struct_sheet_hbond.range_2_auth_atom_id 
_pdbx_struct_sheet_hbond.range_2_auth_comp_id 
_pdbx_struct_sheet_hbond.range_2_auth_asym_id 
_pdbx_struct_sheet_hbond.range_2_auth_seq_id 
AA1 1 2 N ARG A 17  ? N ARG A 16  O MET A 28  ? O MET A 27  
AA1 2 3 N ARG A 32  ? N ARG A 31  O LEU A 35  ? O LEU A 34  
AA1 3 4 N ALA A 36  ? N ALA A 35  O ILE A 76  ? O ILE A 75  
AA1 4 5 O LEU A 75  ? O LEU A 74  N VAL A 61  ? N VAL A 60  
AA1 5 6 O VAL A 55  ? O VAL A 54  N ILE A 48  ? N ILE A 47  
AA1 6 7 O TRP A 49  ? O TRP A 48  N GLN A 20  ? N GLN A 19  
AA2 1 2 N ALA A 98  ? N ALA A 97  O VAL A 120 ? O VAL A 119 
AA2 2 3 N LEU A 128 ? N LEU A 127 O LYS A 131 ? O LYS A 130 
AA2 3 4 N TYR A 139 ? N TYR A 138 O GLY A 170 ? O GLY A 169 
AA2 4 5 O PHE A 171 ? O PHE A 170 N GLY A 164 ? N GLY A 163 
AA2 5 6 O GLY A 160 ? O GLY A 159 N VAL A 152 ? N VAL A 151 
AA2 6 7 O THR A 153 ? O THR A 152 N THR A 102 ? N THR A 101 
# 
_struct_site.id                   AC1 
_struct_site.pdbx_evidence_code   Software 
_struct_site.pdbx_auth_asym_id    A 
_struct_site.pdbx_auth_comp_id    5EX 
_struct_site.pdbx_auth_seq_id     201 
_struct_site.pdbx_auth_ins_code   ? 
_struct_site.pdbx_num_residues    18 
_struct_site.details              'binding site for residue 5EX A 201' 
# 
loop_
_struct_site_gen.id 
_struct_site_gen.site_id 
_struct_site_gen.pdbx_num_res 
_struct_site_gen.label_comp_id 
_struct_site_gen.label_asym_id 
_struct_site_gen.label_seq_id 
_struct_site_gen.pdbx_auth_ins_code 
_struct_site_gen.auth_comp_id 
_struct_site_gen.auth_asym_id 
_struct_site_gen.auth_seq_id 
_struct_site_gen.label_atom_id 
_struct_site_gen.label_alt_id 
_struct_site_gen.symmetry 
_struct_site_gen.details 
1  AC1 18 ARG A 40  ? ARG A 39  . ? 1_555 ? 
2  AC1 18 HIS A 41  ? HIS A 40  . ? 1_555 ? 
3  AC1 18 GLU A 72  ? GLU A 71  . ? 1_555 ? 
4  AC1 18 LEU A 126 ? LEU A 125 . ? 1_555 ? 
5  AC1 18 ASN A 127 ? ASN A 126 . ? 1_555 ? 
6  AC1 18 LEU A 128 ? LEU A 127 . ? 1_555 ? 
7  AC1 18 SER A 129 ? SER A 128 . ? 1_555 ? 
8  AC1 18 THR A 143 ? THR A 142 . ? 1_555 ? 
9  AC1 18 LYS A 144 ? LYS A 143 . ? 1_555 ? 
10 AC1 18 ALA A 145 ? ALA A 144 . ? 1_555 ? 
11 AC1 18 GLY A 146 ? GLY A 145 . ? 1_555 ? 
12 AC1 18 CYS A 148 ? CYS A 147 . ? 1_555 ? 
13 AC1 18 HIS A 162 ? HIS A 161 . ? 1_555 ? 
14 AC1 18 ILE A 163 ? ILE A 162 . ? 1_555 ? 
15 AC1 18 GLY A 164 ? GLY A 163 . ? 1_555 ? 
16 AC1 18 GLY A 165 ? GLY A 164 . ? 1_555 ? 
17 AC1 18 ASN A 166 ? ASN A 165 . ? 1_555 ? 
18 AC1 18 HOH C .   ? HOH A 424 . ? 4_555 ? 
# 
_pdbx_entry_details.entry_id                   5DP9 
_pdbx_entry_details.compound_details           ? 
_pdbx_entry_details.source_details             ? 
_pdbx_entry_details.nonpolymer_details         ? 
_pdbx_entry_details.sequence_details           ? 
_pdbx_entry_details.has_ligand_of_interest     ? 
_pdbx_entry_details.has_protein_modification   Y 
# 
loop_
_pdbx_validate_close_contact.id 
_pdbx_validate_close_contact.PDB_model_num 
_pdbx_validate_close_contact.auth_atom_id_1 
_pdbx_validate_close_contact.auth_asym_id_1 
_pdbx_validate_close_contact.auth_comp_id_1 
_pdbx_validate_close_contact.auth_seq_id_1 
_pdbx_validate_close_contact.PDB_ins_code_1 
_pdbx_validate_close_contact.label_alt_id_1 
_pdbx_validate_close_contact.auth_atom_id_2 
_pdbx_validate_close_contact.auth_asym_id_2 
_pdbx_validate_close_contact.auth_comp_id_2 
_pdbx_validate_close_contact.auth_seq_id_2 
_pdbx_validate_close_contact.PDB_ins_code_2 
_pdbx_validate_close_contact.label_alt_id_2 
_pdbx_validate_close_contact.dist 
1 1 O   A HOH 325 ? ? O A HOH 360 ? ? 1.81 
2 1 O   A ARG 167 ? ? O A HOH 301 ? ? 1.98 
3 1 CZ  A ARG 16  ? A O A HOH 303 ? ? 1.99 
4 1 O   A VAL 116 ? ? O A HOH 302 ? ? 2.05 
5 1 NH2 A ARG 16  ? A O A HOH 303 ? ? 2.06 
6 1 O   A HOH 319 ? ? O A HOH 321 ? ? 2.06 
7 1 O   A HOH 306 ? ? O A HOH 360 ? ? 2.13 
# 
loop_
_pdbx_validate_symm_contact.id 
_pdbx_validate_symm_contact.PDB_model_num 
_pdbx_validate_symm_contact.auth_atom_id_1 
_pdbx_validate_symm_contact.auth_asym_id_1 
_pdbx_validate_symm_contact.auth_comp_id_1 
_pdbx_validate_symm_contact.auth_seq_id_1 
_pdbx_validate_symm_contact.PDB_ins_code_1 
_pdbx_validate_symm_contact.label_alt_id_1 
_pdbx_validate_symm_contact.site_symmetry_1 
_pdbx_validate_symm_contact.auth_atom_id_2 
_pdbx_validate_symm_contact.auth_asym_id_2 
_pdbx_validate_symm_contact.auth_comp_id_2 
_pdbx_validate_symm_contact.auth_seq_id_2 
_pdbx_validate_symm_contact.PDB_ins_code_2 
_pdbx_validate_symm_contact.label_alt_id_2 
_pdbx_validate_symm_contact.site_symmetry_2 
_pdbx_validate_symm_contact.dist 
1 1 O   A HOH 395 ? ? 1_555 O   A HOH 395 ? ? 3_554 1.43 
2 1 OD1 A ASN 93  ? ? 1_555 OD1 A ASN 93  ? ? 4_545 1.94 
3 1 O   A HOH 301 ? ? 1_555 O   A HOH 309 ? ? 8_545 1.94 
4 1 O   A HOH 356 ? ? 1_555 O   A HOH 357 ? ? 7_444 2.11 
# 
loop_
_pdbx_validate_torsion.id 
_pdbx_validate_torsion.PDB_model_num 
_pdbx_validate_torsion.auth_comp_id 
_pdbx_validate_torsion.auth_asym_id 
_pdbx_validate_torsion.auth_seq_id 
_pdbx_validate_torsion.PDB_ins_code 
_pdbx_validate_torsion.label_alt_id 
_pdbx_validate_torsion.phi 
_pdbx_validate_torsion.psi 
1 1 ASP A 32  ? ? 45.63   -116.92 
2 1 GLU A 50  ? ? 60.04   -80.12  
3 1 ASP A 58  ? ? -174.45 138.12  
4 1 GLN A 66  ? ? -61.82  8.91    
5 1 ASN A 69  ? ? -37.24  129.75  
6 1 GLU A 71  ? ? 70.52   32.98   
7 1 TYR A 122 ? ? -129.52 -51.58  
8 1 SER A 153 ? ? -174.72 132.96  
# 
loop_
_pdbx_struct_special_symmetry.id 
_pdbx_struct_special_symmetry.PDB_model_num 
_pdbx_struct_special_symmetry.auth_asym_id 
_pdbx_struct_special_symmetry.auth_comp_id 
_pdbx_struct_special_symmetry.auth_seq_id 
_pdbx_struct_special_symmetry.PDB_ins_code 
_pdbx_struct_special_symmetry.label_asym_id 
_pdbx_struct_special_symmetry.label_comp_id 
_pdbx_struct_special_symmetry.label_seq_id 
1 1 A HOH 351 ? C HOH . 
2 1 A HOH 376 ? C HOH . 
3 1 A HOH 386 ? C HOH . 
# 
loop_
_pdbx_unobs_or_zero_occ_residues.id 
_pdbx_unobs_or_zero_occ_residues.PDB_model_num 
_pdbx_unobs_or_zero_occ_residues.polymer_flag 
_pdbx_unobs_or_zero_occ_residues.occupancy_flag 
_pdbx_unobs_or_zero_occ_residues.auth_asym_id 
_pdbx_unobs_or_zero_occ_residues.auth_comp_id 
_pdbx_unobs_or_zero_occ_residues.auth_seq_id 
_pdbx_unobs_or_zero_occ_residues.PDB_ins_code 
_pdbx_unobs_or_zero_occ_residues.label_asym_id 
_pdbx_unobs_or_zero_occ_residues.label_comp_id 
_pdbx_unobs_or_zero_occ_residues.label_seq_id 
1  1 Y 1 A SER 181 ? A SER 182 
2  1 Y 1 A GLU 182 ? A GLU 183 
3  1 Y 1 A GLN 183 ? A GLN 184 
4  1 Y 1 A LEU 184 ? A LEU 185 
5  1 Y 1 A GLU 185 ? A GLU 186 
6  1 Y 1 A HIS 186 ? A HIS 187 
7  1 Y 1 A HIS 187 ? A HIS 188 
8  1 Y 1 A HIS 188 ? A HIS 189 
9  1 Y 1 A HIS 189 ? A HIS 190 
10 1 Y 1 A HIS 190 ? A HIS 191 
11 1 Y 1 A HIS 191 ? A HIS 192 
# 
loop_
_chem_comp_atom.comp_id 
_chem_comp_atom.atom_id 
_chem_comp_atom.type_symbol 
_chem_comp_atom.pdbx_aromatic_flag 
_chem_comp_atom.pdbx_stereo_config 
_chem_comp_atom.pdbx_ordinal 
5EX C23  C N N 1   
5EX C22  C N N 2   
5EX C21  C N N 3   
5EX C20  C N N 4   
5EX C24  C N N 5   
5EX C26  C N N 6   
5EX C27  C N N 7   
5EX C18  C N N 8   
5EX C10  C N S 9   
5EX C7   C Y N 10  
5EX C5   C Y N 11  
5EX C6   C Y N 12  
5EX C2   C N S 13  
5EX C3   C N N 14  
5EX C4   C Y N 15  
5EX C11  C N N 16  
5EX C12  C N S 17  
5EX C13  C N N 18  
5EX C14  C N N 19  
5EX C15  C N N 20  
5EX C16  C N N 21  
5EX C17  C N N 22  
5EX O1   O N N 23  
5EX C8   C Y N 24  
5EX O2   O N N 25  
5EX C9   C Y N 26  
5EX N1   N N N 27  
5EX C19  C N N 28  
5EX O3   O N N 29  
5EX N2   N N N 30  
5EX C25  C N N 31  
5EX N    N N N 32  
5EX O4   O N N 33  
5EX O21  O N N 34  
5EX O5   O N N 35  
5EX N6   N N N 36  
5EX C28  C N N 37  
5EX H1   H N N 38  
5EX H2   H N N 39  
5EX H3   H N N 40  
5EX H4   H N N 41  
5EX H5   H N N 42  
5EX H6   H N N 43  
5EX H7   H N N 44  
5EX H8   H N N 45  
5EX H9   H N N 46  
5EX H10  H N N 47  
5EX H11  H N N 48  
5EX H12  H N N 49  
5EX H13  H N N 50  
5EX H14  H N N 51  
5EX H15  H N N 52  
5EX H16  H N N 53  
5EX H17  H N N 54  
5EX H18  H N N 55  
5EX H19  H N N 56  
5EX H20  H N N 57  
5EX H21  H N N 58  
5EX H22  H N N 59  
5EX H24  H N N 60  
5EX H26  H N N 61  
5EX H27  H N N 62  
5EX H28  H N N 63  
5EX H29  H N N 64  
5EX H30  H N N 65  
5EX H31  H N N 66  
5EX H32  H N N 67  
5EX H33  H N N 68  
5EX H34  H N N 69  
5EX H35  H N N 70  
5EX H36  H N N 71  
5EX H37  H N N 72  
5EX H38  H N N 73  
ALA N    N N N 74  
ALA CA   C N S 75  
ALA C    C N N 76  
ALA O    O N N 77  
ALA CB   C N N 78  
ALA OXT  O N N 79  
ALA H    H N N 80  
ALA H2   H N N 81  
ALA HA   H N N 82  
ALA HB1  H N N 83  
ALA HB2  H N N 84  
ALA HB3  H N N 85  
ALA HXT  H N N 86  
ARG N    N N N 87  
ARG CA   C N S 88  
ARG C    C N N 89  
ARG O    O N N 90  
ARG CB   C N N 91  
ARG CG   C N N 92  
ARG CD   C N N 93  
ARG NE   N N N 94  
ARG CZ   C N N 95  
ARG NH1  N N N 96  
ARG NH2  N N N 97  
ARG OXT  O N N 98  
ARG H    H N N 99  
ARG H2   H N N 100 
ARG HA   H N N 101 
ARG HB2  H N N 102 
ARG HB3  H N N 103 
ARG HG2  H N N 104 
ARG HG3  H N N 105 
ARG HD2  H N N 106 
ARG HD3  H N N 107 
ARG HE   H N N 108 
ARG HH11 H N N 109 
ARG HH12 H N N 110 
ARG HH21 H N N 111 
ARG HH22 H N N 112 
ARG HXT  H N N 113 
ASN N    N N N 114 
ASN CA   C N S 115 
ASN C    C N N 116 
ASN O    O N N 117 
ASN CB   C N N 118 
ASN CG   C N N 119 
ASN OD1  O N N 120 
ASN ND2  N N N 121 
ASN OXT  O N N 122 
ASN H    H N N 123 
ASN H2   H N N 124 
ASN HA   H N N 125 
ASN HB2  H N N 126 
ASN HB3  H N N 127 
ASN HD21 H N N 128 
ASN HD22 H N N 129 
ASN HXT  H N N 130 
ASP N    N N N 131 
ASP CA   C N S 132 
ASP C    C N N 133 
ASP O    O N N 134 
ASP CB   C N N 135 
ASP CG   C N N 136 
ASP OD1  O N N 137 
ASP OD2  O N N 138 
ASP OXT  O N N 139 
ASP H    H N N 140 
ASP H2   H N N 141 
ASP HA   H N N 142 
ASP HB2  H N N 143 
ASP HB3  H N N 144 
ASP HD2  H N N 145 
ASP HXT  H N N 146 
CYS N    N N N 147 
CYS CA   C N R 148 
CYS C    C N N 149 
CYS O    O N N 150 
CYS CB   C N N 151 
CYS SG   S N N 152 
CYS OXT  O N N 153 
CYS H    H N N 154 
CYS H2   H N N 155 
CYS HA   H N N 156 
CYS HB2  H N N 157 
CYS HB3  H N N 158 
CYS HG   H N N 159 
CYS HXT  H N N 160 
GLN N    N N N 161 
GLN CA   C N S 162 
GLN C    C N N 163 
GLN O    O N N 164 
GLN CB   C N N 165 
GLN CG   C N N 166 
GLN CD   C N N 167 
GLN OE1  O N N 168 
GLN NE2  N N N 169 
GLN OXT  O N N 170 
GLN H    H N N 171 
GLN H2   H N N 172 
GLN HA   H N N 173 
GLN HB2  H N N 174 
GLN HB3  H N N 175 
GLN HG2  H N N 176 
GLN HG3  H N N 177 
GLN HE21 H N N 178 
GLN HE22 H N N 179 
GLN HXT  H N N 180 
GLU N    N N N 181 
GLU CA   C N S 182 
GLU C    C N N 183 
GLU O    O N N 184 
GLU CB   C N N 185 
GLU CG   C N N 186 
GLU CD   C N N 187 
GLU OE1  O N N 188 
GLU OE2  O N N 189 
GLU OXT  O N N 190 
GLU H    H N N 191 
GLU H2   H N N 192 
GLU HA   H N N 193 
GLU HB2  H N N 194 
GLU HB3  H N N 195 
GLU HG2  H N N 196 
GLU HG3  H N N 197 
GLU HE2  H N N 198 
GLU HXT  H N N 199 
GLY N    N N N 200 
GLY CA   C N N 201 
GLY C    C N N 202 
GLY O    O N N 203 
GLY OXT  O N N 204 
GLY H    H N N 205 
GLY H2   H N N 206 
GLY HA2  H N N 207 
GLY HA3  H N N 208 
GLY HXT  H N N 209 
HIS N    N N N 210 
HIS CA   C N S 211 
HIS C    C N N 212 
HIS O    O N N 213 
HIS CB   C N N 214 
HIS CG   C Y N 215 
HIS ND1  N Y N 216 
HIS CD2  C Y N 217 
HIS CE1  C Y N 218 
HIS NE2  N Y N 219 
HIS OXT  O N N 220 
HIS H    H N N 221 
HIS H2   H N N 222 
HIS HA   H N N 223 
HIS HB2  H N N 224 
HIS HB3  H N N 225 
HIS HD1  H N N 226 
HIS HD2  H N N 227 
HIS HE1  H N N 228 
HIS HE2  H N N 229 
HIS HXT  H N N 230 
HOH O    O N N 231 
HOH H1   H N N 232 
HOH H2   H N N 233 
ILE N    N N N 234 
ILE CA   C N S 235 
ILE C    C N N 236 
ILE O    O N N 237 
ILE CB   C N S 238 
ILE CG1  C N N 239 
ILE CG2  C N N 240 
ILE CD1  C N N 241 
ILE OXT  O N N 242 
ILE H    H N N 243 
ILE H2   H N N 244 
ILE HA   H N N 245 
ILE HB   H N N 246 
ILE HG12 H N N 247 
ILE HG13 H N N 248 
ILE HG21 H N N 249 
ILE HG22 H N N 250 
ILE HG23 H N N 251 
ILE HD11 H N N 252 
ILE HD12 H N N 253 
ILE HD13 H N N 254 
ILE HXT  H N N 255 
LEU N    N N N 256 
LEU CA   C N S 257 
LEU C    C N N 258 
LEU O    O N N 259 
LEU CB   C N N 260 
LEU CG   C N N 261 
LEU CD1  C N N 262 
LEU CD2  C N N 263 
LEU OXT  O N N 264 
LEU H    H N N 265 
LEU H2   H N N 266 
LEU HA   H N N 267 
LEU HB2  H N N 268 
LEU HB3  H N N 269 
LEU HG   H N N 270 
LEU HD11 H N N 271 
LEU HD12 H N N 272 
LEU HD13 H N N 273 
LEU HD21 H N N 274 
LEU HD22 H N N 275 
LEU HD23 H N N 276 
LEU HXT  H N N 277 
LYS N    N N N 278 
LYS CA   C N S 279 
LYS C    C N N 280 
LYS O    O N N 281 
LYS CB   C N N 282 
LYS CG   C N N 283 
LYS CD   C N N 284 
LYS CE   C N N 285 
LYS NZ   N N N 286 
LYS OXT  O N N 287 
LYS H    H N N 288 
LYS H2   H N N 289 
LYS HA   H N N 290 
LYS HB2  H N N 291 
LYS HB3  H N N 292 
LYS HG2  H N N 293 
LYS HG3  H N N 294 
LYS HD2  H N N 295 
LYS HD3  H N N 296 
LYS HE2  H N N 297 
LYS HE3  H N N 298 
LYS HZ1  H N N 299 
LYS HZ2  H N N 300 
LYS HZ3  H N N 301 
LYS HXT  H N N 302 
MET N    N N N 303 
MET CA   C N S 304 
MET C    C N N 305 
MET O    O N N 306 
MET CB   C N N 307 
MET CG   C N N 308 
MET SD   S N N 309 
MET CE   C N N 310 
MET OXT  O N N 311 
MET H    H N N 312 
MET H2   H N N 313 
MET HA   H N N 314 
MET HB2  H N N 315 
MET HB3  H N N 316 
MET HG2  H N N 317 
MET HG3  H N N 318 
MET HE1  H N N 319 
MET HE2  H N N 320 
MET HE3  H N N 321 
MET HXT  H N N 322 
PHE N    N N N 323 
PHE CA   C N S 324 
PHE C    C N N 325 
PHE O    O N N 326 
PHE CB   C N N 327 
PHE CG   C Y N 328 
PHE CD1  C Y N 329 
PHE CD2  C Y N 330 
PHE CE1  C Y N 331 
PHE CE2  C Y N 332 
PHE CZ   C Y N 333 
PHE OXT  O N N 334 
PHE H    H N N 335 
PHE H2   H N N 336 
PHE HA   H N N 337 
PHE HB2  H N N 338 
PHE HB3  H N N 339 
PHE HD1  H N N 340 
PHE HD2  H N N 341 
PHE HE1  H N N 342 
PHE HE2  H N N 343 
PHE HZ   H N N 344 
PHE HXT  H N N 345 
PRO N    N N N 346 
PRO CA   C N S 347 
PRO C    C N N 348 
PRO O    O N N 349 
PRO CB   C N N 350 
PRO CG   C N N 351 
PRO CD   C N N 352 
PRO OXT  O N N 353 
PRO H    H N N 354 
PRO HA   H N N 355 
PRO HB2  H N N 356 
PRO HB3  H N N 357 
PRO HG2  H N N 358 
PRO HG3  H N N 359 
PRO HD2  H N N 360 
PRO HD3  H N N 361 
PRO HXT  H N N 362 
SER N    N N N 363 
SER CA   C N S 364 
SER C    C N N 365 
SER O    O N N 366 
SER CB   C N N 367 
SER OG   O N N 368 
SER OXT  O N N 369 
SER H    H N N 370 
SER H2   H N N 371 
SER HA   H N N 372 
SER HB2  H N N 373 
SER HB3  H N N 374 
SER HG   H N N 375 
SER HXT  H N N 376 
THR N    N N N 377 
THR CA   C N S 378 
THR C    C N N 379 
THR O    O N N 380 
THR CB   C N R 381 
THR OG1  O N N 382 
THR CG2  C N N 383 
THR OXT  O N N 384 
THR H    H N N 385 
THR H2   H N N 386 
THR HA   H N N 387 
THR HB   H N N 388 
THR HG1  H N N 389 
THR HG21 H N N 390 
THR HG22 H N N 391 
THR HG23 H N N 392 
THR HXT  H N N 393 
TRP N    N N N 394 
TRP CA   C N S 395 
TRP C    C N N 396 
TRP O    O N N 397 
TRP CB   C N N 398 
TRP CG   C Y N 399 
TRP CD1  C Y N 400 
TRP CD2  C Y N 401 
TRP NE1  N Y N 402 
TRP CE2  C Y N 403 
TRP CE3  C Y N 404 
TRP CZ2  C Y N 405 
TRP CZ3  C Y N 406 
TRP CH2  C Y N 407 
TRP OXT  O N N 408 
TRP H    H N N 409 
TRP H2   H N N 410 
TRP HA   H N N 411 
TRP HB2  H N N 412 
TRP HB3  H N N 413 
TRP HD1  H N N 414 
TRP HE1  H N N 415 
TRP HE3  H N N 416 
TRP HZ2  H N N 417 
TRP HZ3  H N N 418 
TRP HH2  H N N 419 
TRP HXT  H N N 420 
TYR N    N N N 421 
TYR CA   C N S 422 
TYR C    C N N 423 
TYR O    O N N 424 
TYR CB   C N N 425 
TYR CG   C Y N 426 
TYR CD1  C Y N 427 
TYR CD2  C Y N 428 
TYR CE1  C Y N 429 
TYR CE2  C Y N 430 
TYR CZ   C Y N 431 
TYR OH   O N N 432 
TYR OXT  O N N 433 
TYR H    H N N 434 
TYR H2   H N N 435 
TYR HA   H N N 436 
TYR HB2  H N N 437 
TYR HB3  H N N 438 
TYR HD1  H N N 439 
TYR HD2  H N N 440 
TYR HE1  H N N 441 
TYR HE2  H N N 442 
TYR HH   H N N 443 
TYR HXT  H N N 444 
VAL N    N N N 445 
VAL CA   C N S 446 
VAL C    C N N 447 
VAL O    O N N 448 
VAL CB   C N N 449 
VAL CG1  C N N 450 
VAL CG2  C N N 451 
VAL OXT  O N N 452 
VAL H    H N N 453 
VAL H2   H N N 454 
VAL HA   H N N 455 
VAL HB   H N N 456 
VAL HG11 H N N 457 
VAL HG12 H N N 458 
VAL HG13 H N N 459 
VAL HG21 H N N 460 
VAL HG22 H N N 461 
VAL HG23 H N N 462 
VAL HXT  H N N 463 
# 
loop_
_chem_comp_bond.comp_id 
_chem_comp_bond.atom_id_1 
_chem_comp_bond.atom_id_2 
_chem_comp_bond.value_order 
_chem_comp_bond.pdbx_aromatic_flag 
_chem_comp_bond.pdbx_stereo_config 
_chem_comp_bond.pdbx_ordinal 
5EX O3  C16  doub N N 1   
5EX C16 C15  sing N N 2   
5EX C16 O2   sing N N 3   
5EX C19 C18  sing N N 4   
5EX C18 O2   sing N N 5   
5EX C15 C14  doub N Z 6   
5EX C14 C10  sing N N 7   
5EX C11 C10  sing N N 8   
5EX C11 C12  sing N N 9   
5EX C10 N    sing N N 10  
5EX O1  C13  doub N N 11  
5EX C13 C12  sing N N 12  
5EX C13 N1   sing N N 13  
5EX N   C17  sing N N 14  
5EX C12 C26  sing N N 15  
5EX C26 C25  sing N N 16  
5EX N1  C25  sing N N 17  
5EX O4  C17  doub N N 18  
5EX C17 C2   sing N N 19  
5EX C3  C2   sing N N 20  
5EX C3  C4   sing N N 21  
5EX C2  N2   sing N N 22  
5EX C4  C5   doub Y N 23  
5EX C4  C9   sing Y N 24  
5EX C5  C6   sing Y N 25  
5EX O21 C20  doub N N 26  
5EX C9  C8   doub Y N 27  
5EX N2  C20  sing N N 28  
5EX C20 C22  sing N N 29  
5EX C6  C7   doub Y N 30  
5EX C8  C7   sing Y N 31  
5EX C22 O5   doub N N 32  
5EX C22 N6   sing N N 33  
5EX C21 N6   sing N N 34  
5EX C21 C23  sing N N 35  
5EX C23 C24  sing N N 36  
5EX C23 C28  sing N N 37  
5EX C24 C27  sing N N 38  
5EX C27 C28  sing N N 39  
5EX C23 H1   sing N N 40  
5EX C21 H2   sing N N 41  
5EX C21 H3   sing N N 42  
5EX C24 H4   sing N N 43  
5EX C24 H5   sing N N 44  
5EX C26 H6   sing N N 45  
5EX C26 H7   sing N N 46  
5EX C27 H8   sing N N 47  
5EX C27 H9   sing N N 48  
5EX C18 H10  sing N N 49  
5EX C18 H11  sing N N 50  
5EX C10 H12  sing N N 51  
5EX C7  H13  sing N N 52  
5EX C5  H14  sing N N 53  
5EX C6  H15  sing N N 54  
5EX C2  H16  sing N N 55  
5EX C3  H17  sing N N 56  
5EX C3  H18  sing N N 57  
5EX C11 H19  sing N N 58  
5EX C11 H20  sing N N 59  
5EX C12 H21  sing N N 60  
5EX C14 H22  sing N N 61  
5EX C15 H24  sing N N 62  
5EX C8  H26  sing N N 63  
5EX C9  H27  sing N N 64  
5EX N1  H28  sing N N 65  
5EX C19 H29  sing N N 66  
5EX C19 H30  sing N N 67  
5EX C19 H31  sing N N 68  
5EX N2  H32  sing N N 69  
5EX C25 H33  sing N N 70  
5EX C25 H34  sing N N 71  
5EX N   H35  sing N N 72  
5EX N6  H36  sing N N 73  
5EX C28 H37  sing N N 74  
5EX C28 H38  sing N N 75  
ALA N   CA   sing N N 76  
ALA N   H    sing N N 77  
ALA N   H2   sing N N 78  
ALA CA  C    sing N N 79  
ALA CA  CB   sing N N 80  
ALA CA  HA   sing N N 81  
ALA C   O    doub N N 82  
ALA C   OXT  sing N N 83  
ALA CB  HB1  sing N N 84  
ALA CB  HB2  sing N N 85  
ALA CB  HB3  sing N N 86  
ALA OXT HXT  sing N N 87  
ARG N   CA   sing N N 88  
ARG N   H    sing N N 89  
ARG N   H2   sing N N 90  
ARG CA  C    sing N N 91  
ARG CA  CB   sing N N 92  
ARG CA  HA   sing N N 93  
ARG C   O    doub N N 94  
ARG C   OXT  sing N N 95  
ARG CB  CG   sing N N 96  
ARG CB  HB2  sing N N 97  
ARG CB  HB3  sing N N 98  
ARG CG  CD   sing N N 99  
ARG CG  HG2  sing N N 100 
ARG CG  HG3  sing N N 101 
ARG CD  NE   sing N N 102 
ARG CD  HD2  sing N N 103 
ARG CD  HD3  sing N N 104 
ARG NE  CZ   sing N N 105 
ARG NE  HE   sing N N 106 
ARG CZ  NH1  sing N N 107 
ARG CZ  NH2  doub N N 108 
ARG NH1 HH11 sing N N 109 
ARG NH1 HH12 sing N N 110 
ARG NH2 HH21 sing N N 111 
ARG NH2 HH22 sing N N 112 
ARG OXT HXT  sing N N 113 
ASN N   CA   sing N N 114 
ASN N   H    sing N N 115 
ASN N   H2   sing N N 116 
ASN CA  C    sing N N 117 
ASN CA  CB   sing N N 118 
ASN CA  HA   sing N N 119 
ASN C   O    doub N N 120 
ASN C   OXT  sing N N 121 
ASN CB  CG   sing N N 122 
ASN CB  HB2  sing N N 123 
ASN CB  HB3  sing N N 124 
ASN CG  OD1  doub N N 125 
ASN CG  ND2  sing N N 126 
ASN ND2 HD21 sing N N 127 
ASN ND2 HD22 sing N N 128 
ASN OXT HXT  sing N N 129 
ASP N   CA   sing N N 130 
ASP N   H    sing N N 131 
ASP N   H2   sing N N 132 
ASP CA  C    sing N N 133 
ASP CA  CB   sing N N 134 
ASP CA  HA   sing N N 135 
ASP C   O    doub N N 136 
ASP C   OXT  sing N N 137 
ASP CB  CG   sing N N 138 
ASP CB  HB2  sing N N 139 
ASP CB  HB3  sing N N 140 
ASP CG  OD1  doub N N 141 
ASP CG  OD2  sing N N 142 
ASP OD2 HD2  sing N N 143 
ASP OXT HXT  sing N N 144 
CYS N   CA   sing N N 145 
CYS N   H    sing N N 146 
CYS N   H2   sing N N 147 
CYS CA  C    sing N N 148 
CYS CA  CB   sing N N 149 
CYS CA  HA   sing N N 150 
CYS C   O    doub N N 151 
CYS C   OXT  sing N N 152 
CYS CB  SG   sing N N 153 
CYS CB  HB2  sing N N 154 
CYS CB  HB3  sing N N 155 
CYS SG  HG   sing N N 156 
CYS OXT HXT  sing N N 157 
GLN N   CA   sing N N 158 
GLN N   H    sing N N 159 
GLN N   H2   sing N N 160 
GLN CA  C    sing N N 161 
GLN CA  CB   sing N N 162 
GLN CA  HA   sing N N 163 
GLN C   O    doub N N 164 
GLN C   OXT  sing N N 165 
GLN CB  CG   sing N N 166 
GLN CB  HB2  sing N N 167 
GLN CB  HB3  sing N N 168 
GLN CG  CD   sing N N 169 
GLN CG  HG2  sing N N 170 
GLN CG  HG3  sing N N 171 
GLN CD  OE1  doub N N 172 
GLN CD  NE2  sing N N 173 
GLN NE2 HE21 sing N N 174 
GLN NE2 HE22 sing N N 175 
GLN OXT HXT  sing N N 176 
GLU N   CA   sing N N 177 
GLU N   H    sing N N 178 
GLU N   H2   sing N N 179 
GLU CA  C    sing N N 180 
GLU CA  CB   sing N N 181 
GLU CA  HA   sing N N 182 
GLU C   O    doub N N 183 
GLU C   OXT  sing N N 184 
GLU CB  CG   sing N N 185 
GLU CB  HB2  sing N N 186 
GLU CB  HB3  sing N N 187 
GLU CG  CD   sing N N 188 
GLU CG  HG2  sing N N 189 
GLU CG  HG3  sing N N 190 
GLU CD  OE1  doub N N 191 
GLU CD  OE2  sing N N 192 
GLU OE2 HE2  sing N N 193 
GLU OXT HXT  sing N N 194 
GLY N   CA   sing N N 195 
GLY N   H    sing N N 196 
GLY N   H2   sing N N 197 
GLY CA  C    sing N N 198 
GLY CA  HA2  sing N N 199 
GLY CA  HA3  sing N N 200 
GLY C   O    doub N N 201 
GLY C   OXT  sing N N 202 
GLY OXT HXT  sing N N 203 
HIS N   CA   sing N N 204 
HIS N   H    sing N N 205 
HIS N   H2   sing N N 206 
HIS CA  C    sing N N 207 
HIS CA  CB   sing N N 208 
HIS CA  HA   sing N N 209 
HIS C   O    doub N N 210 
HIS C   OXT  sing N N 211 
HIS CB  CG   sing N N 212 
HIS CB  HB2  sing N N 213 
HIS CB  HB3  sing N N 214 
HIS CG  ND1  sing Y N 215 
HIS CG  CD2  doub Y N 216 
HIS ND1 CE1  doub Y N 217 
HIS ND1 HD1  sing N N 218 
HIS CD2 NE2  sing Y N 219 
HIS CD2 HD2  sing N N 220 
HIS CE1 NE2  sing Y N 221 
HIS CE1 HE1  sing N N 222 
HIS NE2 HE2  sing N N 223 
HIS OXT HXT  sing N N 224 
HOH O   H1   sing N N 225 
HOH O   H2   sing N N 226 
ILE N   CA   sing N N 227 
ILE N   H    sing N N 228 
ILE N   H2   sing N N 229 
ILE CA  C    sing N N 230 
ILE CA  CB   sing N N 231 
ILE CA  HA   sing N N 232 
ILE C   O    doub N N 233 
ILE C   OXT  sing N N 234 
ILE CB  CG1  sing N N 235 
ILE CB  CG2  sing N N 236 
ILE CB  HB   sing N N 237 
ILE CG1 CD1  sing N N 238 
ILE CG1 HG12 sing N N 239 
ILE CG1 HG13 sing N N 240 
ILE CG2 HG21 sing N N 241 
ILE CG2 HG22 sing N N 242 
ILE CG2 HG23 sing N N 243 
ILE CD1 HD11 sing N N 244 
ILE CD1 HD12 sing N N 245 
ILE CD1 HD13 sing N N 246 
ILE OXT HXT  sing N N 247 
LEU N   CA   sing N N 248 
LEU N   H    sing N N 249 
LEU N   H2   sing N N 250 
LEU CA  C    sing N N 251 
LEU CA  CB   sing N N 252 
LEU CA  HA   sing N N 253 
LEU C   O    doub N N 254 
LEU C   OXT  sing N N 255 
LEU CB  CG   sing N N 256 
LEU CB  HB2  sing N N 257 
LEU CB  HB3  sing N N 258 
LEU CG  CD1  sing N N 259 
LEU CG  CD2  sing N N 260 
LEU CG  HG   sing N N 261 
LEU CD1 HD11 sing N N 262 
LEU CD1 HD12 sing N N 263 
LEU CD1 HD13 sing N N 264 
LEU CD2 HD21 sing N N 265 
LEU CD2 HD22 sing N N 266 
LEU CD2 HD23 sing N N 267 
LEU OXT HXT  sing N N 268 
LYS N   CA   sing N N 269 
LYS N   H    sing N N 270 
LYS N   H2   sing N N 271 
LYS CA  C    sing N N 272 
LYS CA  CB   sing N N 273 
LYS CA  HA   sing N N 274 
LYS C   O    doub N N 275 
LYS C   OXT  sing N N 276 
LYS CB  CG   sing N N 277 
LYS CB  HB2  sing N N 278 
LYS CB  HB3  sing N N 279 
LYS CG  CD   sing N N 280 
LYS CG  HG2  sing N N 281 
LYS CG  HG3  sing N N 282 
LYS CD  CE   sing N N 283 
LYS CD  HD2  sing N N 284 
LYS CD  HD3  sing N N 285 
LYS CE  NZ   sing N N 286 
LYS CE  HE2  sing N N 287 
LYS CE  HE3  sing N N 288 
LYS NZ  HZ1  sing N N 289 
LYS NZ  HZ2  sing N N 290 
LYS NZ  HZ3  sing N N 291 
LYS OXT HXT  sing N N 292 
MET N   CA   sing N N 293 
MET N   H    sing N N 294 
MET N   H2   sing N N 295 
MET CA  C    sing N N 296 
MET CA  CB   sing N N 297 
MET CA  HA   sing N N 298 
MET C   O    doub N N 299 
MET C   OXT  sing N N 300 
MET CB  CG   sing N N 301 
MET CB  HB2  sing N N 302 
MET CB  HB3  sing N N 303 
MET CG  SD   sing N N 304 
MET CG  HG2  sing N N 305 
MET CG  HG3  sing N N 306 
MET SD  CE   sing N N 307 
MET CE  HE1  sing N N 308 
MET CE  HE2  sing N N 309 
MET CE  HE3  sing N N 310 
MET OXT HXT  sing N N 311 
PHE N   CA   sing N N 312 
PHE N   H    sing N N 313 
PHE N   H2   sing N N 314 
PHE CA  C    sing N N 315 
PHE CA  CB   sing N N 316 
PHE CA  HA   sing N N 317 
PHE C   O    doub N N 318 
PHE C   OXT  sing N N 319 
PHE CB  CG   sing N N 320 
PHE CB  HB2  sing N N 321 
PHE CB  HB3  sing N N 322 
PHE CG  CD1  doub Y N 323 
PHE CG  CD2  sing Y N 324 
PHE CD1 CE1  sing Y N 325 
PHE CD1 HD1  sing N N 326 
PHE CD2 CE2  doub Y N 327 
PHE CD2 HD2  sing N N 328 
PHE CE1 CZ   doub Y N 329 
PHE CE1 HE1  sing N N 330 
PHE CE2 CZ   sing Y N 331 
PHE CE2 HE2  sing N N 332 
PHE CZ  HZ   sing N N 333 
PHE OXT HXT  sing N N 334 
PRO N   CA   sing N N 335 
PRO N   CD   sing N N 336 
PRO N   H    sing N N 337 
PRO CA  C    sing N N 338 
PRO CA  CB   sing N N 339 
PRO CA  HA   sing N N 340 
PRO C   O    doub N N 341 
PRO C   OXT  sing N N 342 
PRO CB  CG   sing N N 343 
PRO CB  HB2  sing N N 344 
PRO CB  HB3  sing N N 345 
PRO CG  CD   sing N N 346 
PRO CG  HG2  sing N N 347 
PRO CG  HG3  sing N N 348 
PRO CD  HD2  sing N N 349 
PRO CD  HD3  sing N N 350 
PRO OXT HXT  sing N N 351 
SER N   CA   sing N N 352 
SER N   H    sing N N 353 
SER N   H2   sing N N 354 
SER CA  C    sing N N 355 
SER CA  CB   sing N N 356 
SER CA  HA   sing N N 357 
SER C   O    doub N N 358 
SER C   OXT  sing N N 359 
SER CB  OG   sing N N 360 
SER CB  HB2  sing N N 361 
SER CB  HB3  sing N N 362 
SER OG  HG   sing N N 363 
SER OXT HXT  sing N N 364 
THR N   CA   sing N N 365 
THR N   H    sing N N 366 
THR N   H2   sing N N 367 
THR CA  C    sing N N 368 
THR CA  CB   sing N N 369 
THR CA  HA   sing N N 370 
THR C   O    doub N N 371 
THR C   OXT  sing N N 372 
THR CB  OG1  sing N N 373 
THR CB  CG2  sing N N 374 
THR CB  HB   sing N N 375 
THR OG1 HG1  sing N N 376 
THR CG2 HG21 sing N N 377 
THR CG2 HG22 sing N N 378 
THR CG2 HG23 sing N N 379 
THR OXT HXT  sing N N 380 
TRP N   CA   sing N N 381 
TRP N   H    sing N N 382 
TRP N   H2   sing N N 383 
TRP CA  C    sing N N 384 
TRP CA  CB   sing N N 385 
TRP CA  HA   sing N N 386 
TRP C   O    doub N N 387 
TRP C   OXT  sing N N 388 
TRP CB  CG   sing N N 389 
TRP CB  HB2  sing N N 390 
TRP CB  HB3  sing N N 391 
TRP CG  CD1  doub Y N 392 
TRP CG  CD2  sing Y N 393 
TRP CD1 NE1  sing Y N 394 
TRP CD1 HD1  sing N N 395 
TRP CD2 CE2  doub Y N 396 
TRP CD2 CE3  sing Y N 397 
TRP NE1 CE2  sing Y N 398 
TRP NE1 HE1  sing N N 399 
TRP CE2 CZ2  sing Y N 400 
TRP CE3 CZ3  doub Y N 401 
TRP CE3 HE3  sing N N 402 
TRP CZ2 CH2  doub Y N 403 
TRP CZ2 HZ2  sing N N 404 
TRP CZ3 CH2  sing Y N 405 
TRP CZ3 HZ3  sing N N 406 
TRP CH2 HH2  sing N N 407 
TRP OXT HXT  sing N N 408 
TYR N   CA   sing N N 409 
TYR N   H    sing N N 410 
TYR N   H2   sing N N 411 
TYR CA  C    sing N N 412 
TYR CA  CB   sing N N 413 
TYR CA  HA   sing N N 414 
TYR C   O    doub N N 415 
TYR C   OXT  sing N N 416 
TYR CB  CG   sing N N 417 
TYR CB  HB2  sing N N 418 
TYR CB  HB3  sing N N 419 
TYR CG  CD1  doub Y N 420 
TYR CG  CD2  sing Y N 421 
TYR CD1 CE1  sing Y N 422 
TYR CD1 HD1  sing N N 423 
TYR CD2 CE2  doub Y N 424 
TYR CD2 HD2  sing N N 425 
TYR CE1 CZ   doub Y N 426 
TYR CE1 HE1  sing N N 427 
TYR CE2 CZ   sing Y N 428 
TYR CE2 HE2  sing N N 429 
TYR CZ  OH   sing N N 430 
TYR OH  HH   sing N N 431 
TYR OXT HXT  sing N N 432 
VAL N   CA   sing N N 433 
VAL N   H    sing N N 434 
VAL N   H2   sing N N 435 
VAL CA  C    sing N N 436 
VAL CA  CB   sing N N 437 
VAL CA  HA   sing N N 438 
VAL C   O    doub N N 439 
VAL C   OXT  sing N N 440 
VAL CB  CG1  sing N N 441 
VAL CB  CG2  sing N N 442 
VAL CB  HB   sing N N 443 
VAL CG1 HG11 sing N N 444 
VAL CG1 HG12 sing N N 445 
VAL CG1 HG13 sing N N 446 
VAL CG2 HG21 sing N N 447 
VAL CG2 HG22 sing N N 448 
VAL CG2 HG23 sing N N 449 
VAL OXT HXT  sing N N 450 
# 
_pdbx_initial_refinement_model.id               1 
_pdbx_initial_refinement_model.entity_id_list   ? 
_pdbx_initial_refinement_model.type             'experimental model' 
_pdbx_initial_refinement_model.source_name      PDB 
_pdbx_initial_refinement_model.accession_code   4GHQ 
_pdbx_initial_refinement_model.details          ? 
# 
_atom_sites.entry_id                    5DP9 
_atom_sites.fract_transf_matrix[1][1]   -0.00833197 
_atom_sites.fract_transf_matrix[1][2]   -0.00387265 
_atom_sites.fract_transf_matrix[1][3]   -0.01259975 
_atom_sites.fract_transf_matrix[2][1]   -0.00138737 
_atom_sites.fract_transf_matrix[2][2]   0.01482592 
_atom_sites.fract_transf_matrix[2][3]   -0.00363944 
_atom_sites.fract_transf_matrix[3][1]   0.01105168 
_atom_sites.fract_transf_matrix[3][2]   -0.00070653 
_atom_sites.fract_transf_matrix[3][3]   -0.00709110 
_atom_sites.fract_transf_vector[1]      -0.197248 
_atom_sites.fract_transf_vector[2]      -0.254625 
_atom_sites.fract_transf_vector[3]      -0.122875 
# 
loop_
_atom_type.symbol 
C 
N 
O 
S 
# 
loop_
_atom_site.group_PDB 
_atom_site.id 
_atom_site.type_symbol 
_atom_site.label_atom_id 
_atom_site.label_alt_id 
_atom_site.label_comp_id 
_atom_site.label_asym_id 
_atom_site.label_entity_id 
_atom_site.label_seq_id 
_atom_site.pdbx_PDB_ins_code 
_atom_site.Cartn_x 
_atom_site.Cartn_y 
_atom_site.Cartn_z 
_atom_site.occupancy 
_atom_site.B_iso_or_equiv 
_atom_site.pdbx_formal_charge 
_atom_site.auth_seq_id 
_atom_site.auth_comp_id 
_atom_site.auth_asym_id 
_atom_site.auth_atom_id 
_atom_site.pdbx_PDB_model_num 
ATOM   1    N N   . MET A 1 1   ? -20.266 -16.994 3.230   1.00 50.68 ? 0   MET A N   1 
ATOM   2    C CA  . MET A 1 1   ? -19.268 -16.346 2.323   1.00 49.89 ? 0   MET A CA  1 
ATOM   3    C C   . MET A 1 1   ? -17.909 -17.035 2.373   1.00 48.83 ? 0   MET A C   1 
ATOM   4    O O   . MET A 1 1   ? -17.456 -17.482 3.428   1.00 49.56 ? 0   MET A O   1 
ATOM   5    C CB  . MET A 1 1   ? -19.109 -14.867 2.683   1.00 51.41 ? 0   MET A CB  1 
ATOM   6    C CG  . MET A 1 1   ? -17.990 -14.135 1.947   1.00 51.84 ? 0   MET A CG  1 
ATOM   7    S SD  . MET A 1 1   ? -17.369 -12.754 2.909   1.00 51.63 ? 0   MET A SD  1 
ATOM   8    C CE  . MET A 1 1   ? -18.890 -11.894 3.309   1.00 49.23 ? 0   MET A CE  1 
ATOM   9    N N   . GLY A 1 2   ? -17.247 -17.090 1.222   1.00 46.06 ? 1   GLY A N   1 
ATOM   10   C CA  . GLY A 1 2   ? -15.948 -17.725 1.119   1.00 43.90 ? 1   GLY A CA  1 
ATOM   11   C C   . GLY A 1 2   ? -14.827 -16.921 1.752   1.00 42.69 ? 1   GLY A C   1 
ATOM   12   O O   . GLY A 1 2   ? -15.017 -15.754 2.117   1.00 42.88 ? 1   GLY A O   1 
ATOM   13   N N   . PRO A 1 3   ? -13.639 -17.531 1.843   1.00 40.53 ? 2   PRO A N   1 
ATOM   14   C CA  . PRO A 1 3   ? -12.531 -17.068 2.669   1.00 39.85 ? 2   PRO A CA  1 
ATOM   15   C C   . PRO A 1 3   ? -11.592 -16.014 2.059   1.00 37.34 ? 2   PRO A C   1 
ATOM   16   O O   . PRO A 1 3   ? -10.983 -15.239 2.812   1.00 33.36 ? 2   PRO A O   1 
ATOM   17   C CB  . PRO A 1 3   ? -11.765 -18.363 2.947   1.00 39.51 ? 2   PRO A CB  1 
ATOM   18   C CG  . PRO A 1 3   ? -11.994 -19.200 1.729   1.00 39.77 ? 2   PRO A CG  1 
ATOM   19   C CD  . PRO A 1 3   ? -13.303 -18.775 1.122   1.00 41.02 ? 2   PRO A CD  1 
ATOM   20   N N   . SER A 1 4   ? -11.450 -15.986 0.731   1.00 34.98 ? 3   SER A N   1 
ATOM   21   C CA  . SER A 1 4   ? -10.610 -14.962 0.073   1.00 33.59 ? 3   SER A CA  1 
ATOM   22   C C   . SER A 1 4   ? -11.327 -13.598 0.118   1.00 30.85 ? 3   SER A C   1 
ATOM   23   O O   . SER A 1 4   ? -10.737 -12.558 0.399   1.00 30.60 ? 3   SER A O   1 
ATOM   24   C CB  . SER A 1 4   ? -10.285 -15.342 -1.394  1.00 34.75 ? 3   SER A CB  1 
ATOM   25   O OG  . SER A 1 4   ? -8.893  -15.577 -1.630  1.00 35.62 ? 3   SER A OG  1 
ATOM   26   N N   . LEU A 1 5   ? -12.615 -13.625 -0.169  1.00 29.78 ? 4   LEU A N   1 
ATOM   27   C CA  . LEU A 1 5   ? -13.443 -12.440 -0.096  1.00 28.08 ? 4   LEU A CA  1 
ATOM   28   C C   . LEU A 1 5   ? -13.631 -11.945 1.338   1.00 27.16 ? 4   LEU A C   1 
ATOM   29   O O   . LEU A 1 5   ? -13.774 -10.750 1.557   1.00 26.63 ? 4   LEU A O   1 
ATOM   30   C CB  . LEU A 1 5   ? -14.821 -12.729 -0.697  1.00 27.91 ? 4   LEU A CB  1 
ATOM   31   C CG  . LEU A 1 5   ? -15.841 -11.586 -0.674  1.00 27.61 ? 4   LEU A CG  1 
ATOM   32   C CD1 . LEU A 1 5   ? -15.323 -10.414 -1.484  1.00 26.75 ? 4   LEU A CD1 1 
ATOM   33   C CD2 . LEU A 1 5   ? -17.191 -12.030 -1.216  1.00 28.06 ? 4   LEU A CD2 1 
ATOM   34   N N   . ASP A 1 6   ? -13.662 -12.873 2.285   1.00 27.21 ? 5   ASP A N   1 
ATOM   35   C CA  . ASP A 1 6   ? -13.783 -12.557 3.719   1.00 28.40 ? 5   ASP A CA  1 
ATOM   36   C C   . ASP A 1 6   ? -12.544 -11.831 4.228   1.00 28.20 ? 5   ASP A C   1 
ATOM   37   O O   . ASP A 1 6   ? -12.642 -10.852 4.980   1.00 31.32 ? 5   ASP A O   1 
ATOM   38   C CB  . ASP A 1 6   ? -13.939 -13.853 4.501   1.00 29.84 ? 5   ASP A CB  1 
ATOM   39   C CG  . ASP A 1 6   ? -14.088 -13.624 5.971   1.00 31.28 ? 5   ASP A CG  1 
ATOM   40   O OD1 . ASP A 1 6   ? -15.152 -13.103 6.368   1.00 34.73 ? 5   ASP A OD1 1 
ATOM   41   O OD2 . ASP A 1 6   ? -13.137 -13.962 6.723   1.00 32.40 ? 5   ASP A OD2 1 
ATOM   42   N N   . PHE A 1 7   ? -11.376 -12.335 3.841   1.00 27.49 ? 6   PHE A N   1 
ATOM   43   C CA  . PHE A 1 7   ? -10.115 -11.676 4.176   1.00 26.32 ? 6   PHE A CA  1 
ATOM   44   C C   . PHE A 1 7   ? -10.005 -10.275 3.514   1.00 24.58 ? 6   PHE A C   1 
ATOM   45   O O   . PHE A 1 7   ? -9.590  -9.321  4.172   1.00 21.96 ? 6   PHE A O   1 
ATOM   46   C CB  . PHE A 1 7   ? -8.952  -12.594 3.827   1.00 26.57 ? 6   PHE A CB  1 
ATOM   47   C CG  . PHE A 1 7   ? -7.601  -12.055 4.207   1.00 25.55 ? 6   PHE A CG  1 
ATOM   48   C CD1 . PHE A 1 7   ? -7.124  -12.167 5.509   1.00 25.49 ? 6   PHE A CD1 1 
ATOM   49   C CD2 . PHE A 1 7   ? -6.792  -11.470 3.261   1.00 25.73 ? 6   PHE A CD2 1 
ATOM   50   C CE1 . PHE A 1 7   ? -5.868  -11.692 5.852   1.00 25.67 ? 6   PHE A CE1 1 
ATOM   51   C CE2 . PHE A 1 7   ? -5.527  -11.002 3.594   1.00 25.81 ? 6   PHE A CE2 1 
ATOM   52   C CZ  . PHE A 1 7   ? -5.057  -11.117 4.889   1.00 26.28 ? 6   PHE A CZ  1 
ATOM   53   N N   . ALA A 1 8   ? -10.420 -10.130 2.248   1.00 24.83 ? 7   ALA A N   1 
ATOM   54   C CA  . ALA A 1 8   ? -10.371 -8.832  1.544   1.00 24.14 ? 7   ALA A CA  1 
ATOM   55   C C   . ALA A 1 8   ? -11.327 -7.796  2.138   1.00 24.46 ? 7   ALA A C   1 
ATOM   56   O O   . ALA A 1 8   ? -10.978 -6.621  2.322   1.00 25.14 ? 7   ALA A O   1 
ATOM   57   C CB  . ALA A 1 8   ? -10.664 -9.024  0.064   1.00 23.38 ? 7   ALA A CB  1 
ATOM   58   N N   . LEU A 1 9   ? -12.530 -8.238  2.458   1.00 24.03 ? 8   LEU A N   1 
ATOM   59   C CA  . LEU A 1 9   ? -13.486 -7.382  3.144   1.00 23.53 ? 8   LEU A CA  1 
ATOM   60   C C   . LEU A 1 9   ? -13.033 -7.064  4.581   1.00 25.13 ? 8   LEU A C   1 
ATOM   61   O O   . LEU A 1 9   ? -13.283 -5.973  5.119   1.00 24.54 ? 8   LEU A O   1 
ATOM   62   C CB  . LEU A 1 9   ? -14.866 -8.036  3.116   1.00 23.69 ? 8   LEU A CB  1 
ATOM   63   C CG  . LEU A 1 9   ? -15.513 -8.155  1.726   1.00 22.36 ? 8   LEU A CG  1 
ATOM   64   C CD1 . LEU A 1 9   ? -16.788 -8.974  1.820   1.00 22.30 ? 8   LEU A CD1 1 
ATOM   65   C CD2 . LEU A 1 9   ? -15.826 -6.794  1.132   1.00 21.92 ? 8   LEU A CD2 1 
ATOM   66   N N   . SER A 1 10  ? -12.361 -8.011  5.205   1.00 26.58 ? 9   SER A N   1 
ATOM   67   C CA  . SER A 1 10  ? -11.866 -7.754  6.535   1.00 28.52 ? 9   SER A CA  1 
ATOM   68   C C   . SER A 1 10  ? -10.720 -6.741  6.492   1.00 28.17 ? 9   SER A C   1 
ATOM   69   O O   . SER A 1 10  ? -10.664 -5.859  7.340   1.00 30.32 ? 9   SER A O   1 
ATOM   70   C CB  . SER A 1 10  ? -11.472 -9.042  7.233   1.00 28.10 ? 9   SER A CB  1 
ATOM   71   O OG  . SER A 1 10  ? -11.115 -8.745  8.565   1.00 31.19 ? 9   SER A OG  1 
ATOM   72   N N   . LEU A 1 11  ? -9.839  -6.837  5.495   1.00 27.22 ? 10  LEU A N   1 
ATOM   73   C CA  . LEU A 1 11  ? -8.847  -5.775  5.258   1.00 28.28 ? 10  LEU A CA  1 
ATOM   74   C C   . LEU A 1 11  ? -9.487  -4.365  5.192   1.00 27.31 ? 10  LEU A C   1 
ATOM   75   O O   . LEU A 1 11  ? -9.063  -3.443  5.903   1.00 26.91 ? 10  LEU A O   1 
ATOM   76   C CB  . LEU A 1 11  ? -8.040  -6.042  3.978   1.00 28.98 ? 10  LEU A CB  1 
ATOM   77   C CG  . LEU A 1 11  ? -6.846  -6.982  4.040   1.00 30.97 ? 10  LEU A CG  1 
ATOM   78   C CD1 . LEU A 1 11  ? -6.239  -7.111  2.652   1.00 31.57 ? 10  LEU A CD1 1 
ATOM   79   C CD2 . LEU A 1 11  ? -5.795  -6.463  5.012   1.00 30.06 ? 10  LEU A CD2 1 
ATOM   80   N N   . LEU A 1 12  ? -10.512 -4.218  4.358   1.00 26.14 ? 11  LEU A N   1 
ATOM   81   C CA  . LEU A 1 12  ? -11.214 -2.958  4.153   1.00 24.64 ? 11  LEU A CA  1 
ATOM   82   C C   . LEU A 1 12  ? -11.795 -2.390  5.440   1.00 25.67 ? 11  LEU A C   1 
ATOM   83   O O   . LEU A 1 12  ? -11.778 -1.175  5.676   1.00 28.45 ? 11  LEU A O   1 
ATOM   84   C CB  . LEU A 1 12  ? -12.366 -3.165  3.161   1.00 24.34 ? 11  LEU A CB  1 
ATOM   85   C CG  . LEU A 1 12  ? -12.015 -3.202  1.662   1.00 23.00 ? 11  LEU A CG  1 
ATOM   86   C CD1 . LEU A 1 12  ? -13.277 -3.581  0.910   1.00 24.22 ? 11  LEU A CD1 1 
ATOM   87   C CD2 . LEU A 1 12  ? -11.482 -1.880  1.127   1.00 23.07 ? 11  LEU A CD2 1 
ATOM   88   N N   . ARG A 1 13  ? -12.370 -3.284  6.218   1.00 25.86 ? 12  ARG A N   1 
ATOM   89   C CA  . ARG A 1 13  ? -13.051 -2.938  7.444   1.00 26.72 ? 12  ARG A CA  1 
ATOM   90   C C   . ARG A 1 13  ? -12.047 -2.472  8.510   1.00 24.75 ? 12  ARG A C   1 
ATOM   91   O O   . ARG A 1 13  ? -12.260 -1.430  9.151   1.00 24.12 ? 12  ARG A O   1 
ATOM   92   C CB  . ARG A 1 13  ? -13.833 -4.164  7.939   1.00 27.22 ? 12  ARG A CB  1 
ATOM   93   C CG  . ARG A 1 13  ? -14.738 -3.880  9.115   1.00 29.47 ? 12  ARG A CG  1 
ATOM   94   C CD  . ARG A 1 13  ? -15.575 -5.094  9.475   1.00 30.78 ? 12  ARG A CD  1 
ATOM   95   N NE  . ARG A 1 13  ? -14.806 -6.100  10.205  1.00 31.96 ? 12  ARG A NE  1 
ATOM   96   C CZ  . ARG A 1 13  ? -14.429 -7.289  9.739   1.00 32.12 ? 12  ARG A CZ  1 
ATOM   97   N NH1 . ARG A 1 13  ? -14.719 -7.703  8.505   1.00 33.54 ? 12  ARG A NH1 1 
ATOM   98   N NH2 . ARG A 1 13  ? -13.751 -8.091  10.531  1.00 31.92 ? 12  ARG A NH2 1 
ATOM   99   N N   . ARG A 1 14  ? -10.969 -3.241  8.698   1.00 23.25 ? 13  ARG A N   1 
ATOM   100  C CA  A ARG A 1 14  ? -10.042 -3.024  9.817   0.50 22.92 ? 13  ARG A CA  1 
ATOM   101  C CA  B ARG A 1 14  ? -10.042 -3.028  9.804   0.50 23.57 ? 13  ARG A CA  1 
ATOM   102  C C   . ARG A 1 14  ? -8.755  -2.287  9.431   1.00 22.45 ? 13  ARG A C   1 
ATOM   103  O O   . ARG A 1 14  ? -8.176  -1.629  10.250  1.00 21.17 ? 13  ARG A O   1 
ATOM   104  C CB  A ARG A 1 14  ? -9.638  -4.352  10.485  0.50 23.02 ? 13  ARG A CB  1 
ATOM   105  C CB  B ARG A 1 14  ? -9.670  -4.371  10.440  0.50 24.63 ? 13  ARG A CB  1 
ATOM   106  C CG  A ARG A 1 14  ? -10.759 -5.303  10.888  0.50 22.95 ? 13  ARG A CG  1 
ATOM   107  C CG  B ARG A 1 14  ? -10.822 -5.132  11.075  0.50 25.51 ? 13  ARG A CG  1 
ATOM   108  C CD  A ARG A 1 14  ? -11.333 -5.032  12.270  0.50 22.67 ? 13  ARG A CD  1 
ATOM   109  C CD  B ARG A 1 14  ? -10.465 -5.496  12.503  0.50 26.30 ? 13  ARG A CD  1 
ATOM   110  N NE  A ARG A 1 14  ? -10.625 -5.708  13.357  0.50 22.59 ? 13  ARG A NE  1 
ATOM   111  N NE  B ARG A 1 14  ? -10.248 -4.271  13.260  0.50 26.89 ? 13  ARG A NE  1 
ATOM   112  C CZ  A ARG A 1 14  ? -10.759 -6.995  13.656  0.50 22.19 ? 13  ARG A CZ  1 
ATOM   113  C CZ  B ARG A 1 14  ? -9.718  -4.213  14.470  0.50 27.80 ? 13  ARG A CZ  1 
ATOM   114  N NH1 A ARG A 1 14  ? -11.554 -7.768  12.931  0.50 22.52 ? 13  ARG A NH1 1 
ATOM   115  N NH1 B ARG A 1 14  ? -9.568  -3.040  15.044  0.50 28.72 ? 13  ARG A NH1 1 
ATOM   116  N NH2 A ARG A 1 14  ? -10.096 -7.507  14.675  0.50 21.91 ? 13  ARG A NH2 1 
ATOM   117  N NH2 B ARG A 1 14  ? -9.327  -5.313  15.094  0.50 28.45 ? 13  ARG A NH2 1 
ATOM   118  N N   . ASN A 1 15  ? -8.272  -2.407  8.190   1.00 21.26 ? 14  ASN A N   1 
ATOM   119  C CA  . ASN A 1 15  ? -6.890  -1.930  7.913   1.00 21.74 ? 14  ASN A CA  1 
ATOM   120  C C   . ASN A 1 15  ? -6.618  -0.989  6.709   1.00 21.85 ? 14  ASN A C   1 
ATOM   121  O O   . ASN A 1 15  ? -5.555  -0.383  6.637   1.00 20.18 ? 14  ASN A O   1 
ATOM   122  C CB  . ASN A 1 15  ? -5.949  -3.147  7.818   1.00 20.74 ? 14  ASN A CB  1 
ATOM   123  C CG  . ASN A 1 15  ? -5.847  -3.934  9.128   1.00 21.19 ? 14  ASN A CG  1 
ATOM   124  O OD1 . ASN A 1 15  ? -6.563  -4.930  9.330   1.00 20.92 ? 14  ASN A OD1 1 
ATOM   125  N ND2 . ASN A 1 15  ? -4.918  -3.523  9.997   1.00 22.13 ? 14  ASN A ND2 1 
ATOM   126  N N   . VAL A 1 16  ? -7.562  -0.846  5.786   1.00 23.74 ? 15  VAL A N   1 
ATOM   127  C CA  . VAL A 1 16  ? -7.309  -0.143  4.536   1.00 24.79 ? 15  VAL A CA  1 
ATOM   128  C C   . VAL A 1 16  ? -8.225  1.083   4.485   1.00 26.50 ? 15  VAL A C   1 
ATOM   129  O O   . VAL A 1 16  ? -9.450  0.940   4.344   1.00 27.19 ? 15  VAL A O   1 
ATOM   130  C CB  . VAL A 1 16  ? -7.531  -1.064  3.311   1.00 25.62 ? 15  VAL A CB  1 
ATOM   131  C CG1 . VAL A 1 16  ? -7.282  -0.294  2.022   1.00 23.57 ? 15  VAL A CG1 1 
ATOM   132  C CG2 . VAL A 1 16  ? -6.630  -2.290  3.369   1.00 26.03 ? 15  VAL A CG2 1 
ATOM   133  N N   . ARG A 1 17  ? -7.605  2.267   4.589   1.00 25.03 ? 16  ARG A N   1 
ATOM   134  C CA  A ARG A 1 17  ? -8.308  3.513   4.844   0.50 24.96 ? 16  ARG A CA  1 
ATOM   135  C CA  B ARG A 1 17  ? -8.289  3.536   4.846   0.50 25.36 ? 16  ARG A CA  1 
ATOM   136  C C   . ARG A 1 17  ? -8.238  4.495   3.668   1.00 24.57 ? 16  ARG A C   1 
ATOM   137  O O   . ARG A 1 17  ? -7.242  4.537   2.927   1.00 24.13 ? 16  ARG A O   1 
ATOM   138  C CB  A ARG A 1 17  ? -7.695  4.182   6.081   0.50 24.52 ? 16  ARG A CB  1 
ATOM   139  C CB  B ARG A 1 17  ? -7.626  4.262   6.030   0.50 25.35 ? 16  ARG A CB  1 
ATOM   140  C CG  A ARG A 1 17  ? -7.670  3.309   7.334   0.50 23.99 ? 16  ARG A CG  1 
ATOM   141  C CG  B ARG A 1 17  ? -7.940  3.669   7.386   0.50 25.43 ? 16  ARG A CG  1 
ATOM   142  C CD  A ARG A 1 17  ? -9.024  3.292   8.040   0.50 23.96 ? 16  ARG A CD  1 
ATOM   143  C CD  B ARG A 1 17  ? -9.437  3.540   7.571   0.50 25.88 ? 16  ARG A CD  1 
ATOM   144  N NE  A ARG A 1 17  ? -8.931  2.879   9.440   0.50 22.77 ? 16  ARG A NE  1 
ATOM   145  N NE  B ARG A 1 17  ? -9.766  2.189   7.967   0.50 26.40 ? 16  ARG A NE  1 
ATOM   146  C CZ  A ARG A 1 17  ? -9.505  1.798   9.963   0.50 23.67 ? 16  ARG A CZ  1 
ATOM   147  C CZ  B ARG A 1 17  ? -10.682 1.426   7.388   0.50 26.44 ? 16  ARG A CZ  1 
ATOM   148  N NH1 A ARG A 1 17  ? -10.231 0.953   9.234   0.50 22.39 ? 16  ARG A NH1 1 
ATOM   149  N NH1 B ARG A 1 17  ? -11.457 1.868   6.410   0.50 26.73 ? 16  ARG A NH1 1 
ATOM   150  N NH2 A ARG A 1 17  ? -9.327  1.556   11.248  0.50 24.49 ? 16  ARG A NH2 1 
ATOM   151  N NH2 B ARG A 1 17  ? -10.858 0.215   7.844   0.50 28.47 ? 16  ARG A NH2 1 
ATOM   152  N N   . GLN A 1 18  ? -9.292  5.304   3.547   1.00 23.74 ? 17  GLN A N   1 
ATOM   153  C CA  . GLN A 1 18  ? -9.397  6.383   2.562   1.00 23.11 ? 17  GLN A CA  1 
ATOM   154  C C   . GLN A 1 18  ? -8.680  7.618   3.063   1.00 23.29 ? 17  GLN A C   1 
ATOM   155  O O   . GLN A 1 18  ? -8.987  8.100   4.176   1.00 23.20 ? 17  GLN A O   1 
ATOM   156  C CB  . GLN A 1 18  ? -10.871 6.715   2.290   1.00 23.26 ? 17  GLN A CB  1 
ATOM   157  C CG  . GLN A 1 18  ? -11.716 5.530   1.851   1.00 23.15 ? 17  GLN A CG  1 
ATOM   158  C CD  . GLN A 1 18  ? -13.169 5.905   1.642   1.00 22.66 ? 17  GLN A CD  1 
ATOM   159  O OE1 . GLN A 1 18  ? -13.546 7.071   1.773   1.00 23.01 ? 17  GLN A OE1 1 
ATOM   160  N NE2 . GLN A 1 18  ? -13.986 4.930   1.309   1.00 22.96 ? 17  GLN A NE2 1 
ATOM   161  N N   . VAL A 1 19  ? -7.690  8.084   2.282   1.00 23.06 ? 18  VAL A N   1 
ATOM   162  C CA  . VAL A 1 19  ? -6.912  9.299   2.634   1.00 23.84 ? 18  VAL A CA  1 
ATOM   163  C C   . VAL A 1 19  ? -6.718  10.329  1.491   1.00 22.31 ? 18  VAL A C   1 
ATOM   164  O O   . VAL A 1 19  ? -6.895  10.013  0.299   1.00 26.17 ? 18  VAL A O   1 
ATOM   165  C CB  . VAL A 1 19  ? -5.560  8.969   3.375   1.00 22.45 ? 18  VAL A CB  1 
ATOM   166  C CG1 . VAL A 1 19  ? -5.759  7.898   4.451   1.00 22.33 ? 18  VAL A CG1 1 
ATOM   167  C CG2 . VAL A 1 19  ? -4.460  8.526   2.417   1.00 23.18 ? 18  VAL A CG2 1 
ATOM   168  N N   . GLN A 1 20  ? -6.403  11.563  1.903   1.00 22.26 ? 19  GLN A N   1 
ATOM   169  C CA  . GLN A 1 20  ? -6.124  12.713  1.030   1.00 23.05 ? 19  GLN A CA  1 
ATOM   170  C C   . GLN A 1 20  ? -4.899  13.455  1.570   1.00 22.80 ? 19  GLN A C   1 
ATOM   171  O O   . GLN A 1 20  ? -4.846  13.767  2.751   1.00 21.94 ? 19  GLN A O   1 
ATOM   172  C CB  . GLN A 1 20  ? -7.293  13.711  1.017   1.00 24.15 ? 19  GLN A CB  1 
ATOM   173  C CG  . GLN A 1 20  ? -8.608  13.178  0.483   1.00 24.23 ? 19  GLN A CG  1 
ATOM   174  C CD  . GLN A 1 20  ? -9.692  14.249  0.350   1.00 25.76 ? 19  GLN A CD  1 
ATOM   175  O OE1 . GLN A 1 20  ? -9.450  15.359  -0.160  1.00 24.59 ? 19  GLN A OE1 1 
ATOM   176  N NE2 . GLN A 1 20  ? -10.912 13.909  0.788   1.00 26.31 ? 19  GLN A NE2 1 
ATOM   177  N N   . THR A 1 21  ? -3.911  13.710  0.726   1.00 22.56 ? 20  THR A N   1 
ATOM   178  C CA  . THR A 1 21  ? -2.830  14.605  1.095   1.00 23.64 ? 20  THR A CA  1 
ATOM   179  C C   . THR A 1 21  ? -2.913  15.807  0.188   1.00 24.86 ? 20  THR A C   1 
ATOM   180  O O   . THR A 1 21  ? -3.809  15.875  -0.646  1.00 24.12 ? 20  THR A O   1 
ATOM   181  C CB  . THR A 1 21  ? -1.463  13.954  0.938   1.00 22.55 ? 20  THR A CB  1 
ATOM   182  O OG1 . THR A 1 21  ? -1.185  13.688  -0.453  1.00 22.81 ? 20  THR A OG1 1 
ATOM   183  C CG2 . THR A 1 21  ? -1.401  12.688  1.739   1.00 23.33 ? 20  THR A CG2 1 
ATOM   184  N N   . ASP A 1 22  ? -1.968  16.738  0.304   1.00 26.93 ? 21  ASP A N   1 
ATOM   185  C CA  . ASP A 1 22  ? -1.852  17.822  -0.690  1.00 28.97 ? 21  ASP A CA  1 
ATOM   186  C C   . ASP A 1 22  ? -1.613  17.319  -2.138  1.00 28.90 ? 21  ASP A C   1 
ATOM   187  O O   . ASP A 1 22  ? -1.765  18.100  -3.083  1.00 25.78 ? 21  ASP A O   1 
ATOM   188  C CB  . ASP A 1 22  ? -0.803  18.870  -0.263  1.00 31.19 ? 21  ASP A CB  1 
ATOM   189  C CG  . ASP A 1 22  ? -1.254  19.704  0.964   1.00 33.29 ? 21  ASP A CG  1 
ATOM   190  O OD1 . ASP A 1 22  ? -2.412  20.178  0.997   1.00 37.11 ? 21  ASP A OD1 1 
ATOM   191  O OD2 . ASP A 1 22  ? -0.448  19.907  1.897   1.00 36.95 ? 21  ASP A OD2 1 
ATOM   192  N N   . GLN A 1 23  ? -1.269  16.033  -2.314  1.00 28.73 ? 22  GLN A N   1 
ATOM   193  C CA  . GLN A 1 23  ? -1.125  15.425  -3.664  1.00 30.29 ? 22  GLN A CA  1 
ATOM   194  C C   . GLN A 1 23  ? -2.414  14.753  -4.183  1.00 28.99 ? 22  GLN A C   1 
ATOM   195  O O   . GLN A 1 23  ? -2.452  14.315  -5.343  1.00 28.90 ? 22  GLN A O   1 
ATOM   196  C CB  . GLN A 1 23  ? 0.034   14.407  -3.705  1.00 32.33 ? 22  GLN A CB  1 
ATOM   197  C CG  . GLN A 1 23  ? 1.373   14.939  -3.214  1.00 34.87 ? 22  GLN A CG  1 
ATOM   198  C CD  . GLN A 1 23  ? 1.819   16.217  -3.919  1.00 36.54 ? 22  GLN A CD  1 
ATOM   199  O OE1 . GLN A 1 23  ? 2.103   17.225  -3.269  1.00 41.05 ? 22  GLN A OE1 1 
ATOM   200  N NE2 . GLN A 1 23  ? 1.887   16.179  -5.251  1.00 39.17 ? 22  GLN A NE2 1 
ATOM   201  N N   . GLY A 1 24  ? -3.447  14.669  -3.335  1.00 27.06 ? 23  GLY A N   1 
ATOM   202  C CA  . GLY A 1 24  ? -4.769  14.152  -3.707  1.00 27.39 ? 23  GLY A CA  1 
ATOM   203  C C   . GLY A 1 24  ? -5.125  12.869  -2.975  1.00 26.70 ? 23  GLY A C   1 
ATOM   204  O O   . GLY A 1 24  ? -4.691  12.647  -1.862  1.00 26.72 ? 23  GLY A O   1 
ATOM   205  N N   . HIS A 1 25  ? -5.903  12.003  -3.617  1.00 27.16 ? 24  HIS A N   1 
ATOM   206  C CA  . HIS A 1 25  ? -6.434  10.798  -2.964  1.00 26.85 ? 24  HIS A CA  1 
ATOM   207  C C   . HIS A 1 25  ? -5.570  9.534   -3.070  1.00 24.32 ? 24  HIS A C   1 
ATOM   208  O O   . HIS A 1 25  ? -5.049  9.173   -4.149  1.00 20.89 ? 24  HIS A O   1 
ATOM   209  C CB  . HIS A 1 25  ? -7.817  10.493  -3.503  1.00 27.83 ? 24  HIS A CB  1 
ATOM   210  C CG  . HIS A 1 25  ? -8.811  11.567  -3.217  1.00 28.98 ? 24  HIS A CG  1 
ATOM   211  N ND1 . HIS A 1 25  ? -8.798  12.792  -3.853  1.00 29.75 ? 24  HIS A ND1 1 
ATOM   212  C CD2 . HIS A 1 25  ? -9.830  11.612  -2.335  1.00 29.77 ? 24  HIS A CD2 1 
ATOM   213  C CE1 . HIS A 1 25  ? -9.774  13.541  -3.372  1.00 30.97 ? 24  HIS A CE1 1 
ATOM   214  N NE2 . HIS A 1 25  ? -10.423 12.844  -2.456  1.00 31.86 ? 24  HIS A NE2 1 
ATOM   215  N N   . PHE A 1 26  ? -5.443  8.854   -1.934  1.00 21.45 ? 25  PHE A N   1 
ATOM   216  C CA  . PHE A 1 26  ? -4.615  7.650   -1.783  1.00 21.44 ? 25  PHE A CA  1 
ATOM   217  C C   . PHE A 1 26  ? -5.330  6.648   -0.891  1.00 21.93 ? 25  PHE A C   1 
ATOM   218  O O   . PHE A 1 26  ? -6.252  6.988   -0.135  1.00 24.57 ? 25  PHE A O   1 
ATOM   219  C CB  . PHE A 1 26  ? -3.204  7.996   -1.210  1.00 19.62 ? 25  PHE A CB  1 
ATOM   220  C CG  . PHE A 1 26  ? -2.390  8.883   -2.112  1.00 19.81 ? 25  PHE A CG  1 
ATOM   221  C CD1 . PHE A 1 26  ? -2.545  10.273  -2.065  1.00 19.50 ? 25  PHE A CD1 1 
ATOM   222  C CD2 . PHE A 1 26  ? -1.499  8.329   -3.051  1.00 19.05 ? 25  PHE A CD2 1 
ATOM   223  C CE1 . PHE A 1 26  ? -1.817  11.108  -2.914  1.00 20.21 ? 25  PHE A CE1 1 
ATOM   224  C CE2 . PHE A 1 26  ? -0.800  9.144   -3.915  1.00 19.41 ? 25  PHE A CE2 1 
ATOM   225  C CZ  . PHE A 1 26  ? -0.940  10.540  -3.839  1.00 19.69 ? 25  PHE A CZ  1 
ATOM   226  N N   . THR A 1 27  ? -4.890  5.404   -0.996  1.00 24.64 ? 26  THR A N   1 
ATOM   227  C CA  . THR A 1 27  ? -5.309  4.313   -0.146  1.00 23.39 ? 26  THR A CA  1 
ATOM   228  C C   . THR A 1 27  ? -4.176  4.147   0.865   1.00 23.93 ? 26  THR A C   1 
ATOM   229  O O   . THR A 1 27  ? -3.012  4.154   0.471   1.00 24.52 ? 26  THR A O   1 
ATOM   230  C CB  . THR A 1 27  ? -5.472  3.020   -0.988  1.00 23.60 ? 26  THR A CB  1 
ATOM   231  O OG1 . THR A 1 27  ? -6.595  3.150   -1.863  1.00 22.19 ? 26  THR A OG1 1 
ATOM   232  C CG2 . THR A 1 27  ? -5.669  1.782   -0.113  1.00 23.20 ? 26  THR A CG2 1 
ATOM   233  N N   . MET A 1 28  ? -4.515  4.019   2.145   1.00 23.94 ? 27  MET A N   1 
ATOM   234  C CA  . MET A 1 28  ? -3.532  3.865   3.226   1.00 21.88 ? 27  MET A CA  1 
ATOM   235  C C   . MET A 1 28  ? -3.718  2.512   3.913   1.00 21.83 ? 27  MET A C   1 
ATOM   236  O O   . MET A 1 28  ? -4.862  2.134   4.247   1.00 22.59 ? 27  MET A O   1 
ATOM   237  C CB  . MET A 1 28  ? -3.721  4.997   4.248   1.00 22.50 ? 27  MET A CB  1 
ATOM   238  C CG  . MET A 1 28  ? -2.622  5.103   5.317   1.00 21.99 ? 27  MET A CG  1 
ATOM   239  S SD  . MET A 1 28  ? -2.969  6.150   6.726   1.00 20.72 ? 27  MET A SD  1 
ATOM   240  C CE  . MET A 1 28  ? -4.468  5.425   7.383   1.00 21.46 ? 27  MET A CE  1 
ATOM   241  N N   . LEU A 1 29  ? -2.608  1.811   4.153   1.00 19.30 ? 28  LEU A N   1 
ATOM   242  C CA  . LEU A 1 29  ? -2.592  0.551   4.922   1.00 18.74 ? 28  LEU A CA  1 
ATOM   243  C C   . LEU A 1 29  ? -2.091  0.737   6.363   1.00 18.35 ? 28  LEU A C   1 
ATOM   244  O O   . LEU A 1 29  ? -0.900  1.057   6.576   1.00 17.29 ? 28  LEU A O   1 
ATOM   245  C CB  . LEU A 1 29  ? -1.737  -0.501  4.225   1.00 18.38 ? 28  LEU A CB  1 
ATOM   246  C CG  . LEU A 1 29  ? -1.684  -1.923  4.835   1.00 18.88 ? 28  LEU A CG  1 
ATOM   247  C CD1 . LEU A 1 29  ? -3.034  -2.618  4.725   1.00 19.02 ? 28  LEU A CD1 1 
ATOM   248  C CD2 . LEU A 1 29  ? -0.639  -2.745  4.109   1.00 20.38 ? 28  LEU A CD2 1 
ATOM   249  N N   . GLY A 1 30  ? -2.995  0.567   7.331   1.00 18.70 ? 29  GLY A N   1 
ATOM   250  C CA  . GLY A 1 30  ? -2.613  0.454   8.747   1.00 18.73 ? 29  GLY A CA  1 
ATOM   251  C C   . GLY A 1 30  ? -2.069  -0.932  9.103   1.00 19.06 ? 29  GLY A C   1 
ATOM   252  O O   . GLY A 1 30  ? -2.711  -1.944  8.866   1.00 19.28 ? 29  GLY A O   1 
ATOM   253  N N   . VAL A 1 31  ? -0.845  -0.991  9.613   1.00 18.03 ? 30  VAL A N   1 
ATOM   254  C CA  . VAL A 1 31  ? -0.177  -2.266  9.772   1.00 19.23 ? 30  VAL A CA  1 
ATOM   255  C C   . VAL A 1 31  ? -0.330  -2.838  11.198  1.00 20.06 ? 30  VAL A C   1 
ATOM   256  O O   . VAL A 1 31  ? -0.646  -4.028  11.393  1.00 21.22 ? 30  VAL A O   1 
ATOM   257  C CB  . VAL A 1 31  ? 1.313   -2.152  9.327   1.00 19.80 ? 30  VAL A CB  1 
ATOM   258  C CG1 . VAL A 1 31  ? 2.039   -3.447  9.637   1.00 20.50 ? 30  VAL A CG1 1 
ATOM   259  C CG2 . VAL A 1 31  ? 1.385   -1.810  7.834   1.00 20.54 ? 30  VAL A CG2 1 
ATOM   260  N N   . ARG A 1 32  ? -0.106  -1.987  12.179  1.00 21.67 ? 31  ARG A N   1 
ATOM   261  C CA  . ARG A 1 32  ? -0.257  -2.355  13.590  1.00 22.72 ? 31  ARG A CA  1 
ATOM   262  C C   . ARG A 1 32  ? -0.182  -1.113  14.417  1.00 22.32 ? 31  ARG A C   1 
ATOM   263  O O   . ARG A 1 32  ? 0.283   -0.090  13.943  1.00 22.65 ? 31  ARG A O   1 
ATOM   264  C CB  . ARG A 1 32  ? 0.818   -3.316  14.071  1.00 22.86 ? 31  ARG A CB  1 
ATOM   265  C CG  . ARG A 1 32  ? 2.229   -2.774  14.007  1.00 22.94 ? 31  ARG A CG  1 
ATOM   266  C CD  . ARG A 1 32  ? 3.166   -3.686  14.754  1.00 23.51 ? 31  ARG A CD  1 
ATOM   267  N NE  . ARG A 1 32  ? 4.518   -3.193  14.558  1.00 25.00 ? 31  ARG A NE  1 
ATOM   268  C CZ  . ARG A 1 32  ? 5.036   -2.091  15.115  1.00 25.48 ? 31  ARG A CZ  1 
ATOM   269  N NH1 . ARG A 1 32  ? 4.339   -1.325  15.953  1.00 25.12 ? 31  ARG A NH1 1 
ATOM   270  N NH2 . ARG A 1 32  ? 6.286   -1.742  14.829  1.00 26.07 ? 31  ARG A NH2 1 
ATOM   271  N N   . ASP A 1 33  ? -0.667  -1.202  15.649  1.00 24.57 ? 32  ASP A N   1 
ATOM   272  C CA  . ASP A 1 33  ? -0.578  -0.082  16.589  1.00 24.50 ? 32  ASP A CA  1 
ATOM   273  C C   . ASP A 1 33  ? -0.981  1.246   15.921  1.00 24.36 ? 32  ASP A C   1 
ATOM   274  O O   . ASP A 1 33  ? -2.109  1.371   15.519  1.00 22.85 ? 32  ASP A O   1 
ATOM   275  C CB  . ASP A 1 33  ? 0.829   -0.019  17.187  1.00 25.97 ? 32  ASP A CB  1 
ATOM   276  C CG  . ASP A 1 33  ? 1.225   -1.313  17.845  1.00 26.33 ? 32  ASP A CG  1 
ATOM   277  O OD1 . ASP A 1 33  ? 0.536   -1.683  18.826  1.00 26.93 ? 32  ASP A OD1 1 
ATOM   278  O OD2 . ASP A 1 33  ? 2.208   -1.954  17.373  1.00 27.30 ? 32  ASP A OD2 1 
ATOM   279  N N   . ARG A 1 34  ? -0.075  2.219   15.811  1.00 23.03 ? 33  ARG A N   1 
ATOM   280  C CA  . ARG A 1 34  ? -0.393  3.519   15.195  1.00 23.31 ? 33  ARG A CA  1 
ATOM   281  C C   . ARG A 1 34  ? 0.467   3.764   13.955  1.00 21.90 ? 33  ARG A C   1 
ATOM   282  O O   . ARG A 1 34  ? 0.642   4.915   13.505  1.00 21.55 ? 33  ARG A O   1 
ATOM   283  C CB  . ARG A 1 34  ? -0.206  4.648   16.204  1.00 23.98 ? 33  ARG A CB  1 
ATOM   284  C CG  . ARG A 1 34  ? -1.310  4.704   17.238  1.00 27.45 ? 33  ARG A CG  1 
ATOM   285  C CD  . ARG A 1 34  ? -0.908  5.494   18.479  1.00 29.50 ? 33  ARG A CD  1 
ATOM   286  N NE  . ARG A 1 34  ? -2.045  5.677   19.378  1.00 31.41 ? 33  ARG A NE  1 
ATOM   287  C CZ  . ARG A 1 34  ? -2.551  4.728   20.163  1.00 33.79 ? 33  ARG A CZ  1 
ATOM   288  N NH1 . ARG A 1 34  ? -2.018  3.511   20.186  1.00 35.07 ? 33  ARG A NH1 1 
ATOM   289  N NH2 . ARG A 1 34  ? -3.603  5.000   20.928  1.00 35.88 ? 33  ARG A NH2 1 
ATOM   290  N N   . LEU A 1 35  ? 0.959   2.659   13.411  1.00 21.33 ? 34  LEU A N   1 
ATOM   291  C CA  . LEU A 1 35  ? 1.868   2.616   12.286  1.00 20.17 ? 34  LEU A CA  1 
ATOM   292  C C   . LEU A 1 35  ? 1.101   2.270   11.019  1.00 18.44 ? 34  LEU A C   1 
ATOM   293  O O   . LEU A 1 35  ? 0.428   1.217   10.975  1.00 17.70 ? 34  LEU A O   1 
ATOM   294  C CB  . LEU A 1 35  ? 2.913   1.529   12.542  1.00 20.66 ? 34  LEU A CB  1 
ATOM   295  C CG  . LEU A 1 35  ? 3.934   1.378   11.411  1.00 21.38 ? 34  LEU A CG  1 
ATOM   296  C CD1 . LEU A 1 35  ? 4.745   2.657   11.316  1.00 21.57 ? 34  LEU A CD1 1 
ATOM   297  C CD2 . LEU A 1 35  ? 4.822   0.172   11.695  1.00 22.67 ? 34  LEU A CD2 1 
ATOM   298  N N   . ALA A 1 36  ? 1.181   3.154   10.008  1.00 17.52 ? 35  ALA A N   1 
ATOM   299  C CA  . ALA A 1 36  ? 0.683   2.879   8.644   1.00 17.20 ? 35  ALA A CA  1 
ATOM   300  C C   . ALA A 1 36  ? 1.758   3.066   7.574   1.00 17.86 ? 35  ALA A C   1 
ATOM   301  O O   . ALA A 1 36  ? 2.874   3.563   7.848   1.00 17.72 ? 35  ALA A O   1 
ATOM   302  C CB  . ALA A 1 36  ? -0.518  3.771   8.319   1.00 17.51 ? 35  ALA A CB  1 
ATOM   303  N N   . VAL A 1 37  ? 1.400   2.697   6.349   1.00 17.86 ? 36  VAL A N   1 
ATOM   304  C CA  . VAL A 1 37  ? 2.269   2.895   5.194   1.00 19.52 ? 36  VAL A CA  1 
ATOM   305  C C   . VAL A 1 37  ? 1.464   3.495   4.022   1.00 20.13 ? 36  VAL A C   1 
ATOM   306  O O   . VAL A 1 37  ? 0.252   3.157   3.809   1.00 19.47 ? 36  VAL A O   1 
ATOM   307  C CB  . VAL A 1 37  ? 3.009   1.572   4.838   1.00 18.41 ? 36  VAL A CB  1 
ATOM   308  C CG1 . VAL A 1 37  ? 2.044   0.522   4.324   1.00 18.93 ? 36  VAL A CG1 1 
ATOM   309  C CG2 . VAL A 1 37  ? 4.211   1.798   3.898   1.00 18.50 ? 36  VAL A CG2 1 
ATOM   310  N N   . LEU A 1 38  ? 2.137   4.435   3.341   1.00 20.58 ? 37  LEU A N   1 
ATOM   311  C CA  . LEU A 1 38  ? 1.679   5.124   2.133   1.00 20.66 ? 37  LEU A CA  1 
ATOM   312  C C   . LEU A 1 38  ? 2.792   5.114   1.076   1.00 21.84 ? 37  LEU A C   1 
ATOM   313  O O   . LEU A 1 38  ? 3.980   4.937   1.404   1.00 21.04 ? 37  LEU A O   1 
ATOM   314  C CB  . LEU A 1 38  ? 1.383   6.601   2.421   1.00 21.37 ? 37  LEU A CB  1 
ATOM   315  C CG  . LEU A 1 38  ? 0.124   6.995   3.188   1.00 21.45 ? 37  LEU A CG  1 
ATOM   316  C CD1 . LEU A 1 38  ? 0.249   8.423   3.704   1.00 21.98 ? 37  LEU A CD1 1 
ATOM   317  C CD2 . LEU A 1 38  ? -1.150  6.840   2.370   1.00 20.78 ? 37  LEU A CD2 1 
ATOM   318  N N   . PRO A 1 39  ? 2.433   5.348   -0.183  1.00 22.00 ? 38  PRO A N   1 
ATOM   319  C CA  . PRO A 1 39  ? 3.488   5.676   -1.149  1.00 22.49 ? 38  PRO A CA  1 
ATOM   320  C C   . PRO A 1 39  ? 4.209   7.000   -0.848  1.00 22.77 ? 38  PRO A C   1 
ATOM   321  O O   . PRO A 1 39  ? 3.587   8.060   -0.667  1.00 21.07 ? 38  PRO A O   1 
ATOM   322  C CB  . PRO A 1 39  ? 2.750   5.776   -2.475  1.00 22.64 ? 38  PRO A CB  1 
ATOM   323  C CG  . PRO A 1 39  ? 1.377   5.272   -2.261  1.00 22.27 ? 38  PRO A CG  1 
ATOM   324  C CD  . PRO A 1 39  ? 1.092   5.298   -0.791  1.00 21.84 ? 38  PRO A CD  1 
ATOM   325  N N   . ARG A 1 40  ? 5.532   6.941   -0.808  1.00 22.35 ? 39  ARG A N   1 
ATOM   326  C CA  . ARG A 1 40  ? 6.344   8.147   -0.735  1.00 23.66 ? 39  ARG A CA  1 
ATOM   327  C C   . ARG A 1 40  ? 5.822   9.354   -1.524  1.00 24.78 ? 39  ARG A C   1 
ATOM   328  O O   . ARG A 1 40  ? 5.824   10.451  -0.986  1.00 28.06 ? 39  ARG A O   1 
ATOM   329  C CB  . ARG A 1 40  ? 7.786   7.844   -1.142  1.00 23.91 ? 39  ARG A CB  1 
ATOM   330  C CG  . ARG A 1 40  ? 8.774   8.924   -0.729  1.00 24.79 ? 39  ARG A CG  1 
ATOM   331  C CD  . ARG A 1 40  ? 10.089  8.783   -1.482  1.00 25.07 ? 39  ARG A CD  1 
ATOM   332  N NE  . ARG A 1 40  ? 9.769   8.766   -2.905  1.00 26.47 ? 39  ARG A NE  1 
ATOM   333  C CZ  . ARG A 1 40  ? 9.519   9.852   -3.627  1.00 28.19 ? 39  ARG A CZ  1 
ATOM   334  N NH1 . ARG A 1 40  ? 9.637   11.059  -3.084  1.00 29.40 ? 39  ARG A NH1 1 
ATOM   335  N NH2 . ARG A 1 40  ? 9.185   9.731   -4.910  1.00 27.85 ? 39  ARG A NH2 1 
ATOM   336  N N   . HIS A 1 41  ? 5.358   9.192   -2.767  1.00 26.38 ? 40  HIS A N   1 
ATOM   337  C CA  . HIS A 1 41  ? 5.028   10.388  -3.558  1.00 28.32 ? 40  HIS A CA  1 
ATOM   338  C C   . HIS A 1 41  ? 3.715   11.040  -3.100  1.00 29.04 ? 40  HIS A C   1 
ATOM   339  O O   . HIS A 1 41  ? 3.316   12.077  -3.637  1.00 28.54 ? 40  HIS A O   1 
ATOM   340  C CB  . HIS A 1 41  ? 4.992   10.104  -5.065  1.00 31.09 ? 40  HIS A CB  1 
ATOM   341  C CG  . HIS A 1 41  ? 3.805   9.311   -5.496  1.00 31.72 ? 40  HIS A CG  1 
ATOM   342  N ND1 . HIS A 1 41  ? 3.800   7.935   -5.505  1.00 34.51 ? 40  HIS A ND1 1 
ATOM   343  C CD2 . HIS A 1 41  ? 2.577   9.696   -5.914  1.00 32.91 ? 40  HIS A CD2 1 
ATOM   344  C CE1 . HIS A 1 41  ? 2.622   7.505   -5.918  1.00 33.61 ? 40  HIS A CE1 1 
ATOM   345  N NE2 . HIS A 1 41  ? 1.859   8.555   -6.157  1.00 32.22 ? 40  HIS A NE2 1 
ATOM   346  N N   . SER A 1 42  ? 3.053   10.454  -2.098  1.00 30.11 ? 41  SER A N   1 
ATOM   347  C CA  . SER A 1 42  ? 1.862   11.085  -1.520  1.00 29.07 ? 41  SER A CA  1 
ATOM   348  C C   . SER A 1 42  ? 2.266   12.306  -0.671  1.00 29.23 ? 41  SER A C   1 
ATOM   349  O O   . SER A 1 42  ? 1.452   13.179  -0.404  1.00 26.40 ? 41  SER A O   1 
ATOM   350  C CB  . SER A 1 42  ? 1.017   10.052  -0.744  1.00 29.22 ? 41  SER A CB  1 
ATOM   351  O OG  . SER A 1 42  ? 1.657   9.570   0.428   1.00 26.83 ? 41  SER A OG  1 
ATOM   352  N N   . GLN A 1 43  ? 3.538   12.365  -0.267  1.00 30.25 ? 42  GLN A N   1 
ATOM   353  C CA  . GLN A 1 43  ? 4.068   13.476  0.517   1.00 30.88 ? 42  GLN A CA  1 
ATOM   354  C C   . GLN A 1 43  ? 3.177   13.854  1.703   1.00 29.06 ? 42  GLN A C   1 
ATOM   355  O O   . GLN A 1 43  ? 2.743   15.001  1.793   1.00 27.72 ? 42  GLN A O   1 
ATOM   356  C CB  . GLN A 1 43  ? 4.221   14.694  -0.380  1.00 31.97 ? 42  GLN A CB  1 
ATOM   357  C CG  . GLN A 1 43  ? 5.105   14.444  -1.574  1.00 36.05 ? 42  GLN A CG  1 
ATOM   358  C CD  . GLN A 1 43  ? 6.563   14.611  -1.219  1.00 38.56 ? 42  GLN A CD  1 
ATOM   359  O OE1 . GLN A 1 43  ? 7.030   14.088  -0.206  1.00 42.90 ? 42  GLN A OE1 1 
ATOM   360  N NE2 . GLN A 1 43  ? 7.291   15.368  -2.035  1.00 40.06 ? 42  GLN A NE2 1 
ATOM   361  N N   . PRO A 1 44  ? 2.876   12.897  2.601   1.00 29.27 ? 43  PRO A N   1 
ATOM   362  C CA  . PRO A 1 44  ? 2.117   13.293  3.793   1.00 30.14 ? 43  PRO A CA  1 
ATOM   363  C C   . PRO A 1 44  ? 2.820   14.424  4.531   1.00 29.56 ? 43  PRO A C   1 
ATOM   364  O O   . PRO A 1 44  ? 4.045   14.398  4.680   1.00 32.60 ? 43  PRO A O   1 
ATOM   365  C CB  . PRO A 1 44  ? 2.089   12.035  4.655   1.00 29.80 ? 43  PRO A CB  1 
ATOM   366  C CG  . PRO A 1 44  ? 2.915   11.012  3.964   1.00 29.67 ? 43  PRO A CG  1 
ATOM   367  C CD  . PRO A 1 44  ? 3.240   11.474  2.596   1.00 28.36 ? 43  PRO A CD  1 
ATOM   368  N N   . GLY A 1 45  ? 2.049   15.416  4.967   1.00 30.01 ? 44  GLY A N   1 
ATOM   369  C CA  . GLY A 1 45  ? 2.598   16.574  5.674   1.00 27.97 ? 44  GLY A CA  1 
ATOM   370  C C   . GLY A 1 45  ? 2.527   16.382  7.175   1.00 26.58 ? 44  GLY A C   1 
ATOM   371  O O   . GLY A 1 45  ? 2.673   15.264  7.683   1.00 24.84 ? 44  GLY A O   1 
ATOM   372  N N   . LYS A 1 46  ? 2.303   17.472  7.890   1.00 28.39 ? 45  LYS A N   1 
ATOM   373  C CA  . LYS A 1 46  ? 2.149   17.415  9.361   1.00 29.28 ? 45  LYS A CA  1 
ATOM   374  C C   . LYS A 1 46  ? 0.801   16.809  9.791   1.00 28.34 ? 45  LYS A C   1 
ATOM   375  O O   . LYS A 1 46  ? 0.663   16.260  10.897  1.00 26.94 ? 45  LYS A O   1 
ATOM   376  C CB  . LYS A 1 46  ? 2.323   18.812  9.963   1.00 30.39 ? 45  LYS A CB  1 
ATOM   377  C CG  . LYS A 1 46  ? 3.615   19.521  9.563   1.00 33.47 ? 45  LYS A CG  1 
ATOM   378  C CD  . LYS A 1 46  ? 4.858   18.677  9.817   1.00 35.42 ? 45  LYS A CD  1 
ATOM   379  C CE  . LYS A 1 46  ? 6.140   19.403  9.403   1.00 36.55 ? 45  LYS A CE  1 
ATOM   380  N NZ  . LYS A 1 46  ? 7.181   18.408  8.996   1.00 37.05 ? 45  LYS A NZ  1 
ATOM   381  N N   . THR A 1 47  ? -0.173  16.892  8.895   1.00 28.67 ? 46  THR A N   1 
ATOM   382  C CA  . THR A 1 47  ? -1.489  16.327  9.109   1.00 26.31 ? 46  THR A CA  1 
ATOM   383  C C   . THR A 1 47  ? -1.891  15.566  7.855   1.00 24.99 ? 46  THR A C   1 
ATOM   384  O O   . THR A 1 47  ? -1.319  15.770  6.778   1.00 24.68 ? 46  THR A O   1 
ATOM   385  C CB  . THR A 1 47  ? -2.560  17.412  9.370   1.00 26.95 ? 46  THR A CB  1 
ATOM   386  O OG1 . THR A 1 47  ? -2.683  18.253  8.223   1.00 26.84 ? 46  THR A OG1 1 
ATOM   387  C CG2 . THR A 1 47  ? -2.221  18.270  10.568  1.00 25.73 ? 46  THR A CG2 1 
ATOM   388  N N   . ILE A 1 48  ? -2.878  14.699  8.012   1.00 22.98 ? 47  ILE A N   1 
ATOM   389  C CA  . ILE A 1 48  ? -3.435  13.938  6.919   1.00 22.41 ? 47  ILE A CA  1 
ATOM   390  C C   . ILE A 1 48  ? -4.926  13.732  7.164   1.00 22.09 ? 47  ILE A C   1 
ATOM   391  O O   . ILE A 1 48  ? -5.382  13.533  8.300   1.00 22.78 ? 47  ILE A O   1 
ATOM   392  C CB  . ILE A 1 48  ? -2.678  12.601  6.713   1.00 21.60 ? 47  ILE A CB  1 
ATOM   393  C CG1 . ILE A 1 48  ? -3.120  11.887  5.424   1.00 21.50 ? 47  ILE A CG1 1 
ATOM   394  C CG2 . ILE A 1 48  ? -2.856  11.673  7.901   1.00 21.11 ? 47  ILE A CG2 1 
ATOM   395  C CD1 . ILE A 1 48  ? -2.295  10.661  5.062   1.00 21.44 ? 47  ILE A CD1 1 
ATOM   396  N N   . TRP A 1 49  ? -5.684  13.848  6.089   1.00 21.73 ? 48  TRP A N   1 
ATOM   397  C CA  . TRP A 1 49  ? -7.113  13.558  6.097   1.00 22.08 ? 48  TRP A CA  1 
ATOM   398  C C   . TRP A 1 49  ? -7.355  12.047  6.001   1.00 22.29 ? 48  TRP A C   1 
ATOM   399  O O   . TRP A 1 49  ? -7.035  11.438  4.964   1.00 22.76 ? 48  TRP A O   1 
ATOM   400  C CB  . TRP A 1 49  ? -7.797  14.242  4.909   1.00 21.27 ? 48  TRP A CB  1 
ATOM   401  C CG  . TRP A 1 49  ? -9.305  14.033  4.996   1.00 22.69 ? 48  TRP A CG  1 
ATOM   402  C CD1 . TRP A 1 49  ? -10.065 13.121  4.302   1.00 23.58 ? 48  TRP A CD1 1 
ATOM   403  C CD2 . TRP A 1 49  ? -10.194 14.689  5.911   1.00 22.71 ? 48  TRP A CD2 1 
ATOM   404  N NE1 . TRP A 1 49  ? -11.391 13.222  4.697   1.00 25.16 ? 48  TRP A NE1 1 
ATOM   405  C CE2 . TRP A 1 49  ? -11.490 14.172  5.687   1.00 23.86 ? 48  TRP A CE2 1 
ATOM   406  C CE3 . TRP A 1 49  ? -10.027 15.711  6.868   1.00 22.53 ? 48  TRP A CE3 1 
ATOM   407  C CZ2 . TRP A 1 49  ? -12.608 14.620  6.418   1.00 24.53 ? 48  TRP A CZ2 1 
ATOM   408  C CZ3 . TRP A 1 49  ? -11.138 16.140  7.599   1.00 23.15 ? 48  TRP A CZ3 1 
ATOM   409  C CH2 . TRP A 1 49  ? -12.405 15.614  7.354   1.00 22.76 ? 48  TRP A CH2 1 
ATOM   410  N N   . ILE A 1 50  ? -7.941  11.466  7.045   1.00 21.04 ? 49  ILE A N   1 
ATOM   411  C CA  . ILE A 1 50  ? -8.269  10.030  7.074   1.00 21.55 ? 49  ILE A CA  1 
ATOM   412  C C   . ILE A 1 50  ? -9.785  9.819   7.281   1.00 22.87 ? 49  ILE A C   1 
ATOM   413  O O   . ILE A 1 50  ? -10.333 10.080  8.365   1.00 22.14 ? 49  ILE A O   1 
ATOM   414  C CB  . ILE A 1 50  ? -7.457  9.268   8.150   1.00 20.79 ? 49  ILE A CB  1 
ATOM   415  C CG1 . ILE A 1 50  ? -5.957  9.555   8.009   1.00 22.06 ? 49  ILE A CG1 1 
ATOM   416  C CG2 . ILE A 1 50  ? -7.694  7.760   8.078   1.00 20.84 ? 49  ILE A CG2 1 
ATOM   417  C CD1 . ILE A 1 50  ? -5.104  8.894   9.067   1.00 20.74 ? 49  ILE A CD1 1 
ATOM   418  N N   . GLU A 1 51  ? -10.436 9.338   6.219   1.00 25.05 ? 50  GLU A N   1 
ATOM   419  C CA  . GLU A 1 51  ? -11.887 9.059   6.185   1.00 27.02 ? 50  GLU A CA  1 
ATOM   420  C C   . GLU A 1 51  ? -12.755 10.285  6.449   1.00 28.01 ? 50  GLU A C   1 
ATOM   421  O O   . GLU A 1 51  ? -13.244 10.893  5.515   1.00 27.38 ? 50  GLU A O   1 
ATOM   422  C CB  . GLU A 1 51  ? -12.282 7.909   7.120   1.00 27.79 ? 50  GLU A CB  1 
ATOM   423  C CG  . GLU A 1 51  ? -12.769 6.670   6.396   1.00 29.62 ? 50  GLU A CG  1 
ATOM   424  C CD  . GLU A 1 51  ? -11.679 5.655   6.280   1.00 30.34 ? 50  GLU A CD  1 
ATOM   425  O OE1 . GLU A 1 51  ? -10.834 5.680   7.183   1.00 35.25 ? 50  GLU A OE1 1 
ATOM   426  O OE2 . GLU A 1 51  ? -11.650 4.874   5.307   1.00 28.24 ? 50  GLU A OE2 1 
ATOM   427  N N   . HIS A 1 52  ? -12.923 10.664  7.715   1.00 29.22 ? 51  HIS A N   1 
ATOM   428  C CA  . HIS A 1 52  ? -13.815 11.770  8.085   1.00 31.34 ? 51  HIS A CA  1 
ATOM   429  C C   . HIS A 1 52  ? -13.180 12.745  9.128   1.00 30.09 ? 51  HIS A C   1 
ATOM   430  O O   . HIS A 1 52  ? -13.886 13.502  9.797   1.00 29.29 ? 51  HIS A O   1 
ATOM   431  C CB  . HIS A 1 52  ? -15.164 11.209  8.597   1.00 34.88 ? 51  HIS A CB  1 
ATOM   432  C CG  . HIS A 1 52  ? -15.736 10.112  7.749   1.00 37.73 ? 51  HIS A CG  1 
ATOM   433  N ND1 . HIS A 1 52  ? -16.087 10.297  6.427   1.00 41.27 ? 51  HIS A ND1 1 
ATOM   434  C CD2 . HIS A 1 52  ? -15.990 8.809   8.024   1.00 39.83 ? 51  HIS A CD2 1 
ATOM   435  C CE1 . HIS A 1 52  ? -16.542 9.159   5.929   1.00 40.41 ? 51  HIS A CE1 1 
ATOM   436  N NE2 . HIS A 1 52  ? -16.497 8.241   6.879   1.00 40.59 ? 51  HIS A NE2 1 
ATOM   437  N N   . LYS A 1 53  ? -11.855 12.751  9.243   1.00 28.91 ? 52  LYS A N   1 
ATOM   438  C CA  . LYS A 1 53  ? -11.199 13.667  10.156  1.00 28.41 ? 52  LYS A CA  1 
ATOM   439  C C   . LYS A 1 53  ? -9.715  13.862  9.875   1.00 27.51 ? 52  LYS A C   1 
ATOM   440  O O   . LYS A 1 53  ? -9.057  13.002  9.278   1.00 26.23 ? 52  LYS A O   1 
ATOM   441  C CB  . LYS A 1 53  ? -11.420 13.218  11.596  1.00 31.01 ? 52  LYS A CB  1 
ATOM   442  C CG  . LYS A 1 53  ? -10.667 11.969  12.010  1.00 32.48 ? 52  LYS A CG  1 
ATOM   443  C CD  . LYS A 1 53  ? -10.386 11.969  13.515  1.00 33.49 ? 52  LYS A CD  1 
ATOM   444  C CE  . LYS A 1 53  ? -11.563 11.506  14.368  1.00 34.77 ? 52  LYS A CE  1 
ATOM   445  N NZ  . LYS A 1 53  ? -11.306 10.259  15.167  1.00 33.89 ? 52  LYS A NZ  1 
ATOM   446  N N   . LEU A 1 54  ? -9.192  14.995  10.344  1.00 25.68 ? 53  LEU A N   1 
ATOM   447  C CA  . LEU A 1 54  ? -7.806  15.365  10.087  1.00 26.64 ? 53  LEU A CA  1 
ATOM   448  C C   . LEU A 1 54  ? -6.960  14.786  11.202  1.00 25.51 ? 53  LEU A C   1 
ATOM   449  O O   . LEU A 1 54  ? -7.217  15.044  12.368  1.00 25.09 ? 53  LEU A O   1 
ATOM   450  C CB  . LEU A 1 54  ? -7.651  16.892  10.013  1.00 28.35 ? 53  LEU A CB  1 
ATOM   451  C CG  . LEU A 1 54  ? -6.342  17.359  9.381   1.00 29.69 ? 53  LEU A CG  1 
ATOM   452  C CD1 . LEU A 1 54  ? -6.324  17.105  7.870   1.00 29.86 ? 53  LEU A CD1 1 
ATOM   453  C CD2 . LEU A 1 54  ? -6.089  18.825  9.674   1.00 30.77 ? 53  LEU A CD2 1 
ATOM   454  N N   . VAL A 1 55  ? -5.965  13.982  10.853  1.00 23.70 ? 54  VAL A N   1 
ATOM   455  C CA  . VAL A 1 55  ? -5.144  13.309  11.846  1.00 23.32 ? 54  VAL A CA  1 
ATOM   456  C C   . VAL A 1 55  ? -3.696  13.837  11.800  1.00 22.72 ? 54  VAL A C   1 
ATOM   457  O O   . VAL A 1 55  ? -3.113  14.030  10.723  1.00 21.89 ? 54  VAL A O   1 
ATOM   458  C CB  . VAL A 1 55  ? -5.237  11.775  11.623  1.00 23.42 ? 54  VAL A CB  1 
ATOM   459  C CG1 . VAL A 1 55  ? -4.352  10.996  12.589  1.00 23.52 ? 54  VAL A CG1 1 
ATOM   460  C CG2 . VAL A 1 55  ? -6.695  11.316  11.739  1.00 23.11 ? 54  VAL A CG2 1 
ATOM   461  N N   . ASN A 1 56  ? -3.116  14.076  12.973  1.00 23.62 ? 55  ASN A N   1 
ATOM   462  C CA  . ASN A 1 56  ? -1.738  14.555  13.057  1.00 23.63 ? 55  ASN A CA  1 
ATOM   463  C C   . ASN A 1 56  ? -0.737  13.411  12.867  1.00 23.94 ? 55  ASN A C   1 
ATOM   464  O O   . ASN A 1 56  ? -0.914  12.313  13.397  1.00 23.14 ? 55  ASN A O   1 
ATOM   465  C CB  . ASN A 1 56  ? -1.500  15.244  14.398  1.00 26.52 ? 55  ASN A CB  1 
ATOM   466  C CG  . ASN A 1 56  ? -2.517  16.336  14.688  1.00 27.42 ? 55  ASN A CG  1 
ATOM   467  O OD1 . ASN A 1 56  ? -2.990  17.029  13.783  1.00 28.89 ? 55  ASN A OD1 1 
ATOM   468  N ND2 . ASN A 1 56  ? -2.851  16.509  15.960  1.00 29.63 ? 55  ASN A ND2 1 
ATOM   469  N N   . ILE A 1 57  ? 0.320   13.685  12.107  1.00 22.87 ? 56  ILE A N   1 
ATOM   470  C CA  . ILE A 1 57  ? 1.330   12.688  11.840  1.00 23.78 ? 56  ILE A CA  1 
ATOM   471  C C   . ILE A 1 57  ? 2.493   12.989  12.767  1.00 25.01 ? 56  ILE A C   1 
ATOM   472  O O   . ILE A 1 57  ? 3.023   14.089  12.714  1.00 24.38 ? 56  ILE A O   1 
ATOM   473  C CB  . ILE A 1 57  ? 1.759   12.722  10.354  1.00 23.58 ? 56  ILE A CB  1 
ATOM   474  C CG1 . ILE A 1 57  ? 0.684   12.045  9.493   1.00 23.91 ? 56  ILE A CG1 1 
ATOM   475  C CG2 . ILE A 1 57  ? 3.126   12.062  10.187  1.00 24.24 ? 56  ILE A CG2 1 
ATOM   476  C CD1 . ILE A 1 57  ? 0.928   12.094  7.989   1.00 23.07 ? 56  ILE A CD1 1 
ATOM   477  N N   . LEU A 1 58  ? 2.853   12.045  13.641  1.00 26.63 ? 57  LEU A N   1 
ATOM   478  C CA  . LEU A 1 58  ? 3.929   12.263  14.602  1.00 27.00 ? 57  LEU A CA  1 
ATOM   479  C C   . LEU A 1 58  ? 5.334   12.036  14.033  1.00 28.93 ? 57  LEU A C   1 
ATOM   480  O O   . LEU A 1 58  ? 6.311   12.489  14.612  1.00 28.97 ? 57  LEU A O   1 
ATOM   481  C CB  . LEU A 1 58  ? 3.734   11.330  15.768  1.00 27.64 ? 57  LEU A CB  1 
ATOM   482  C CG  . LEU A 1 58  ? 2.407   11.515  16.497  1.00 26.74 ? 57  LEU A CG  1 
ATOM   483  C CD1 . LEU A 1 58  ? 2.215   10.383  17.478  1.00 27.12 ? 57  LEU A CD1 1 
ATOM   484  C CD2 . LEU A 1 58  ? 2.398   12.861  17.199  1.00 28.12 ? 57  LEU A CD2 1 
ATOM   485  N N   . ASP A 1 59  ? 5.418   11.339  12.904  1.00 29.41 ? 58  ASP A N   1 
ATOM   486  C CA  . ASP A 1 59  ? 6.685   10.853  12.355  1.00 29.66 ? 58  ASP A CA  1 
ATOM   487  C C   . ASP A 1 59  ? 6.471   10.209  10.988  1.00 28.49 ? 58  ASP A C   1 
ATOM   488  O O   . ASP A 1 59  ? 5.524   9.423   10.797  1.00 28.24 ? 58  ASP A O   1 
ATOM   489  C CB  . ASP A 1 59  ? 7.297   9.780   13.253  1.00 32.93 ? 58  ASP A CB  1 
ATOM   490  C CG  . ASP A 1 59  ? 8.738   9.449   12.879  1.00 34.77 ? 58  ASP A CG  1 
ATOM   491  O OD1 . ASP A 1 59  ? 9.560   10.387  12.822  1.00 37.50 ? 58  ASP A OD1 1 
ATOM   492  O OD2 . ASP A 1 59  ? 9.054   8.260   12.649  1.00 37.28 ? 58  ASP A OD2 1 
ATOM   493  N N   . ALA A 1 60  ? 7.379   10.500  10.069  1.00 26.01 ? 59  ALA A N   1 
ATOM   494  C CA  . ALA A 1 60  ? 7.346   9.928   8.735   1.00 25.96 ? 59  ALA A CA  1 
ATOM   495  C C   . ALA A 1 60  ? 8.759   9.464   8.436   1.00 27.89 ? 59  ALA A C   1 
ATOM   496  O O   . ALA A 1 60  ? 9.704   10.174  8.782   1.00 29.33 ? 59  ALA A O   1 
ATOM   497  C CB  . ALA A 1 60  ? 6.874   10.961  7.733   1.00 24.47 ? 59  ALA A CB  1 
ATOM   498  N N   . VAL A 1 61  ? 8.879   8.255   7.868   1.00 28.71 ? 60  VAL A N   1 
ATOM   499  C CA  . VAL A 1 61  ? 10.153  7.617   7.534   1.00 28.41 ? 60  VAL A CA  1 
ATOM   500  C C   . VAL A 1 61  ? 10.062  7.127   6.105   1.00 28.35 ? 60  VAL A C   1 
ATOM   501  O O   . VAL A 1 61  ? 9.310   6.194   5.795   1.00 26.83 ? 60  VAL A O   1 
ATOM   502  C CB  . VAL A 1 61  ? 10.489  6.389   8.412   1.00 28.05 ? 60  VAL A CB  1 
ATOM   503  C CG1 . VAL A 1 61  ? 11.709  5.647   7.861   1.00 30.15 ? 60  VAL A CG1 1 
ATOM   504  C CG2 . VAL A 1 61  ? 10.726  6.780   9.870   1.00 28.41 ? 60  VAL A CG2 1 
ATOM   505  N N   . GLU A 1 62  ? 10.845  7.742   5.238   1.00 29.40 ? 61  GLU A N   1 
ATOM   506  C CA  . GLU A 1 62  ? 10.892  7.317   3.843   1.00 30.49 ? 61  GLU A CA  1 
ATOM   507  C C   . GLU A 1 62  ? 11.918  6.183   3.747   1.00 29.61 ? 61  GLU A C   1 
ATOM   508  O O   . GLU A 1 62  ? 13.031  6.296   4.291   1.00 30.69 ? 61  GLU A O   1 
ATOM   509  C CB  . GLU A 1 62  ? 11.195  8.512   2.930   1.00 30.98 ? 61  GLU A CB  1 
ATOM   510  C CG  . GLU A 1 62  ? 10.029  9.509   2.871   1.00 31.78 ? 61  GLU A CG  1 
ATOM   511  C CD  . GLU A 1 62  ? 10.373  10.843  2.231   1.00 31.93 ? 61  GLU A CD  1 
ATOM   512  O OE1 . GLU A 1 62  ? 11.562  11.123  1.982   1.00 32.48 ? 61  GLU A OE1 1 
ATOM   513  O OE2 . GLU A 1 62  ? 9.435   11.627  1.974   1.00 33.07 ? 61  GLU A OE2 1 
ATOM   514  N N   . LEU A 1 63  ? 11.534  5.066   3.125   1.00 29.06 ? 62  LEU A N   1 
ATOM   515  C CA  . LEU A 1 63  ? 12.399  3.890   3.097   1.00 28.32 ? 62  LEU A CA  1 
ATOM   516  C C   . LEU A 1 63  ? 13.296  3.919   1.858   1.00 28.97 ? 62  LEU A C   1 
ATOM   517  O O   . LEU A 1 63  ? 12.822  4.117   0.752   1.00 29.21 ? 62  LEU A O   1 
ATOM   518  C CB  . LEU A 1 63  ? 11.610  2.572   3.140   1.00 28.10 ? 62  LEU A CB  1 
ATOM   519  C CG  . LEU A 1 63  ? 10.674  2.298   4.318   1.00 27.20 ? 62  LEU A CG  1 
ATOM   520  C CD1 . LEU A 1 63  ? 9.943   0.985   4.121   1.00 26.92 ? 62  LEU A CD1 1 
ATOM   521  C CD2 . LEU A 1 63  ? 11.416  2.312   5.646   1.00 27.24 ? 62  LEU A CD2 1 
ATOM   522  N N   . VAL A 1 64  ? 14.594  3.753   2.074   1.00 28.98 ? 63  VAL A N   1 
ATOM   523  C CA  . VAL A 1 64  ? 15.558  3.504   0.992   1.00 31.27 ? 63  VAL A CA  1 
ATOM   524  C C   . VAL A 1 64  ? 16.296  2.202   1.315   1.00 31.79 ? 63  VAL A C   1 
ATOM   525  O O   . VAL A 1 64  ? 16.414  1.806   2.479   1.00 32.41 ? 63  VAL A O   1 
ATOM   526  C CB  . VAL A 1 64  ? 16.605  4.654   0.827   1.00 31.21 ? 63  VAL A CB  1 
ATOM   527  C CG1 . VAL A 1 64  ? 15.950  5.941   0.347   1.00 31.33 ? 63  VAL A CG1 1 
ATOM   528  C CG2 . VAL A 1 64  ? 17.392  4.915   2.116   1.00 30.62 ? 63  VAL A CG2 1 
ATOM   529  N N   . ASP A 1 65  ? 16.840  1.565   0.294   1.00 34.39 ? 64  ASP A N   1 
ATOM   530  C CA  . ASP A 1 65  ? 17.649  0.377   0.501   1.00 35.82 ? 64  ASP A CA  1 
ATOM   531  C C   . ASP A 1 65  ? 19.100  0.770   0.798   1.00 38.62 ? 64  ASP A C   1 
ATOM   532  O O   . ASP A 1 65  ? 19.407  1.955   0.915   1.00 40.28 ? 64  ASP A O   1 
ATOM   533  C CB  . ASP A 1 65  ? 17.562  -0.530  -0.732  1.00 34.37 ? 64  ASP A CB  1 
ATOM   534  C CG  . ASP A 1 65  ? 18.367  -0.004  -1.907  1.00 33.81 ? 64  ASP A CG  1 
ATOM   535  O OD1 . ASP A 1 65  ? 19.179  0.905   -1.701  1.00 31.34 ? 64  ASP A OD1 1 
ATOM   536  O OD2 . ASP A 1 65  ? 18.197  -0.512  -3.031  1.00 33.63 ? 64  ASP A OD2 1 
ATOM   537  N N   . GLU A 1 66  ? 19.967  -0.241  0.898   1.00 40.47 ? 65  GLU A N   1 
ATOM   538  C CA  . GLU A 1 66  ? 21.402  -0.084  1.172   1.00 42.24 ? 65  GLU A CA  1 
ATOM   539  C C   . GLU A 1 66  ? 22.133  0.691   0.063   1.00 40.99 ? 65  GLU A C   1 
ATOM   540  O O   . GLU A 1 66  ? 23.027  1.477   0.358   1.00 42.12 ? 65  GLU A O   1 
ATOM   541  C CB  . GLU A 1 66  ? 22.059  -1.470  1.427   1.00 44.93 ? 65  GLU A CB  1 
ATOM   542  C CG  . GLU A 1 66  ? 23.034  -2.015  0.358   1.00 47.77 ? 65  GLU A CG  1 
ATOM   543  C CD  . GLU A 1 66  ? 22.413  -2.874  -0.756  1.00 50.59 ? 65  GLU A CD  1 
ATOM   544  O OE1 . GLU A 1 66  ? 21.214  -3.223  -0.690  1.00 49.52 ? 65  GLU A OE1 1 
ATOM   545  O OE2 . GLU A 1 66  ? 23.149  -3.230  -1.702  1.00 49.77 ? 65  GLU A OE2 1 
ATOM   546  N N   . GLN A 1 67  ? 21.759  0.458   -1.203  1.00 39.89 ? 66  GLN A N   1 
ATOM   547  C CA  . GLN A 1 67  ? 22.231  1.265   -2.364  1.00 40.63 ? 66  GLN A CA  1 
ATOM   548  C C   . GLN A 1 67  ? 21.835  2.778   -2.323  1.00 40.26 ? 66  GLN A C   1 
ATOM   549  O O   . GLN A 1 67  ? 22.049  3.506   -3.305  1.00 41.38 ? 66  GLN A O   1 
ATOM   550  C CB  . GLN A 1 67  ? 21.744  0.612   -3.694  1.00 38.74 ? 66  GLN A CB  1 
ATOM   551  C CG  . GLN A 1 67  ? 22.573  -0.606  -4.117  1.00 40.68 ? 66  GLN A CG  1 
ATOM   552  C CD  . GLN A 1 67  ? 21.881  -1.557  -5.101  1.00 40.45 ? 66  GLN A CD  1 
ATOM   553  O OE1 . GLN A 1 67  ? 21.732  -1.254  -6.296  1.00 40.23 ? 66  GLN A OE1 1 
ATOM   554  N NE2 . GLN A 1 67  ? 21.500  -2.741  -4.609  1.00 38.35 ? 66  GLN A NE2 1 
ATOM   555  N N   . GLY A 1 68  ? 21.285  3.245   -1.194  1.00 40.56 ? 67  GLY A N   1 
ATOM   556  C CA  . GLY A 1 68  ? 20.770  4.619   -1.050  1.00 38.60 ? 67  GLY A CA  1 
ATOM   557  C C   . GLY A 1 68  ? 19.508  4.907   -1.855  1.00 36.39 ? 67  GLY A C   1 
ATOM   558  O O   . GLY A 1 68  ? 19.047  6.056   -1.924  1.00 37.27 ? 67  GLY A O   1 
ATOM   559  N N   . VAL A 1 69  ? 18.930  3.862   -2.437  1.00 34.29 ? 68  VAL A N   1 
ATOM   560  C CA  . VAL A 1 69  ? 17.922  4.024   -3.481  1.00 33.18 ? 68  VAL A CA  1 
ATOM   561  C C   . VAL A 1 69  ? 16.484  3.910   -2.950  1.00 33.44 ? 68  VAL A C   1 
ATOM   562  O O   . VAL A 1 69  ? 16.157  3.009   -2.175  1.00 30.76 ? 68  VAL A O   1 
ATOM   563  C CB  . VAL A 1 69  ? 18.143  3.038   -4.646  1.00 32.17 ? 68  VAL A CB  1 
ATOM   564  C CG1 . VAL A 1 69  ? 17.118  3.265   -5.748  1.00 33.07 ? 68  VAL A CG1 1 
ATOM   565  C CG2 . VAL A 1 69  ? 19.541  3.203   -5.230  1.00 32.16 ? 68  VAL A CG2 1 
ATOM   566  N N   . ASN A 1 70  ? 15.656  4.853   -3.398  1.00 35.36 ? 69  ASN A N   1 
ATOM   567  C CA  . ASN A 1 70  ? 14.206  4.901   -3.139  1.00 34.74 ? 69  ASN A CA  1 
ATOM   568  C C   . ASN A 1 70  ? 13.496  3.529   -3.129  1.00 34.10 ? 69  ASN A C   1 
ATOM   569  O O   . ASN A 1 70  ? 13.643  2.730   -4.055  1.00 34.10 ? 69  ASN A O   1 
ATOM   570  C CB  . ASN A 1 70  ? 13.579  5.793   -4.217  1.00 34.33 ? 69  ASN A CB  1 
ATOM   571  C CG  . ASN A 1 70  ? 12.105  6.062   -3.989  1.00 33.05 ? 69  ASN A CG  1 
ATOM   572  O OD1 . ASN A 1 70  ? 11.692  6.441   -2.896  1.00 34.32 ? 69  ASN A OD1 1 
ATOM   573  N ND2 . ASN A 1 70  ? 11.307  5.878   -5.031  1.00 33.81 ? 69  ASN A ND2 1 
ATOM   574  N N   . LEU A 1 71  ? 12.712  3.260   -2.082  1.00 34.93 ? 70  LEU A N   1 
ATOM   575  C CA  . LEU A 1 71  ? 11.814  2.091   -2.087  1.00 33.32 ? 70  LEU A CA  1 
ATOM   576  C C   . LEU A 1 71  ? 10.337  2.494   -2.271  1.00 31.22 ? 70  LEU A C   1 
ATOM   577  O O   . LEU A 1 71  ? 9.472   1.628   -2.430  1.00 29.09 ? 70  LEU A O   1 
ATOM   578  C CB  . LEU A 1 71  ? 12.024  1.257   -0.811  1.00 35.18 ? 70  LEU A CB  1 
ATOM   579  C CG  . LEU A 1 71  ? 13.402  0.591   -0.646  1.00 35.67 ? 70  LEU A CG  1 
ATOM   580  C CD1 . LEU A 1 71  ? 13.470  -0.149  0.685   1.00 35.18 ? 70  LEU A CD1 1 
ATOM   581  C CD2 . LEU A 1 71  ? 13.708  -0.359  -1.793  1.00 36.64 ? 70  LEU A CD2 1 
ATOM   582  N N   . GLU A 1 72  ? 10.071  3.803   -2.265  1.00 29.71 ? 71  GLU A N   1 
ATOM   583  C CA  . GLU A 1 72  ? 8.753   4.387   -2.595  1.00 27.95 ? 71  GLU A CA  1 
ATOM   584  C C   . GLU A 1 72  ? 7.696   4.113   -1.523  1.00 26.00 ? 71  GLU A C   1 
ATOM   585  O O   . GLU A 1 72  ? 6.488   3.986   -1.817  1.00 24.38 ? 71  GLU A O   1 
ATOM   586  C CB  . GLU A 1 72  ? 8.268   3.938   -3.977  1.00 28.41 ? 71  GLU A CB  1 
ATOM   587  C CG  . GLU A 1 72  ? 7.153   4.791   -4.578  1.00 29.40 ? 71  GLU A CG  1 
ATOM   588  C CD  . GLU A 1 72  ? 7.469   6.274   -4.609  1.00 31.09 ? 71  GLU A CD  1 
ATOM   589  O OE1 . GLU A 1 72  ? 8.653   6.626   -4.734  1.00 32.18 ? 71  GLU A OE1 1 
ATOM   590  O OE2 . GLU A 1 72  ? 6.527   7.098   -4.520  1.00 34.32 ? 71  GLU A OE2 1 
ATOM   591  N N   . LEU A 1 73  ? 8.159   4.056   -0.273  1.00 25.84 ? 72  LEU A N   1 
ATOM   592  C CA  . LEU A 1 73  ? 7.294   3.831   0.882   1.00 26.43 ? 72  LEU A CA  1 
ATOM   593  C C   . LEU A 1 73  ? 7.670   4.728   2.031   1.00 26.13 ? 72  LEU A C   1 
ATOM   594  O O   . LEU A 1 73  ? 8.836   4.856   2.383   1.00 29.65 ? 72  LEU A O   1 
ATOM   595  C CB  . LEU A 1 73  ? 7.370   2.372   1.363   1.00 26.66 ? 72  LEU A CB  1 
ATOM   596  C CG  . LEU A 1 73  ? 6.811   1.251   0.491   1.00 25.67 ? 72  LEU A CG  1 
ATOM   597  C CD1 . LEU A 1 73  ? 7.338   -0.105  0.969   1.00 26.87 ? 72  LEU A CD1 1 
ATOM   598  C CD2 . LEU A 1 73  ? 5.287   1.194   0.438   1.00 27.19 ? 72  LEU A CD2 1 
ATOM   599  N N   . THR A 1 74  ? 6.662   5.346   2.629   1.00 26.74 ? 73  THR A N   1 
ATOM   600  C CA  . THR A 1 74  ? 6.842   6.143   3.813   1.00 25.76 ? 73  THR A CA  1 
ATOM   601  C C   . THR A 1 74  ? 6.067   5.516   4.958   1.00 25.14 ? 73  THR A C   1 
ATOM   602  O O   . THR A 1 74  ? 4.874   5.238   4.848   1.00 23.78 ? 73  THR A O   1 
ATOM   603  C CB  . THR A 1 74  ? 6.294   7.551   3.563   1.00 26.40 ? 73  THR A CB  1 
ATOM   604  O OG1 . THR A 1 74  ? 6.867   8.064   2.358   1.00 28.26 ? 73  THR A OG1 1 
ATOM   605  C CG2 . THR A 1 74  ? 6.595   8.489   4.716   1.00 26.28 ? 73  THR A CG2 1 
ATOM   606  N N   . LEU A 1 75  ? 6.754   5.297   6.067   1.00 25.23 ? 74  LEU A N   1 
ATOM   607  C CA  . LEU A 1 75  ? 6.112   4.845   7.295   1.00 24.99 ? 74  LEU A CA  1 
ATOM   608  C C   . LEU A 1 75  ? 5.610   6.047   8.061   1.00 24.71 ? 74  LEU A C   1 
ATOM   609  O O   . LEU A 1 75  ? 6.393   6.945   8.374   1.00 24.85 ? 74  LEU A O   1 
ATOM   610  C CB  . LEU A 1 75  ? 7.107   4.080   8.170   1.00 24.56 ? 74  LEU A CB  1 
ATOM   611  C CG  . LEU A 1 75  ? 7.252   2.565   8.090   1.00 24.86 ? 74  LEU A CG  1 
ATOM   612  C CD1 . LEU A 1 75  ? 6.806   1.996   6.746   1.00 24.06 ? 74  LEU A CD1 1 
ATOM   613  C CD2 . LEU A 1 75  ? 8.706   2.199   8.375   1.00 24.19 ? 74  LEU A CD2 1 
ATOM   614  N N   . ILE A 1 76  ? 4.314   6.077   8.371   1.00 23.42 ? 75  ILE A N   1 
ATOM   615  C CA  . ILE A 1 76  ? 3.794   7.121   9.222   1.00 23.08 ? 75  ILE A CA  1 
ATOM   616  C C   . ILE A 1 76  ? 3.296   6.595   10.566  1.00 22.03 ? 75  ILE A C   1 
ATOM   617  O O   . ILE A 1 76  ? 2.725   5.523   10.697  1.00 20.31 ? 75  ILE A O   1 
ATOM   618  C CB  . ILE A 1 76  ? 2.724   8.023   8.550   1.00 23.33 ? 75  ILE A CB  1 
ATOM   619  C CG1 . ILE A 1 76  ? 1.535   7.221   8.011   1.00 23.88 ? 75  ILE A CG1 1 
ATOM   620  C CG2 . ILE A 1 76  ? 3.363   8.840   7.437   1.00 25.46 ? 75  ILE A CG2 1 
ATOM   621  C CD1 . ILE A 1 76  ? 0.470   8.120   7.414   1.00 23.50 ? 75  ILE A CD1 1 
ATOM   622  N N   . THR A 1 77  ? 3.593   7.378   11.582  1.00 21.44 ? 76  THR A N   1 
ATOM   623  C CA  . THR A 1 77  ? 3.132   7.109   12.913  1.00 21.67 ? 76  THR A CA  1 
ATOM   624  C C   . THR A 1 77  ? 2.082   8.178   13.173  1.00 21.73 ? 76  THR A C   1 
ATOM   625  O O   . THR A 1 77  ? 2.340   9.382   13.010  1.00 21.86 ? 76  THR A O   1 
ATOM   626  C CB  . THR A 1 77  ? 4.313   7.089   13.915  1.00 22.20 ? 76  THR A CB  1 
ATOM   627  O OG1 . THR A 1 77  ? 5.080   5.914   13.686  1.00 23.57 ? 76  THR A OG1 1 
ATOM   628  C CG2 . THR A 1 77  ? 3.821   7.028   15.342  1.00 22.67 ? 76  THR A CG2 1 
ATOM   629  N N   . LEU A 1 78  ? 0.875   7.731   13.518  1.00 20.72 ? 77  LEU A N   1 
ATOM   630  C CA  . LEU A 1 78  ? -0.253  8.639   13.668  1.00 21.24 ? 77  LEU A CA  1 
ATOM   631  C C   . LEU A 1 78  ? -0.621  8.896   15.120  1.00 20.50 ? 77  LEU A C   1 
ATOM   632  O O   . LEU A 1 78  ? -0.437  8.024   15.967  1.00 20.81 ? 77  LEU A O   1 
ATOM   633  C CB  . LEU A 1 78  ? -1.478  8.041   13.026  1.00 21.41 ? 77  LEU A CB  1 
ATOM   634  C CG  . LEU A 1 78  ? -1.363  7.583   11.587  1.00 21.88 ? 77  LEU A CG  1 
ATOM   635  C CD1 . LEU A 1 78  ? -2.620  6.765   11.328  1.00 20.91 ? 77  LEU A CD1 1 
ATOM   636  C CD2 . LEU A 1 78  ? -1.235  8.810   10.694  1.00 21.76 ? 77  LEU A CD2 1 
ATOM   637  N N   . ASP A 1 79  ? -1.197  10.068  15.355  1.00 22.27 ? 78  ASP A N   1 
ATOM   638  C CA  . ASP A 1 79  ? -1.712  10.505  16.666  1.00 23.55 ? 78  ASP A CA  1 
ATOM   639  C C   . ASP A 1 79  ? -3.205  10.181  16.750  1.00 24.52 ? 78  ASP A C   1 
ATOM   640  O O   . ASP A 1 79  ? -4.061  11.009  16.504  1.00 25.18 ? 78  ASP A O   1 
ATOM   641  C CB  . ASP A 1 79  ? -1.466  12.008  16.880  1.00 23.78 ? 78  ASP A CB  1 
ATOM   642  C CG  . ASP A 1 79  ? -2.007  12.532  18.214  1.00 23.98 ? 78  ASP A CG  1 
ATOM   643  O OD1 . ASP A 1 79  ? -2.313  11.742  19.131  1.00 23.49 ? 78  ASP A OD1 1 
ATOM   644  O OD2 . ASP A 1 79  ? -2.115  13.763  18.331  1.00 25.82 ? 78  ASP A OD2 1 
ATOM   645  N N   . THR A 1 80  ? -3.494  8.947   17.110  1.00 26.91 ? 79  THR A N   1 
ATOM   646  C CA  . THR A 1 80  ? -4.879  8.490   17.209  1.00 29.48 ? 79  THR A CA  1 
ATOM   647  C C   . THR A 1 80  ? -5.087  7.601   18.386  1.00 29.68 ? 79  THR A C   1 
ATOM   648  O O   . THR A 1 80  ? -4.149  7.010   18.900  1.00 30.19 ? 79  THR A O   1 
ATOM   649  C CB  . THR A 1 80  ? -5.288  7.646   16.002  1.00 30.04 ? 79  THR A CB  1 
ATOM   650  O OG1 . THR A 1 80  ? -4.216  6.758   15.648  1.00 31.17 ? 79  THR A OG1 1 
ATOM   651  C CG2 . THR A 1 80  ? -5.633  8.523   14.873  1.00 31.53 ? 79  THR A CG2 1 
ATOM   652  N N   . ASN A 1 81  ? -6.345  7.490   18.783  1.00 31.33 ? 80  ASN A N   1 
ATOM   653  C CA  . ASN A 1 81  ? -6.767  6.546   19.811  1.00 34.74 ? 80  ASN A CA  1 
ATOM   654  C C   . ASN A 1 81  ? -6.687  5.131   19.281  1.00 37.12 ? 80  ASN A C   1 
ATOM   655  O O   . ASN A 1 81  ? -6.190  4.237   19.951  1.00 42.66 ? 80  ASN A O   1 
ATOM   656  C CB  . ASN A 1 81  ? -8.203  6.854   20.268  1.00 33.70 ? 80  ASN A CB  1 
ATOM   657  C CG  . ASN A 1 81  ? -8.283  8.078   21.171  1.00 34.60 ? 80  ASN A CG  1 
ATOM   658  O OD1 . ASN A 1 81  ? -9.214  8.897   21.076  1.00 33.06 ? 80  ASN A OD1 1 
ATOM   659  N ND2 . ASN A 1 81  ? -7.309  8.207   22.075  1.00 36.77 ? 80  ASN A ND2 1 
ATOM   660  N N   . GLU A 1 82  ? -7.190  4.949   18.068  1.00 38.64 ? 81  GLU A N   1 
ATOM   661  C CA  . GLU A 1 82  ? -7.102  3.688   17.323  1.00 39.43 ? 81  GLU A CA  1 
ATOM   662  C C   . GLU A 1 82  ? -5.738  2.951   17.330  1.00 37.14 ? 81  GLU A C   1 
ATOM   663  O O   . GLU A 1 82  ? -4.704  3.554   17.041  1.00 38.97 ? 81  GLU A O   1 
ATOM   664  C CB  . GLU A 1 82  ? -7.561  3.954   15.869  1.00 41.22 ? 81  GLU A CB  1 
ATOM   665  C CG  . GLU A 1 82  ? -6.991  3.006   14.819  1.00 41.38 ? 81  GLU A CG  1 
ATOM   666  C CD  . GLU A 1 82  ? -8.002  2.574   13.778  1.00 41.41 ? 81  GLU A CD  1 
ATOM   667  O OE1 . GLU A 1 82  ? -8.368  1.373   13.775  1.00 39.96 ? 81  GLU A OE1 1 
ATOM   668  O OE2 . GLU A 1 82  ? -8.408  3.418   12.943  1.00 40.26 ? 81  GLU A OE2 1 
ATOM   669  N N   . LYS A 1 83  ? -5.785  1.662   17.698  1.00 34.87 ? 82  LYS A N   1 
ATOM   670  C CA  . LYS A 1 83  ? -4.771  0.658   17.417  1.00 33.67 ? 82  LYS A CA  1 
ATOM   671  C C   . LYS A 1 83  ? -5.262  -0.114  16.185  1.00 29.84 ? 82  LYS A C   1 
ATOM   672  O O   . LYS A 1 83  ? -6.401  -0.600  16.175  1.00 30.23 ? 82  LYS A O   1 
ATOM   673  C CB  . LYS A 1 83  ? -4.679  -0.310  18.602  1.00 36.13 ? 82  LYS A CB  1 
ATOM   674  C CG  . LYS A 1 83  ? -3.336  -1.005  18.770  1.00 39.15 ? 82  LYS A CG  1 
ATOM   675  C CD  . LYS A 1 83  ? -3.433  -2.293  19.590  1.00 39.46 ? 82  LYS A CD  1 
ATOM   676  C CE  . LYS A 1 83  ? -3.554  -3.552  18.727  1.00 40.89 ? 82  LYS A CE  1 
ATOM   677  N NZ  . LYS A 1 83  ? -4.926  -3.985  18.312  1.00 41.43 ? 82  LYS A NZ  1 
ATOM   678  N N   . PHE A 1 84  ? -4.451  -0.212  15.135  1.00 26.87 ? 83  PHE A N   1 
ATOM   679  C CA  . PHE A 1 84  ? -4.830  -1.066  13.993  1.00 25.28 ? 83  PHE A CA  1 
ATOM   680  C C   . PHE A 1 84  ? -4.739  -2.548  14.376  1.00 24.18 ? 83  PHE A C   1 
ATOM   681  O O   . PHE A 1 84  ? -3.789  -2.958  15.048  1.00 25.37 ? 83  PHE A O   1 
ATOM   682  C CB  . PHE A 1 84  ? -3.912  -0.842  12.783  1.00 24.19 ? 83  PHE A CB  1 
ATOM   683  C CG  . PHE A 1 84  ? -3.931  0.557   12.219  1.00 23.77 ? 83  PHE A CG  1 
ATOM   684  C CD1 . PHE A 1 84  ? -5.054  1.042   11.559  1.00 22.66 ? 83  PHE A CD1 1 
ATOM   685  C CD2 . PHE A 1 84  ? -2.778  1.367   12.264  1.00 23.26 ? 83  PHE A CD2 1 
ATOM   686  C CE1 . PHE A 1 84  ? -5.063  2.314   10.991  1.00 22.26 ? 83  PHE A CE1 1 
ATOM   687  C CE2 . PHE A 1 84  ? -2.783  2.645   11.703  1.00 23.52 ? 83  PHE A CE2 1 
ATOM   688  C CZ  . PHE A 1 84  ? -3.933  3.125   11.077  1.00 23.75 ? 83  PHE A CZ  1 
ATOM   689  N N   . ARG A 1 85  ? -5.682  -3.371  13.915  1.00 24.65 ? 84  ARG A N   1 
ATOM   690  C CA  . ARG A 1 85  ? -5.493  -4.830  13.966  1.00 25.37 ? 84  ARG A CA  1 
ATOM   691  C C   . ARG A 1 85  ? -4.089  -5.174  13.421  1.00 25.41 ? 84  ARG A C   1 
ATOM   692  O O   . ARG A 1 85  ? -3.655  -4.653  12.397  1.00 24.12 ? 84  ARG A O   1 
ATOM   693  C CB  . ARG A 1 85  ? -6.542  -5.584  13.149  1.00 26.56 ? 84  ARG A CB  1 
ATOM   694  C CG  . ARG A 1 85  ? -6.215  -7.064  13.048  1.00 27.93 ? 84  ARG A CG  1 
ATOM   695  C CD  . ARG A 1 85  ? -7.090  -7.856  12.117  1.00 28.90 ? 84  ARG A CD  1 
ATOM   696  N NE  . ARG A 1 85  ? -7.128  -7.348  10.750  1.00 31.05 ? 84  ARG A NE  1 
ATOM   697  C CZ  . ARG A 1 85  ? -7.641  -8.022  9.721   1.00 31.21 ? 84  ARG A CZ  1 
ATOM   698  N NH1 . ARG A 1 85  ? -8.129  -9.255  9.880   1.00 30.89 ? 84  ARG A NH1 1 
ATOM   699  N NH2 . ARG A 1 85  ? -7.650  -7.479  8.518   1.00 31.92 ? 84  ARG A NH2 1 
ATOM   700  N N   . ASP A 1 86  ? -3.358  -6.026  14.110  1.00 24.14 ? 85  ASP A N   1 
ATOM   701  C CA  . ASP A 1 86  ? -1.978  -6.269  13.708  1.00 24.57 ? 85  ASP A CA  1 
ATOM   702  C C   . ASP A 1 86  ? -2.012  -7.256  12.563  1.00 23.49 ? 85  ASP A C   1 
ATOM   703  O O   . ASP A 1 86  ? -2.380  -8.390  12.767  1.00 23.46 ? 85  ASP A O   1 
ATOM   704  C CB  . ASP A 1 86  ? -1.171  -6.830  14.880  1.00 24.50 ? 85  ASP A CB  1 
ATOM   705  C CG  . ASP A 1 86  ? 0.280   -7.156  14.511  1.00 25.71 ? 85  ASP A CG  1 
ATOM   706  O OD1 . ASP A 1 86  ? 0.601   -7.376  13.310  1.00 24.91 ? 85  ASP A OD1 1 
ATOM   707  O OD2 . ASP A 1 86  ? 1.100   -7.205  15.453  1.00 24.28 ? 85  ASP A OD2 1 
ATOM   708  N N   . ILE A 1 87  ? -1.618  -6.836  11.368  1.00 23.27 ? 86  ILE A N   1 
ATOM   709  C CA  . ILE A 1 87  ? -1.595  -7.732  10.200  1.00 22.69 ? 86  ILE A CA  1 
ATOM   710  C C   . ILE A 1 87  ? -0.183  -8.113  9.746   1.00 22.26 ? 86  ILE A C   1 
ATOM   711  O O   . ILE A 1 87  ? 0.001   -8.652  8.628   1.00 22.57 ? 86  ILE A O   1 
ATOM   712  C CB  . ILE A 1 87  ? -2.325  -7.120  8.977   1.00 22.98 ? 86  ILE A CB  1 
ATOM   713  C CG1 . ILE A 1 87  ? -1.761  -5.737  8.641   1.00 23.99 ? 86  ILE A CG1 1 
ATOM   714  C CG2 . ILE A 1 87  ? -3.831  -7.087  9.207   1.00 22.55 ? 86  ILE A CG2 1 
ATOM   715  C CD1 . ILE A 1 87  ? -2.231  -5.189  7.317   1.00 24.84 ? 86  ILE A CD1 1 
ATOM   716  N N   . THR A 1 88  ? 0.821   -7.843  10.583  1.00 23.95 ? 87  THR A N   1 
ATOM   717  C CA  . THR A 1 88  ? 2.219   -8.185  10.233  1.00 23.25 ? 87  THR A CA  1 
ATOM   718  C C   . THR A 1 88  ? 2.467   -9.683  9.948   1.00 24.42 ? 87  THR A C   1 
ATOM   719  O O   . THR A 1 88  ? 3.379   -10.038 9.178   1.00 23.85 ? 87  THR A O   1 
ATOM   720  C CB  . THR A 1 88  ? 3.227   -7.780  11.334  1.00 22.19 ? 87  THR A CB  1 
ATOM   721  O OG1 . THR A 1 88  ? 2.842   -8.366  12.571  1.00 22.76 ? 87  THR A OG1 1 
ATOM   722  C CG2 . THR A 1 88  ? 3.316   -6.299  11.497  1.00 21.91 ? 87  THR A CG2 1 
ATOM   723  N N   . LYS A 1 89  ? 1.698   -10.573 10.575  1.00 24.13 ? 88  LYS A N   1 
ATOM   724  C CA  . LYS A 1 89  ? 1.845   -11.991 10.268  1.00 26.23 ? 88  LYS A CA  1 
ATOM   725  C C   . LYS A 1 89  ? 1.341   -12.384 8.860   1.00 25.47 ? 88  LYS A C   1 
ATOM   726  O O   . LYS A 1 89  ? 1.651   -13.479 8.393   1.00 25.01 ? 88  LYS A O   1 
ATOM   727  C CB  . LYS A 1 89  ? 1.162   -12.854 11.315  1.00 26.27 ? 88  LYS A CB  1 
ATOM   728  C CG  . LYS A 1 89  ? -0.350  -12.851 11.268  1.00 27.89 ? 88  LYS A CG  1 
ATOM   729  C CD  . LYS A 1 89  ? -0.851  -13.747 12.386  1.00 29.67 ? 88  LYS A CD  1 
ATOM   730  C CE  . LYS A 1 89  ? -2.362  -13.857 12.379  1.00 29.72 ? 88  LYS A CE  1 
ATOM   731  N NZ  . LYS A 1 89  ? -2.967  -12.703 13.078  1.00 30.31 ? 88  LYS A NZ  1 
ATOM   732  N N   . PHE A 1 90  ? 0.556   -11.530 8.201   1.00 27.13 ? 89  PHE A N   1 
ATOM   733  C CA  . PHE A 1 90  ? 0.174   -11.780 6.787   1.00 28.22 ? 89  PHE A CA  1 
ATOM   734  C C   . PHE A 1 90  ? 1.192   -11.207 5.808   1.00 29.13 ? 89  PHE A C   1 
ATOM   735  O O   . PHE A 1 90  ? 1.054   -11.404 4.599   1.00 30.79 ? 89  PHE A O   1 
ATOM   736  C CB  . PHE A 1 90  ? -1.223  -11.234 6.416   1.00 28.25 ? 89  PHE A CB  1 
ATOM   737  C CG  . PHE A 1 90  ? -2.317  -11.644 7.368   1.00 27.48 ? 89  PHE A CG  1 
ATOM   738  C CD1 . PHE A 1 90  ? -2.621  -12.984 7.577   1.00 26.50 ? 89  PHE A CD1 1 
ATOM   739  C CD2 . PHE A 1 90  ? -3.051  -10.682 8.048   1.00 27.36 ? 89  PHE A CD2 1 
ATOM   740  C CE1 . PHE A 1 90  ? -3.610  -13.351 8.480   1.00 27.54 ? 89  PHE A CE1 1 
ATOM   741  C CE2 . PHE A 1 90  ? -4.027  -11.039 8.950   1.00 27.79 ? 89  PHE A CE2 1 
ATOM   742  C CZ  . PHE A 1 90  ? -4.320  -12.378 9.159   1.00 27.13 ? 89  PHE A CZ  1 
ATOM   743  N N   . ILE A 1 91  ? 2.206   -10.499 6.292   1.00 29.58 ? 90  ILE A N   1 
ATOM   744  C CA  . ILE A 1 91  ? 3.205   -9.924  5.395   1.00 31.30 ? 90  ILE A CA  1 
ATOM   745  C C   . ILE A 1 91  ? 4.385   -10.887 5.354   1.00 31.15 ? 90  ILE A C   1 
ATOM   746  O O   . ILE A 1 91  ? 4.958   -11.189 6.397   1.00 31.89 ? 90  ILE A O   1 
ATOM   747  C CB  . ILE A 1 91  ? 3.665   -8.533  5.859   1.00 30.08 ? 90  ILE A CB  1 
ATOM   748  C CG1 . ILE A 1 91  ? 2.474   -7.569  5.973   1.00 31.57 ? 90  ILE A CG1 1 
ATOM   749  C CG2 . ILE A 1 91  ? 4.663   -7.964  4.871   1.00 30.60 ? 90  ILE A CG2 1 
ATOM   750  C CD1 . ILE A 1 91  ? 2.901   -6.141  6.294   1.00 32.73 ? 90  ILE A CD1 1 
ATOM   751  N N   . PRO A 1 92  ? 4.759   -11.376 4.158   1.00 32.73 ? 91  PRO A N   1 
ATOM   752  C CA  . PRO A 1 92  ? 5.851   -12.354 4.140   1.00 33.28 ? 91  PRO A CA  1 
ATOM   753  C C   . PRO A 1 92  ? 7.149   -11.758 4.681   1.00 33.49 ? 91  PRO A C   1 
ATOM   754  O O   . PRO A 1 92  ? 7.304   -10.531 4.664   1.00 33.72 ? 91  PRO A O   1 
ATOM   755  C CB  . PRO A 1 92  ? 6.002   -12.677 2.649   1.00 32.65 ? 91  PRO A CB  1 
ATOM   756  C CG  . PRO A 1 92  ? 5.615   -11.404 1.983   1.00 32.78 ? 91  PRO A CG  1 
ATOM   757  C CD  . PRO A 1 92  ? 4.461   -10.880 2.803   1.00 32.93 ? 91  PRO A CD  1 
ATOM   758  N N   . GLU A 1 93  ? 8.060   -12.610 5.151   1.00 34.84 ? 92  GLU A N   1 
ATOM   759  C CA  . GLU A 1 93  ? 9.371   -12.159 5.632   1.00 37.07 ? 92  GLU A CA  1 
ATOM   760  C C   . GLU A 1 93  ? 10.256  -11.624 4.500   1.00 38.00 ? 92  GLU A C   1 
ATOM   761  O O   . GLU A 1 93  ? 11.132  -10.776 4.726   1.00 35.15 ? 92  GLU A O   1 
ATOM   762  C CB  . GLU A 1 93  ? 10.104  -13.289 6.354   1.00 40.63 ? 92  GLU A CB  1 
ATOM   763  C CG  . GLU A 1 93  ? 9.485   -13.694 7.680   1.00 42.92 ? 92  GLU A CG  1 
ATOM   764  C CD  . GLU A 1 93  ? 10.409  -14.572 8.506   1.00 46.72 ? 92  GLU A CD  1 
ATOM   765  O OE1 . GLU A 1 93  ? 10.525  -14.336 9.735   1.00 49.95 ? 92  GLU A OE1 1 
ATOM   766  O OE2 . GLU A 1 93  ? 11.032  -15.487 7.925   1.00 48.60 ? 92  GLU A OE2 1 
ATOM   767  N N   . ASN A 1 94  ? 10.024  -12.123 3.287   1.00 37.17 ? 93  ASN A N   1 
ATOM   768  C CA  . ASN A 1 94  ? 10.734  -11.643 2.109   1.00 36.80 ? 93  ASN A CA  1 
ATOM   769  C C   . ASN A 1 94  ? 9.729   -11.330 1.034   1.00 36.97 ? 93  ASN A C   1 
ATOM   770  O O   . ASN A 1 94  ? 8.653   -11.915 1.008   1.00 39.00 ? 93  ASN A O   1 
ATOM   771  C CB  . ASN A 1 94  ? 11.760  -12.679 1.655   1.00 36.65 ? 93  ASN A CB  1 
ATOM   772  C CG  . ASN A 1 94  ? 12.943  -12.757 2.605   1.00 36.21 ? 93  ASN A CG  1 
ATOM   773  O OD1 . ASN A 1 94  ? 13.120  -13.737 3.330   1.00 33.45 ? 93  ASN A OD1 1 
ATOM   774  N ND2 . ASN A 1 94  ? 13.728  -11.696 2.641   1.00 37.01 ? 93  ASN A ND2 1 
ATOM   775  N N   . ILE A 1 95  ? 10.067  -10.374 0.179   1.00 37.56 ? 94  ILE A N   1 
ATOM   776  C CA  . ILE A 1 95  ? 9.151   -9.937  -0.865  1.00 38.12 ? 94  ILE A CA  1 
ATOM   777  C C   . ILE A 1 95  ? 8.842   -11.108 -1.793  1.00 39.47 ? 94  ILE A C   1 
ATOM   778  O O   . ILE A 1 95  ? 9.752   -11.754 -2.330  1.00 39.85 ? 94  ILE A O   1 
ATOM   779  C CB  . ILE A 1 95  ? 9.694   -8.698  -1.620  1.00 37.89 ? 94  ILE A CB  1 
ATOM   780  C CG1 . ILE A 1 95  ? 9.614   -7.468  -0.710  1.00 38.40 ? 94  ILE A CG1 1 
ATOM   781  C CG2 . ILE A 1 95  ? 8.900   -8.419  -2.892  1.00 38.20 ? 94  ILE A CG2 1 
ATOM   782  C CD1 . ILE A 1 95  ? 10.670  -6.421  -0.968  1.00 37.96 ? 94  ILE A CD1 1 
ATOM   783  N N   . SER A 1 96  ? 7.545   -11.360 -1.965  1.00 39.08 ? 95  SER A N   1 
ATOM   784  C CA  . SER A 1 96  ? 7.060   -12.587 -2.549  1.00 38.73 ? 95  SER A CA  1 
ATOM   785  C C   . SER A 1 96  ? 6.173   -12.293 -3.729  1.00 39.29 ? 95  SER A C   1 
ATOM   786  O O   . SER A 1 96  ? 5.443   -11.290 -3.749  1.00 41.42 ? 95  SER A O   1 
ATOM   787  C CB  . SER A 1 96  ? 6.246   -13.379 -1.527  1.00 38.67 ? 95  SER A CB  1 
ATOM   788  O OG  . SER A 1 96  ? 7.017   -13.723 -0.394  1.00 40.60 ? 95  SER A OG  1 
ATOM   789  N N   . THR A 1 97  ? 6.211   -13.216 -4.677  1.00 37.30 ? 96  THR A N   1 
ATOM   790  C CA  . THR A 1 97  ? 5.441   -13.141 -5.894  1.00 37.30 ? 96  THR A CA  1 
ATOM   791  C C   . THR A 1 97  ? 4.161   -13.907 -5.630  1.00 36.70 ? 96  THR A C   1 
ATOM   792  O O   . THR A 1 97  ? 3.996   -14.489 -4.551  1.00 35.92 ? 96  THR A O   1 
ATOM   793  C CB  . THR A 1 97  ? 6.211   -13.799 -7.044  1.00 36.75 ? 96  THR A CB  1 
ATOM   794  O OG1 . THR A 1 97  ? 6.364   -15.186 -6.761  1.00 37.53 ? 96  THR A OG1 1 
ATOM   795  C CG2 . THR A 1 97  ? 7.582   -13.169 -7.196  1.00 37.70 ? 96  THR A CG2 1 
ATOM   796  N N   . ALA A 1 98  ? 3.251   -13.917 -6.593  1.00 35.41 ? 97  ALA A N   1 
ATOM   797  C CA  . ALA A 1 98  ? 1.941   -14.505 -6.347  1.00 34.18 ? 97  ALA A CA  1 
ATOM   798  C C   . ALA A 1 98  ? 1.172   -14.778 -7.633  1.00 33.04 ? 97  ALA A C   1 
ATOM   799  O O   . ALA A 1 98  ? 1.415   -14.139 -8.657  1.00 35.49 ? 97  ALA A O   1 
ATOM   800  C CB  . ALA A 1 98  ? 1.121   -13.591 -5.433  1.00 34.11 ? 97  ALA A CB  1 
ATOM   801  N N   . SER A 1 99  ? 0.254   -15.743 -7.572  1.00 32.30 ? 98  SER A N   1 
ATOM   802  C CA  . SER A 1 99  ? -0.666  -16.009 -8.682  1.00 32.71 ? 98  SER A CA  1 
ATOM   803  C C   . SER A 1 99  ? -2.020  -15.396 -8.377  1.00 33.77 ? 98  SER A C   1 
ATOM   804  O O   . SER A 1 99  ? -2.396  -15.300 -7.213  1.00 33.31 ? 98  SER A O   1 
ATOM   805  C CB  . SER A 1 99  ? -0.853  -17.516 -8.905  1.00 31.80 ? 98  SER A CB  1 
ATOM   806  O OG  . SER A 1 99  ? 0.350   -18.127 -9.330  1.00 31.19 ? 98  SER A OG  1 
ATOM   807  N N   . ASP A 1 100 ? -2.746  -14.971 -9.410  1.00 33.57 ? 99  ASP A N   1 
ATOM   808  C CA  . ASP A 1 100 ? -4.158  -14.583 -9.248  1.00 35.67 ? 99  ASP A CA  1 
ATOM   809  C C   . ASP A 1 100 ? -4.437  -13.614 -8.072  1.00 33.50 ? 99  ASP A C   1 
ATOM   810  O O   . ASP A 1 100 ? -5.442  -13.772 -7.377  1.00 32.69 ? 99  ASP A O   1 
ATOM   811  C CB  . ASP A 1 100 ? -5.020  -15.836 -9.040  1.00 36.93 ? 99  ASP A CB  1 
ATOM   812  C CG  . ASP A 1 100 ? -5.467  -16.488 -10.337 1.00 38.98 ? 99  ASP A CG  1 
ATOM   813  O OD1 . ASP A 1 100 ? -5.566  -15.807 -11.383 1.00 40.88 ? 99  ASP A OD1 1 
ATOM   814  O OD2 . ASP A 1 100 ? -5.738  -17.708 -10.292 1.00 40.15 ? 99  ASP A OD2 1 
ATOM   815  N N   . ALA A 1 101 ? -3.553  -12.633 -7.868  1.00 32.39 ? 100 ALA A N   1 
ATOM   816  C CA  . ALA A 1 101 ? -3.679  -11.615 -6.818  1.00 32.61 ? 100 ALA A CA  1 
ATOM   817  C C   . ALA A 1 101 ? -4.801  -10.610 -7.062  1.00 32.42 ? 100 ALA A C   1 
ATOM   818  O O   . ALA A 1 101 ? -5.334  -10.491 -8.157  1.00 30.41 ? 100 ALA A O   1 
ATOM   819  C CB  . ALA A 1 101 ? -2.361  -10.873 -6.659  1.00 32.11 ? 100 ALA A CB  1 
ATOM   820  N N   . THR A 1 102 ? -5.168  -9.897  -6.011  1.00 31.44 ? 101 THR A N   1 
ATOM   821  C CA  . THR A 1 102 ? -6.169  -8.855  -6.123  1.00 31.79 ? 101 THR A CA  1 
ATOM   822  C C   . THR A 1 102 ? -5.597  -7.612  -5.511  1.00 29.07 ? 101 THR A C   1 
ATOM   823  O O   . THR A 1 102 ? -4.953  -7.674  -4.480  1.00 30.36 ? 101 THR A O   1 
ATOM   824  C CB  . THR A 1 102 ? -7.465  -9.219  -5.391  1.00 32.68 ? 101 THR A CB  1 
ATOM   825  O OG1 . THR A 1 102 ? -7.867  -10.533 -5.789  1.00 34.26 ? 101 THR A OG1 1 
ATOM   826  C CG2 . THR A 1 102 ? -8.559  -8.216  -5.722  1.00 33.34 ? 101 THR A CG2 1 
ATOM   827  N N   . LEU A 1 103 ? -5.822  -6.489  -6.177  1.00 27.52 ? 102 LEU A N   1 
ATOM   828  C CA  . LEU A 1 103 ? -5.427  -5.187  -5.677  1.00 26.63 ? 102 LEU A CA  1 
ATOM   829  C C   . LEU A 1 103 ? -6.653  -4.582  -5.019  1.00 25.46 ? 102 LEU A C   1 
ATOM   830  O O   . LEU A 1 103 ? -7.702  -4.406  -5.668  1.00 24.82 ? 102 LEU A O   1 
ATOM   831  C CB  . LEU A 1 103 ? -4.963  -4.306  -6.831  1.00 25.46 ? 102 LEU A CB  1 
ATOM   832  C CG  . LEU A 1 103 ? -4.589  -2.853  -6.625  1.00 25.75 ? 102 LEU A CG  1 
ATOM   833  C CD1 . LEU A 1 103 ? -3.295  -2.759  -5.851  1.00 25.58 ? 102 LEU A CD1 1 
ATOM   834  C CD2 . LEU A 1 103 ? -4.415  -2.183  -7.981  1.00 25.22 ? 102 LEU A CD2 1 
ATOM   835  N N   . VAL A 1 104 ? -6.527  -4.249  -3.742  1.00 27.28 ? 103 VAL A N   1 
ATOM   836  C CA  . VAL A 1 104 ? -7.655  -3.652  -3.011  1.00 24.61 ? 103 VAL A CA  1 
ATOM   837  C C   . VAL A 1 104 ? -7.417  -2.151  -2.800  1.00 23.13 ? 103 VAL A C   1 
ATOM   838  O O   . VAL A 1 104 ? -6.447  -1.731  -2.146  1.00 23.57 ? 103 VAL A O   1 
ATOM   839  C CB  . VAL A 1 104 ? -7.911  -4.369  -1.671  1.00 25.87 ? 103 VAL A CB  1 
ATOM   840  C CG1 . VAL A 1 104 ? -9.106  -3.758  -0.962  1.00 25.57 ? 103 VAL A CG1 1 
ATOM   841  C CG2 . VAL A 1 104 ? -8.128  -5.856  -1.911  1.00 26.25 ? 103 VAL A CG2 1 
ATOM   842  N N   . ILE A 1 105 ? -8.317  -1.360  -3.373  1.00 21.56 ? 104 ILE A N   1 
ATOM   843  C CA  . ILE A 1 105 ? -8.252  0.091   -3.342  1.00 22.22 ? 104 ILE A CA  1 
ATOM   844  C C   . ILE A 1 105 ? -9.369  0.639   -2.463  1.00 21.54 ? 104 ILE A C   1 
ATOM   845  O O   . ILE A 1 105 ? -10.471 0.079   -2.404  1.00 21.43 ? 104 ILE A O   1 
ATOM   846  C CB  . ILE A 1 105 ? -8.379  0.650   -4.768  1.00 22.51 ? 104 ILE A CB  1 
ATOM   847  C CG1 . ILE A 1 105 ? -7.093  0.342   -5.565  1.00 22.59 ? 104 ILE A CG1 1 
ATOM   848  C CG2 . ILE A 1 105 ? -8.684  2.158   -4.803  1.00 22.60 ? 104 ILE A CG2 1 
ATOM   849  C CD1 . ILE A 1 105 ? -7.396  -0.016  -7.008  1.00 23.95 ? 104 ILE A CD1 1 
ATOM   850  N N   . ASN A 1 106 ? -9.081  1.751   -1.794  1.00 20.34 ? 105 ASN A N   1 
ATOM   851  C CA  . ASN A 1 106 ? -10.060 2.387   -0.931  1.00 21.64 ? 105 ASN A CA  1 
ATOM   852  C C   . ASN A 1 106 ? -9.770  3.876   -0.765  1.00 20.13 ? 105 ASN A C   1 
ATOM   853  O O   . ASN A 1 106 ? -8.935  4.334   0.034   1.00 21.15 ? 105 ASN A O   1 
ATOM   854  C CB  . ASN A 1 106 ? -10.223 1.679   0.420   1.00 21.67 ? 105 ASN A CB  1 
ATOM   855  C CG  . ASN A 1 106 ? -11.496 2.100   1.150   1.00 21.35 ? 105 ASN A CG  1 
ATOM   856  O OD1 . ASN A 1 106 ? -12.550 2.411   0.545   1.00 22.38 ? 105 ASN A OD1 1 
ATOM   857  N ND2 . ASN A 1 106 ? -11.418 2.100   2.457   1.00 23.65 ? 105 ASN A ND2 1 
ATOM   858  N N   . THR A 1 107 ? -10.520 4.625   -1.549  1.00 21.28 ? 106 THR A N   1 
ATOM   859  C CA  . THR A 1 107 ? -10.306 6.043   -1.765  1.00 20.64 ? 106 THR A CA  1 
ATOM   860  C C   . THR A 1 107 ? -11.700 6.642   -1.740  1.00 21.22 ? 106 THR A C   1 
ATOM   861  O O   . THR A 1 107 ? -12.658 5.900   -1.843  1.00 20.71 ? 106 THR A O   1 
ATOM   862  C CB  . THR A 1 107 ? -9.601  6.170   -3.122  1.00 20.71 ? 106 THR A CB  1 
ATOM   863  O OG1 . THR A 1 107 ? -8.171  6.200   -2.939  1.00 23.00 ? 106 THR A OG1 1 
ATOM   864  C CG2 . THR A 1 107 ? -10.029 7.333   -3.836  1.00 20.29 ? 106 THR A CG2 1 
ATOM   865  N N   . GLU A 1 108 ? -11.836 7.962   -1.613  1.00 21.93 ? 107 GLU A N   1 
ATOM   866  C CA  . GLU A 1 108 ? -13.171 8.586   -1.665  1.00 24.58 ? 107 GLU A CA  1 
ATOM   867  C C   . GLU A 1 108 ? -13.774 8.444   -3.076  1.00 24.50 ? 107 GLU A C   1 
ATOM   868  O O   . GLU A 1 108 ? -14.959 8.195   -3.232  1.00 25.10 ? 107 GLU A O   1 
ATOM   869  C CB  . GLU A 1 108 ? -13.085 10.071  -1.271  1.00 26.03 ? 107 GLU A CB  1 
ATOM   870  C CG  . GLU A 1 108 ? -14.432 10.788  -1.171  1.00 29.09 ? 107 GLU A CG  1 
ATOM   871  C CD  . GLU A 1 108 ? -14.319 12.311  -1.133  1.00 31.98 ? 107 GLU A CD  1 
ATOM   872  O OE1 . GLU A 1 108 ? -13.233 12.863  -0.854  1.00 32.44 ? 107 GLU A OE1 1 
ATOM   873  O OE2 . GLU A 1 108 ? -15.345 12.983  -1.383  1.00 34.82 ? 107 GLU A OE2 1 
ATOM   874  N N   . HIS A 1 109 ? -12.928 8.578   -4.089  1.00 24.38 ? 108 HIS A N   1 
ATOM   875  C CA  . HIS A 1 109 ? -13.315 8.372   -5.490  1.00 26.13 ? 108 HIS A CA  1 
ATOM   876  C C   . HIS A 1 109 ? -13.465 6.902   -5.931  1.00 23.78 ? 108 HIS A C   1 
ATOM   877  O O   . HIS A 1 109 ? -14.358 6.588   -6.727  1.00 23.71 ? 108 HIS A O   1 
ATOM   878  C CB  . HIS A 1 109 ? -12.355 9.145   -6.398  1.00 27.43 ? 108 HIS A CB  1 
ATOM   879  C CG  . HIS A 1 109 ? -12.297 10.614  -6.094  1.00 29.93 ? 108 HIS A CG  1 
ATOM   880  N ND1 . HIS A 1 109 ? -13.340 11.295  -5.496  1.00 30.97 ? 108 HIS A ND1 1 
ATOM   881  C CD2 . HIS A 1 109 ? -11.325 11.534  -6.307  1.00 31.74 ? 108 HIS A CD2 1 
ATOM   882  C CE1 . HIS A 1 109 ? -13.017 12.569  -5.368  1.00 31.93 ? 108 HIS A CE1 1 
ATOM   883  N NE2 . HIS A 1 109 ? -11.793 12.738  -5.842  1.00 32.14 ? 108 HIS A NE2 1 
ATOM   884  N N   . MET A 1 110 ? -12.622 6.014   -5.406  1.00 23.26 ? 109 MET A N   1 
ATOM   885  C CA  . MET A 1 110 ? -12.726 4.567   -5.615  1.00 22.13 ? 109 MET A CA  1 
ATOM   886  C C   . MET A 1 110 ? -12.882 3.793   -4.300  1.00 21.61 ? 109 MET A C   1 
ATOM   887  O O   . MET A 1 110 ? -11.945 3.144   -3.804  1.00 21.40 ? 109 MET A O   1 
ATOM   888  C CB  . MET A 1 110 ? -11.523 4.064   -6.415  1.00 23.84 ? 109 MET A CB  1 
ATOM   889  C CG  . MET A 1 110 ? -11.500 4.634   -7.839  1.00 23.71 ? 109 MET A CG  1 
ATOM   890  S SD  . MET A 1 110 ? -10.050 4.279   -8.842  1.00 26.93 ? 109 MET A SD  1 
ATOM   891  C CE  . MET A 1 110 ? -8.960  5.650   -8.501  1.00 26.19 ? 109 MET A CE  1 
ATOM   892  N N   . PRO A 1 111 ? -14.092 3.836   -3.739  1.00 20.98 ? 110 PRO A N   1 
ATOM   893  C CA  . PRO A 1 111 ? -14.333 3.188   -2.434  1.00 20.58 ? 110 PRO A CA  1 
ATOM   894  C C   . PRO A 1 111 ? -14.555 1.675   -2.566  1.00 21.41 ? 110 PRO A C   1 
ATOM   895  O O   . PRO A 1 111 ? -15.310 1.250   -3.454  1.00 23.83 ? 110 PRO A O   1 
ATOM   896  C CB  . PRO A 1 111 ? -15.597 3.887   -1.938  1.00 21.15 ? 110 PRO A CB  1 
ATOM   897  C CG  . PRO A 1 111 ? -16.332 4.257   -3.187  1.00 20.89 ? 110 PRO A CG  1 
ATOM   898  C CD  . PRO A 1 111 ? -15.290 4.529   -4.246  1.00 21.45 ? 110 PRO A CD  1 
ATOM   899  N N   . SER A 1 112 ? -13.894 0.897   -1.699  1.00 21.94 ? 111 SER A N   1 
ATOM   900  C CA  . SER A 1 112 ? -14.023 -0.568  -1.580  1.00 22.60 ? 111 SER A CA  1 
ATOM   901  C C   . SER A 1 112 ? -13.983 -1.270  -2.921  1.00 23.10 ? 111 SER A C   1 
ATOM   902  O O   . SER A 1 112 ? -14.890 -2.032  -3.298  1.00 21.87 ? 111 SER A O   1 
ATOM   903  C CB  . SER A 1 112 ? -15.305 -0.918  -0.830  1.00 22.84 ? 111 SER A CB  1 
ATOM   904  O OG  . SER A 1 112 ? -15.284 -0.335  0.455   1.00 22.70 ? 111 SER A OG  1 
ATOM   905  N N   . MET A 1 113 ? -12.912 -0.986  -3.633  1.00 22.33 ? 112 MET A N   1 
ATOM   906  C CA  . MET A 1 113 ? -12.768 -1.370  -5.029  1.00 23.00 ? 112 MET A CA  1 
ATOM   907  C C   . MET A 1 113 ? -11.776 -2.522  -5.145  1.00 23.26 ? 112 MET A C   1 
ATOM   908  O O   . MET A 1 113 ? -10.649 -2.468  -4.619  1.00 24.46 ? 112 MET A O   1 
ATOM   909  C CB  . MET A 1 113 ? -12.344 -0.154  -5.844  1.00 22.17 ? 112 MET A CB  1 
ATOM   910  C CG  . MET A 1 113 ? -12.106 -0.412  -7.328  1.00 22.95 ? 112 MET A CG  1 
ATOM   911  S SD  . MET A 1 113 ? -11.240 0.913   -8.164  1.00 22.53 ? 112 MET A SD  1 
ATOM   912  C CE  . MET A 1 113 ? -11.546 0.512   -9.883  1.00 21.33 ? 112 MET A CE  1 
ATOM   913  N N   . PHE A 1 114 ? -12.210 -3.549  -5.877  1.00 25.90 ? 113 PHE A N   1 
ATOM   914  C CA  . PHE A 1 114 ? -11.488 -4.813  -6.045  1.00 26.70 ? 113 PHE A CA  1 
ATOM   915  C C   . PHE A 1 114 ? -11.060 -4.978  -7.501  1.00 25.64 ? 113 PHE A C   1 
ATOM   916  O O   . PHE A 1 114 ? -11.903 -4.974  -8.396  1.00 24.20 ? 113 PHE A O   1 
ATOM   917  C CB  . PHE A 1 114 ? -12.419 -5.969  -5.719  1.00 29.06 ? 113 PHE A CB  1 
ATOM   918  C CG  . PHE A 1 114 ? -12.720 -6.126  -4.267  1.00 30.41 ? 113 PHE A CG  1 
ATOM   919  C CD1 . PHE A 1 114 ? -13.376 -5.127  -3.542  1.00 33.92 ? 113 PHE A CD1 1 
ATOM   920  C CD2 . PHE A 1 114 ? -12.361 -7.287  -3.618  1.00 30.86 ? 113 PHE A CD2 1 
ATOM   921  C CE1 . PHE A 1 114 ? -13.635 -5.296  -2.194  1.00 32.69 ? 113 PHE A CE1 1 
ATOM   922  C CE2 . PHE A 1 114 ? -12.638 -7.459  -2.276  1.00 31.76 ? 113 PHE A CE2 1 
ATOM   923  C CZ  . PHE A 1 114 ? -13.274 -6.468  -1.562  1.00 32.94 ? 113 PHE A CZ  1 
ATOM   924  N N   . VAL A 1 115 ? -9.765  -5.161  -7.725  1.00 25.96 ? 114 VAL A N   1 
ATOM   925  C CA  . VAL A 1 115 ? -9.217  -5.194  -9.096  1.00 26.34 ? 114 VAL A CA  1 
ATOM   926  C C   . VAL A 1 115 ? -8.350  -6.445  -9.301  1.00 27.79 ? 114 VAL A C   1 
ATOM   927  O O   . VAL A 1 115 ? -7.359  -6.631  -8.589  1.00 28.00 ? 114 VAL A O   1 
ATOM   928  C CB  . VAL A 1 115 ? -8.380  -3.931  -9.387  1.00 24.66 ? 114 VAL A CB  1 
ATOM   929  C CG1 . VAL A 1 115 ? -7.750  -4.005  -10.782 1.00 25.16 ? 114 VAL A CG1 1 
ATOM   930  C CG2 . VAL A 1 115 ? -9.234  -2.673  -9.241  1.00 25.20 ? 114 VAL A CG2 1 
ATOM   931  N N   . PRO A 1 116 ? -8.709  -7.302  -10.285 1.00 29.47 ? 115 PRO A N   1 
ATOM   932  C CA  . PRO A 1 116 ? -8.007  -8.567  -10.472 1.00 30.82 ? 115 PRO A CA  1 
ATOM   933  C C   . PRO A 1 116 ? -6.770  -8.419  -11.356 1.00 32.53 ? 115 PRO A C   1 
ATOM   934  O O   . PRO A 1 116 ? -6.848  -8.619  -12.572 1.00 33.64 ? 115 PRO A O   1 
ATOM   935  C CB  . PRO A 1 116 ? -9.059  -9.428  -11.165 1.00 30.57 ? 115 PRO A CB  1 
ATOM   936  C CG  . PRO A 1 116 ? -9.769  -8.461  -12.031 1.00 29.53 ? 115 PRO A CG  1 
ATOM   937  C CD  . PRO A 1 116 ? -9.782  -7.148  -11.285 1.00 29.02 ? 115 PRO A CD  1 
ATOM   938  N N   . VAL A 1 117 ? -5.640  -8.107  -10.728 1.00 32.43 ? 116 VAL A N   1 
ATOM   939  C CA  . VAL A 1 117 ? -4.393  -7.819  -11.447 1.00 33.41 ? 116 VAL A CA  1 
ATOM   940  C C   . VAL A 1 117 ? -3.651  -9.084  -11.916 1.00 35.66 ? 116 VAL A C   1 
ATOM   941  O O   . VAL A 1 117 ? -2.615  -8.989  -12.582 1.00 38.64 ? 116 VAL A O   1 
ATOM   942  C CB  . VAL A 1 117 ? -3.423  -6.938  -10.610 1.00 32.63 ? 116 VAL A CB  1 
ATOM   943  C CG1 . VAL A 1 117 ? -4.082  -5.624  -10.194 1.00 31.12 ? 116 VAL A CG1 1 
ATOM   944  C CG2 . VAL A 1 117 ? -2.880  -7.683  -9.385  1.00 32.96 ? 116 VAL A CG2 1 
ATOM   945  N N   . GLY A 1 118 ? -4.141  -10.266 -11.549 1.00 37.21 ? 117 GLY A N   1 
ATOM   946  C CA  . GLY A 1 118 ? -3.513  -11.504 -12.005 1.00 36.50 ? 117 GLY A CA  1 
ATOM   947  C C   . GLY A 1 118 ? -2.230  -11.806 -11.255 1.00 36.57 ? 117 GLY A C   1 
ATOM   948  O O   . GLY A 1 118 ? -2.070  -11.407 -10.099 1.00 31.83 ? 117 GLY A O   1 
ATOM   949  N N   . ASP A 1 119 ? -1.328  -12.527 -11.917 1.00 37.90 ? 118 ASP A N   1 
ATOM   950  C CA  . ASP A 1 119 ? -0.050  -12.920 -11.342 1.00 37.68 ? 118 ASP A CA  1 
ATOM   951  C C   . ASP A 1 119 ? 0.870   -11.736 -11.114 1.00 36.48 ? 118 ASP A C   1 
ATOM   952  O O   . ASP A 1 119 ? 0.880   -10.774 -11.887 1.00 37.97 ? 118 ASP A O   1 
ATOM   953  C CB  . ASP A 1 119 ? 0.659   -13.925 -12.255 1.00 40.21 ? 118 ASP A CB  1 
ATOM   954  C CG  . ASP A 1 119 ? 0.008   -15.307 -12.260 1.00 40.03 ? 118 ASP A CG  1 
ATOM   955  O OD1 . ASP A 1 119 ? -1.113  -15.515 -11.735 1.00 40.97 ? 118 ASP A OD1 1 
ATOM   956  O OD2 . ASP A 1 119 ? 0.647   -16.210 -12.828 1.00 41.30 ? 118 ASP A OD2 1 
ATOM   957  N N   . VAL A 1 120 ? 1.661   -11.828 -10.052 1.00 34.27 ? 119 VAL A N   1 
ATOM   958  C CA  . VAL A 1 120 ? 2.534   -10.740 -9.626  1.00 33.27 ? 119 VAL A CA  1 
ATOM   959  C C   . VAL A 1 120 ? 3.949   -11.259 -9.625  1.00 34.30 ? 119 VAL A C   1 
ATOM   960  O O   . VAL A 1 120 ? 4.266   -12.147 -8.845  1.00 33.91 ? 119 VAL A O   1 
ATOM   961  C CB  . VAL A 1 120 ? 2.178   -10.263 -8.203  1.00 31.84 ? 119 VAL A CB  1 
ATOM   962  C CG1 . VAL A 1 120 ? 3.154   -9.206  -7.708  1.00 32.04 ? 119 VAL A CG1 1 
ATOM   963  C CG2 . VAL A 1 120 ? 0.762   -9.720  -8.188  1.00 30.06 ? 119 VAL A CG2 1 
ATOM   964  N N   . VAL A 1 121 ? 4.805   -10.680 -10.463 1.00 36.49 ? 120 VAL A N   1 
ATOM   965  C CA  . VAL A 1 121 ? 6.161   -11.206 -10.652 1.00 36.25 ? 120 VAL A CA  1 
ATOM   966  C C   . VAL A 1 121 ? 7.280   -10.279 -10.200 1.00 38.49 ? 120 VAL A C   1 
ATOM   967  O O   . VAL A 1 121 ? 7.109   -9.071  -10.107 1.00 37.61 ? 120 VAL A O   1 
ATOM   968  C CB  . VAL A 1 121 ? 6.388   -11.606 -12.122 1.00 36.51 ? 120 VAL A CB  1 
ATOM   969  C CG1 . VAL A 1 121 ? 5.563   -12.838 -12.451 1.00 35.75 ? 120 VAL A CG1 1 
ATOM   970  C CG2 . VAL A 1 121 ? 6.026   -10.473 -13.073 1.00 36.84 ? 120 VAL A CG2 1 
ATOM   971  N N   . GLN A 1 122 ? 8.447   -10.857 -9.932  1.00 42.51 ? 121 GLN A N   1 
ATOM   972  C CA  . GLN A 1 122 ? 9.618   -10.056 -9.592  1.00 45.15 ? 121 GLN A CA  1 
ATOM   973  C C   . GLN A 1 122 ? 9.880   -9.139  -10.769 1.00 45.14 ? 121 GLN A C   1 
ATOM   974  O O   . GLN A 1 122 ? 9.773   -9.554  -11.921 1.00 45.86 ? 121 GLN A O   1 
ATOM   975  C CB  . GLN A 1 122 ? 10.853  -10.918 -9.310  1.00 47.02 ? 121 GLN A CB  1 
ATOM   976  C CG  . GLN A 1 122 ? 10.692  -11.960 -8.203  1.00 48.74 ? 121 GLN A CG  1 
ATOM   977  C CD  . GLN A 1 122 ? 10.469  -11.389 -6.798  1.00 49.55 ? 121 GLN A CD  1 
ATOM   978  O OE1 . GLN A 1 122 ? 9.678   -10.468 -6.586  1.00 50.35 ? 121 GLN A OE1 1 
ATOM   979  N NE2 . GLN A 1 122 ? 11.155  -11.968 -5.819  1.00 49.96 ? 121 GLN A NE2 1 
ATOM   980  N N   . TYR A 1 123 ? 10.160  -7.879  -10.478 1.00 44.70 ? 122 TYR A N   1 
ATOM   981  C CA  . TYR A 1 123 ? 10.473  -6.919  -11.519 1.00 45.25 ? 122 TYR A CA  1 
ATOM   982  C C   . TYR A 1 123 ? 11.758  -6.197  -11.163 1.00 43.30 ? 122 TYR A C   1 
ATOM   983  O O   . TYR A 1 123 ? 12.677  -6.136  -11.970 1.00 47.13 ? 122 TYR A O   1 
ATOM   984  C CB  . TYR A 1 123 ? 9.321   -5.928  -11.727 1.00 45.20 ? 122 TYR A CB  1 
ATOM   985  C CG  . TYR A 1 123 ? 9.365   -5.236  -13.085 1.00 44.68 ? 122 TYR A CG  1 
ATOM   986  C CD1 . TYR A 1 123 ? 8.764   -5.810  -14.213 1.00 47.21 ? 122 TYR A CD1 1 
ATOM   987  C CD2 . TYR A 1 123 ? 10.013  -4.017  -13.242 1.00 44.73 ? 122 TYR A CD2 1 
ATOM   988  C CE1 . TYR A 1 123 ? 8.817   -5.182  -15.457 1.00 46.98 ? 122 TYR A CE1 1 
ATOM   989  C CE2 . TYR A 1 123 ? 10.068  -3.385  -14.477 1.00 46.02 ? 122 TYR A CE2 1 
ATOM   990  C CZ  . TYR A 1 123 ? 9.466   -3.966  -15.582 1.00 46.13 ? 122 TYR A CZ  1 
ATOM   991  O OH  . TYR A 1 123 ? 9.527   -3.324  -16.804 1.00 46.92 ? 122 TYR A OH  1 
ATOM   992  N N   . GLY A 1 124 ? 11.825  -5.658  -9.953  1.00 42.50 ? 123 GLY A N   1 
ATOM   993  C CA  . GLY A 1 124 ? 13.017  -4.973  -9.476  1.00 41.07 ? 123 GLY A CA  1 
ATOM   994  C C   . GLY A 1 124 ? 13.005  -3.483  -9.784  1.00 43.24 ? 123 GLY A C   1 
ATOM   995  O O   . GLY A 1 124 ? 12.200  -2.723  -9.213  1.00 43.08 ? 123 GLY A O   1 
ATOM   996  N N   . PHE A 1 125 ? 13.902  -3.064  -10.685 1.00 42.37 ? 124 PHE A N   1 
ATOM   997  C CA  . PHE A 1 125 ? 14.159  -1.643  -10.955 1.00 41.58 ? 124 PHE A CA  1 
ATOM   998  C C   . PHE A 1 125 ? 13.045  -1.019  -11.777 1.00 40.20 ? 124 PHE A C   1 
ATOM   999  O O   . PHE A 1 125 ? 12.588  -1.615  -12.753 1.00 40.22 ? 124 PHE A O   1 
ATOM   1000 C CB  . PHE A 1 125 ? 15.488  -1.452  -11.694 1.00 42.16 ? 124 PHE A CB  1 
ATOM   1001 C CG  . PHE A 1 125 ? 15.678  -0.063  -12.269 1.00 41.63 ? 124 PHE A CG  1 
ATOM   1002 C CD1 . PHE A 1 125 ? 15.039  0.317   -13.454 1.00 40.99 ? 124 PHE A CD1 1 
ATOM   1003 C CD2 . PHE A 1 125 ? 16.517  0.860   -11.640 1.00 41.97 ? 124 PHE A CD2 1 
ATOM   1004 C CE1 . PHE A 1 125 ? 15.222  1.587   -13.993 1.00 41.36 ? 124 PHE A CE1 1 
ATOM   1005 C CE2 . PHE A 1 125 ? 16.701  2.128   -12.175 1.00 41.32 ? 124 PHE A CE2 1 
ATOM   1006 C CZ  . PHE A 1 125 ? 16.051  2.490   -13.351 1.00 41.64 ? 124 PHE A CZ  1 
ATOM   1007 N N   . LEU A 1 126 ? 12.628  0.185   -11.385 1.00 42.36 ? 125 LEU A N   1 
ATOM   1008 C CA  . LEU A 1 126 ? 11.569  0.925   -12.091 1.00 42.09 ? 125 LEU A CA  1 
ATOM   1009 C C   . LEU A 1 126 ? 11.903  2.422   -12.086 1.00 43.06 ? 125 LEU A C   1 
ATOM   1010 O O   . LEU A 1 126 ? 12.493  2.935   -11.129 1.00 41.00 ? 125 LEU A O   1 
ATOM   1011 C CB  . LEU A 1 126 ? 10.193  0.652   -11.446 1.00 42.78 ? 125 LEU A CB  1 
ATOM   1012 C CG  . LEU A 1 126 ? 8.928   1.012   -12.243 1.00 42.36 ? 125 LEU A CG  1 
ATOM   1013 C CD1 . LEU A 1 126 ? 8.739   0.110   -13.453 1.00 44.13 ? 125 LEU A CD1 1 
ATOM   1014 C CD2 . LEU A 1 126 ? 7.681   0.939   -11.364 1.00 42.77 ? 125 LEU A CD2 1 
ATOM   1015 N N   . ASN A 1 127 ? 11.588  3.117   -13.174 1.00 44.73 ? 126 ASN A N   1 
ATOM   1016 C CA  . ASN A 1 127 ? 11.779  4.567   -13.172 1.00 46.88 ? 126 ASN A CA  1 
ATOM   1017 C C   . ASN A 1 127 ? 10.469  5.324   -13.231 1.00 48.38 ? 126 ASN A C   1 
ATOM   1018 O O   . ASN A 1 127 ? 9.782   5.353   -14.259 1.00 48.59 ? 126 ASN A O   1 
ATOM   1019 C CB  . ASN A 1 127 ? 12.749  5.058   -14.244 1.00 46.46 ? 126 ASN A CB  1 
ATOM   1020 C CG  . ASN A 1 127 ? 13.455  6.329   -13.814 1.00 47.64 ? 126 ASN A CG  1 
ATOM   1021 O OD1 . ASN A 1 127 ? 14.591  6.290   -13.356 1.00 50.87 ? 126 ASN A OD1 1 
ATOM   1022 N ND2 . ASN A 1 127 ? 12.763  7.454   -13.902 1.00 47.22 ? 126 ASN A ND2 1 
ATOM   1023 N N   . LEU A 1 128 ? 10.135  5.932   -12.098 1.00 50.32 ? 127 LEU A N   1 
ATOM   1024 C CA  . LEU A 1 128 ? 8.879   6.634   -11.941 1.00 49.66 ? 127 LEU A CA  1 
ATOM   1025 C C   . LEU A 1 128 ? 9.135   8.131   -11.926 1.00 52.36 ? 127 LEU A C   1 
ATOM   1026 O O   . LEU A 1 128 ? 9.608   8.669   -10.929 1.00 52.02 ? 127 LEU A O   1 
ATOM   1027 C CB  . LEU A 1 128 ? 8.216   6.195   -10.646 1.00 48.10 ? 127 LEU A CB  1 
ATOM   1028 C CG  . LEU A 1 128 ? 7.956   4.688   -10.598 1.00 47.10 ? 127 LEU A CG  1 
ATOM   1029 C CD1 . LEU A 1 128 ? 7.996   4.169   -9.168  1.00 46.82 ? 127 LEU A CD1 1 
ATOM   1030 C CD2 . LEU A 1 128 ? 6.634   4.354   -11.275 1.00 46.22 ? 127 LEU A CD2 1 
ATOM   1031 N N   . SER A 1 129 ? 8.847   8.804   -13.039 1.00 54.23 ? 128 SER A N   1 
ATOM   1032 C CA  . SER A 1 129 ? 8.919   10.270  -13.084 1.00 54.42 ? 128 SER A CA  1 
ATOM   1033 C C   . SER A 1 129 ? 10.331  10.770  -12.722 1.00 53.73 ? 128 SER A C   1 
ATOM   1034 O O   . SER A 1 129 ? 10.497  11.632  -11.859 1.00 55.81 ? 128 SER A O   1 
ATOM   1035 C CB  . SER A 1 129 ? 7.875   10.877  -12.124 1.00 53.53 ? 128 SER A CB  1 
ATOM   1036 O OG  . SER A 1 129 ? 6.662   10.138  -12.132 1.00 52.41 ? 128 SER A OG  1 
ATOM   1037 N N   . GLY A 1 130 ? 11.352  10.196  -13.351 1.00 52.45 ? 129 GLY A N   1 
ATOM   1038 C CA  . GLY A 1 130 ? 12.736  10.509  -12.972 1.00 51.44 ? 129 GLY A CA  1 
ATOM   1039 C C   . GLY A 1 130 ? 13.207  10.042  -11.591 1.00 50.40 ? 129 GLY A C   1 
ATOM   1040 O O   . GLY A 1 130 ? 14.315  10.395  -11.184 1.00 50.33 ? 129 GLY A O   1 
ATOM   1041 N N   . LYS A 1 131 ? 12.376  9.281   -10.864 1.00 47.44 ? 130 LYS A N   1 
ATOM   1042 C CA  . LYS A 1 131 ? 12.745  8.670   -9.574  1.00 45.31 ? 130 LYS A CA  1 
ATOM   1043 C C   . LYS A 1 131 ? 13.059  7.168   -9.766  1.00 44.15 ? 130 LYS A C   1 
ATOM   1044 O O   . LYS A 1 131 ? 12.165  6.368   -10.104 1.00 42.47 ? 130 LYS A O   1 
ATOM   1045 C CB  . LYS A 1 131 ? 11.613  8.841   -8.548  1.00 46.28 ? 130 LYS A CB  1 
ATOM   1046 C CG  . LYS A 1 131 ? 12.028  8.720   -7.086  1.00 46.03 ? 130 LYS A CG  1 
ATOM   1047 C CD  . LYS A 1 131 ? 12.603  10.024  -6.559  1.00 47.19 ? 130 LYS A CD  1 
ATOM   1048 C CE  . LYS A 1 131 ? 12.573  10.087  -5.039  1.00 48.29 ? 130 LYS A CE  1 
ATOM   1049 N NZ  . LYS A 1 131 ? 13.609  11.011  -4.500  1.00 48.17 ? 130 LYS A NZ  1 
ATOM   1050 N N   . PRO A 1 132 ? 14.333  6.782   -9.576  1.00 43.31 ? 131 PRO A N   1 
ATOM   1051 C CA  . PRO A 1 132 ? 14.664  5.368   -9.639  1.00 43.64 ? 131 PRO A CA  1 
ATOM   1052 C C   . PRO A 1 132 ? 14.232  4.651   -8.362  1.00 42.47 ? 131 PRO A C   1 
ATOM   1053 O O   . PRO A 1 132 ? 14.365  5.186   -7.255  1.00 40.30 ? 131 PRO A O   1 
ATOM   1054 C CB  . PRO A 1 132 ? 16.194  5.365   -9.783  1.00 43.31 ? 131 PRO A CB  1 
ATOM   1055 C CG  . PRO A 1 132 ? 16.565  6.759   -10.148 1.00 43.71 ? 131 PRO A CG  1 
ATOM   1056 C CD  . PRO A 1 132 ? 15.548  7.603   -9.460  1.00 43.57 ? 131 PRO A CD  1 
ATOM   1057 N N   . THR A 1 133 ? 13.716  3.442   -8.532  1.00 41.07 ? 132 THR A N   1 
ATOM   1058 C CA  . THR A 1 133 ? 13.068  2.724   -7.447  1.00 40.15 ? 132 THR A CA  1 
ATOM   1059 C C   . THR A 1 133 ? 13.434  1.240   -7.518  1.00 38.35 ? 132 THR A C   1 
ATOM   1060 O O   . THR A 1 133 ? 13.388  0.641   -8.611  1.00 38.71 ? 132 THR A O   1 
ATOM   1061 C CB  . THR A 1 133 ? 11.532  2.899   -7.558  1.00 39.65 ? 132 THR A CB  1 
ATOM   1062 O OG1 . THR A 1 133 ? 11.225  4.298   -7.741  1.00 39.50 ? 132 THR A OG1 1 
ATOM   1063 C CG2 . THR A 1 133 ? 10.810  2.316   -6.311  1.00 39.34 ? 132 THR A CG2 1 
ATOM   1064 N N   . HIS A 1 134 ? 13.786  0.663   -6.366  1.00 35.31 ? 133 HIS A N   1 
ATOM   1065 C CA  . HIS A 1 134 ? 14.015  -0.790  -6.248  1.00 34.54 ? 133 HIS A CA  1 
ATOM   1066 C C   . HIS A 1 134 ? 12.894  -1.534  -5.535  1.00 34.23 ? 133 HIS A C   1 
ATOM   1067 O O   . HIS A 1 134 ? 12.023  -0.911  -4.904  1.00 28.64 ? 133 HIS A O   1 
ATOM   1068 C CB  . HIS A 1 134 ? 15.335  -1.092  -5.542  1.00 36.70 ? 133 HIS A CB  1 
ATOM   1069 C CG  . HIS A 1 134 ? 16.536  -0.716  -6.345  1.00 35.20 ? 133 HIS A CG  1 
ATOM   1070 N ND1 . HIS A 1 134 ? 17.789  -0.592  -5.787  1.00 35.93 ? 133 HIS A ND1 1 
ATOM   1071 C CD2 . HIS A 1 134 ? 16.674  -0.407  -7.655  1.00 36.01 ? 133 HIS A CD2 1 
ATOM   1072 C CE1 . HIS A 1 134 ? 18.654  -0.250  -6.726  1.00 34.10 ? 133 HIS A CE1 1 
ATOM   1073 N NE2 . HIS A 1 134 ? 18.002  -0.124  -7.867  1.00 34.20 ? 133 HIS A NE2 1 
ATOM   1074 N N   . ARG A 1 135 ? 12.960  -2.868  -5.679  1.00 33.03 ? 134 ARG A N   1 
ATOM   1075 C CA  . ARG A 1 135 ? 12.139  -3.869  -4.973  1.00 31.72 ? 134 ARG A CA  1 
ATOM   1076 C C   . ARG A 1 135 ? 10.687  -3.883  -5.378  1.00 32.26 ? 134 ARG A C   1 
ATOM   1077 O O   . ARG A 1 135 ? 9.790   -4.199  -4.572  1.00 33.82 ? 134 ARG A O   1 
ATOM   1078 C CB  . ARG A 1 135 ? 12.270  -3.745  -3.464  1.00 30.41 ? 134 ARG A CB  1 
ATOM   1079 C CG  . ARG A 1 135 ? 13.701  -3.938  -3.006  1.00 29.29 ? 134 ARG A CG  1 
ATOM   1080 C CD  . ARG A 1 135 ? 13.782  -4.054  -1.505  1.00 28.53 ? 134 ARG A CD  1 
ATOM   1081 N NE  . ARG A 1 135 ? 15.137  -3.855  -0.993  1.00 28.37 ? 134 ARG A NE  1 
ATOM   1082 C CZ  . ARG A 1 135 ? 15.474  -3.983  0.284   1.00 29.66 ? 134 ARG A CZ  1 
ATOM   1083 N NH1 . ARG A 1 135 ? 14.557  -4.308  1.196   1.00 32.61 ? 134 ARG A NH1 1 
ATOM   1084 N NH2 . ARG A 1 135 ? 16.740  -3.793  0.657   1.00 31.18 ? 134 ARG A NH2 1 
ATOM   1085 N N   . THR A 1 136 ? 10.472  -3.611  -6.659  1.00 31.49 ? 135 THR A N   1 
ATOM   1086 C CA  . THR A 1 136 ? 9.142   -3.511  -7.195  1.00 29.73 ? 135 THR A CA  1 
ATOM   1087 C C   . THR A 1 136 ? 8.770   -4.860  -7.738  1.00 30.20 ? 135 THR A C   1 
ATOM   1088 O O   . THR A 1 136 ? 9.642   -5.681  -8.023  1.00 31.06 ? 135 THR A O   1 
ATOM   1089 C CB  . THR A 1 136 ? 9.006   -2.402  -8.275  1.00 29.23 ? 135 THR A CB  1 
ATOM   1090 O OG1 . THR A 1 136 ? 9.646   -2.773  -9.515  1.00 28.60 ? 135 THR A OG1 1 
ATOM   1091 C CG2 . THR A 1 136 ? 9.559   -1.076  -7.756  1.00 27.79 ? 135 THR A CG2 1 
ATOM   1092 N N   . MET A 1 137 ? 7.468   -5.080  -7.852  1.00 30.42 ? 136 MET A N   1 
ATOM   1093 C CA  . MET A 1 137 ? 6.940   -6.210  -8.587  1.00 31.70 ? 136 MET A CA  1 
ATOM   1094 C C   . MET A 1 137 ? 5.992   -5.654  -9.654  1.00 30.78 ? 136 MET A C   1 
ATOM   1095 O O   . MET A 1 137 ? 5.674   -4.462  -9.656  1.00 28.64 ? 136 MET A O   1 
ATOM   1096 C CB  . MET A 1 137 ? 6.262   -7.209  -7.633  1.00 32.55 ? 136 MET A CB  1 
ATOM   1097 C CG  . MET A 1 137 ? 7.239   -8.148  -6.926  1.00 33.47 ? 136 MET A CG  1 
ATOM   1098 S SD  . MET A 1 137 ? 6.524   -9.320  -5.732  1.00 32.43 ? 136 MET A SD  1 
ATOM   1099 C CE  . MET A 1 137 ? 5.901   -8.125  -4.547  1.00 35.08 ? 136 MET A CE  1 
ATOM   1100 N N   . MET A 1 138 ? 5.569   -6.519  -10.569 1.00 31.32 ? 137 MET A N   1 
ATOM   1101 C CA  . MET A 1 138 ? 4.814   -6.115  -11.738 1.00 31.95 ? 137 MET A CA  1 
ATOM   1102 C C   . MET A 1 138 ? 3.656   -7.071  -11.927 1.00 30.88 ? 137 MET A C   1 
ATOM   1103 O O   . MET A 1 138 ? 3.782   -8.291  -11.720 1.00 29.97 ? 137 MET A O   1 
ATOM   1104 C CB  . MET A 1 138 ? 5.713   -6.135  -12.991 1.00 33.11 ? 137 MET A CB  1 
ATOM   1105 C CG  . MET A 1 138 ? 5.050   -5.793  -14.327 1.00 34.42 ? 137 MET A CG  1 
ATOM   1106 S SD  . MET A 1 138 ? 3.900   -6.989  -15.056 1.00 36.24 ? 137 MET A SD  1 
ATOM   1107 C CE  . MET A 1 138 ? 5.068   -8.170  -15.742 1.00 37.96 ? 137 MET A CE  1 
ATOM   1108 N N   . TYR A 1 139 ? 2.539   -6.492  -12.344 1.00 32.81 ? 138 TYR A N   1 
ATOM   1109 C CA  . TYR A 1 139 ? 1.368   -7.230  -12.815 1.00 33.84 ? 138 TYR A CA  1 
ATOM   1110 C C   . TYR A 1 139 ? 0.972   -6.655  -14.175 1.00 34.89 ? 138 TYR A C   1 
ATOM   1111 O O   . TYR A 1 139 ? 1.074   -5.433  -14.423 1.00 35.18 ? 138 TYR A O   1 
ATOM   1112 C CB  . TYR A 1 139 ? 0.188   -7.154  -11.821 1.00 34.14 ? 138 TYR A CB  1 
ATOM   1113 C CG  . TYR A 1 139 ? 0.325   -6.056  -10.804 1.00 34.90 ? 138 TYR A CG  1 
ATOM   1114 C CD1 . TYR A 1 139 ? 1.162   -6.210  -9.706  1.00 34.48 ? 138 TYR A CD1 1 
ATOM   1115 C CD2 . TYR A 1 139 ? -0.357  -4.846  -10.953 1.00 35.25 ? 138 TYR A CD2 1 
ATOM   1116 C CE1 . TYR A 1 139 ? 1.308   -5.200  -8.776  1.00 35.76 ? 138 TYR A CE1 1 
ATOM   1117 C CE2 . TYR A 1 139 ? -0.221  -3.834  -10.025 1.00 34.90 ? 138 TYR A CE2 1 
ATOM   1118 C CZ  . TYR A 1 139 ? 0.620   -4.013  -8.946  1.00 35.27 ? 138 TYR A CZ  1 
ATOM   1119 O OH  . TYR A 1 139 ? 0.762   -3.005  -8.026  1.00 36.36 ? 138 TYR A OH  1 
ATOM   1120 N N   . ASN A 1 140 ? 0.523   -7.538  -15.060 1.00 35.95 ? 139 ASN A N   1 
ATOM   1121 C CA  . ASN A 1 140 ? 0.096   -7.131  -16.389 1.00 33.40 ? 139 ASN A CA  1 
ATOM   1122 C C   . ASN A 1 140 ? -1.364  -6.733  -16.358 1.00 33.70 ? 139 ASN A C   1 
ATOM   1123 O O   . ASN A 1 140 ? -2.216  -7.447  -16.873 1.00 34.31 ? 139 ASN A O   1 
ATOM   1124 C CB  . ASN A 1 140 ? 0.330   -8.252  -17.401 1.00 33.24 ? 139 ASN A CB  1 
ATOM   1125 C CG  . ASN A 1 140 ? 1.808   -8.494  -17.672 1.00 32.75 ? 139 ASN A CG  1 
ATOM   1126 O OD1 . ASN A 1 140 ? 2.299   -9.608  -17.552 1.00 34.54 ? 139 ASN A OD1 1 
ATOM   1127 N ND2 . ASN A 1 140 ? 2.514   -7.451  -18.033 1.00 31.44 ? 139 ASN A ND2 1 
ATOM   1128 N N   . PHE A 1 141 ? -1.636  -5.588  -15.728 1.00 33.01 ? 140 PHE A N   1 
ATOM   1129 C CA  . PHE A 1 141 ? -2.976  -5.017  -15.646 1.00 32.52 ? 140 PHE A CA  1 
ATOM   1130 C C   . PHE A 1 141 ? -2.839  -3.501  -15.840 1.00 32.69 ? 140 PHE A C   1 
ATOM   1131 O O   . PHE A 1 141 ? -1.911  -2.882  -15.291 1.00 31.45 ? 140 PHE A O   1 
ATOM   1132 C CB  . PHE A 1 141 ? -3.673  -5.320  -14.288 1.00 32.72 ? 140 PHE A CB  1 
ATOM   1133 C CG  . PHE A 1 141 ? -5.162  -5.048  -14.294 1.00 32.67 ? 140 PHE A CG  1 
ATOM   1134 C CD1 . PHE A 1 141 ? -6.053  -6.031  -14.673 1.00 30.97 ? 140 PHE A CD1 1 
ATOM   1135 C CD2 . PHE A 1 141 ? -5.661  -3.802  -13.951 1.00 33.63 ? 140 PHE A CD2 1 
ATOM   1136 C CE1 . PHE A 1 141 ? -7.415  -5.796  -14.694 1.00 33.18 ? 140 PHE A CE1 1 
ATOM   1137 C CE2 . PHE A 1 141 ? -7.022  -3.554  -13.976 1.00 32.31 ? 140 PHE A CE2 1 
ATOM   1138 C CZ  . PHE A 1 141 ? -7.905  -4.552  -14.348 1.00 32.64 ? 140 PHE A CZ  1 
ATOM   1139 N N   . PRO A 1 142 ? -3.758  -2.892  -16.611 1.00 31.19 ? 141 PRO A N   1 
ATOM   1140 C CA  . PRO A 1 142 ? -3.601  -1.460  -16.864 1.00 32.77 ? 141 PRO A CA  1 
ATOM   1141 C C   . PRO A 1 142 ? -4.142  -0.604  -15.698 1.00 33.92 ? 141 PRO A C   1 
ATOM   1142 O O   . PRO A 1 142 ? -5.221  -0.023  -15.787 1.00 34.32 ? 141 PRO A O   1 
ATOM   1143 C CB  . PRO A 1 142 ? -4.401  -1.260  -18.147 1.00 31.52 ? 141 PRO A CB  1 
ATOM   1144 C CG  . PRO A 1 142 ? -5.489  -2.275  -18.059 1.00 31.74 ? 141 PRO A CG  1 
ATOM   1145 C CD  . PRO A 1 142 ? -4.900  -3.462  -17.357 1.00 31.11 ? 141 PRO A CD  1 
ATOM   1146 N N   . THR A 1 143 ? -3.393  -0.540  -14.609 1.00 35.81 ? 142 THR A N   1 
ATOM   1147 C CA  . THR A 1 143 ? -3.800  0.289   -13.487 1.00 36.35 ? 142 THR A CA  1 
ATOM   1148 C C   . THR A 1 143 ? -3.818  1.755   -13.917 1.00 36.94 ? 142 THR A C   1 
ATOM   1149 O O   . THR A 1 143 ? -3.397  2.072   -15.034 1.00 37.31 ? 142 THR A O   1 
ATOM   1150 C CB  . THR A 1 143 ? -2.885  0.083   -12.278 1.00 36.22 ? 142 THR A CB  1 
ATOM   1151 O OG1 . THR A 1 143 ? -1.524  0.309   -12.657 1.00 36.69 ? 142 THR A OG1 1 
ATOM   1152 C CG2 . THR A 1 143 ? -3.064  -1.330  -11.737 1.00 37.77 ? 142 THR A CG2 1 
ATOM   1153 N N   . LYS A 1 144 ? -4.330  2.633   -13.047 1.00 36.53 ? 143 LYS A N   1 
ATOM   1154 C CA  . LYS A 1 144 ? -4.621  4.037   -13.408 1.00 36.02 ? 143 LYS A CA  1 
ATOM   1155 C C   . LYS A 1 144 ? -4.393  5.003   -12.245 1.00 33.84 ? 143 LYS A C   1 
ATOM   1156 O O   . LYS A 1 144 ? -4.118  4.580   -11.109 1.00 29.65 ? 143 LYS A O   1 
ATOM   1157 C CB  . LYS A 1 144 ? -6.063  4.177   -13.951 1.00 37.67 ? 143 LYS A CB  1 
ATOM   1158 C CG  . LYS A 1 144 ? -7.163  3.873   -12.941 1.00 39.67 ? 143 LYS A CG  1 
ATOM   1159 C CD  . LYS A 1 144 ? -8.503  3.582   -13.597 1.00 41.35 ? 143 LYS A CD  1 
ATOM   1160 C CE  . LYS A 1 144 ? -9.298  4.848   -13.867 1.00 43.19 ? 143 LYS A CE  1 
ATOM   1161 N NZ  . LYS A 1 144 ? -10.048 5.298   -12.657 1.00 45.25 ? 143 LYS A NZ  1 
ATOM   1162 N N   . ALA A 1 145 ? -4.462  6.299   -12.562 1.00 33.22 ? 144 ALA A N   1 
ATOM   1163 C CA  . ALA A 1 145 ? -4.324  7.343   -11.562 1.00 30.46 ? 144 ALA A CA  1 
ATOM   1164 C C   . ALA A 1 145 ? -5.433  7.201   -10.528 1.00 28.86 ? 144 ALA A C   1 
ATOM   1165 O O   . ALA A 1 145 ? -6.565  6.795   -10.841 1.00 29.19 ? 144 ALA A O   1 
ATOM   1166 C CB  . ALA A 1 145 ? -4.352  8.726   -12.195 1.00 29.50 ? 144 ALA A CB  1 
ATOM   1167 N N   . GLY A 1 146 ? -5.091  7.549   -9.298  1.00 27.85 ? 145 GLY A N   1 
ATOM   1168 C CA  . GLY A 1 146 ? -5.988  7.410   -8.168  1.00 27.43 ? 145 GLY A CA  1 
ATOM   1169 C C   . GLY A 1 146 ? -5.892  6.073   -7.433  1.00 25.49 ? 145 GLY A C   1 
ATOM   1170 O O   . GLY A 1 146 ? -6.560  5.880   -6.407  1.00 25.87 ? 145 GLY A O   1 
ATOM   1171 N N   . GLN A 1 147 ? -5.073  5.150   -7.928  1.00 24.82 ? 146 GLN A N   1 
ATOM   1172 C CA  . GLN A 1 147 ? -4.998  3.798   -7.350  1.00 23.44 ? 146 GLN A CA  1 
ATOM   1173 C C   . GLN A 1 147 ? -3.732  3.495   -6.562  1.00 23.84 ? 146 GLN A C   1 
ATOM   1174 O O   . GLN A 1 147 ? -3.588  2.361   -6.066  1.00 21.86 ? 146 GLN A O   1 
ATOM   1175 C CB  . GLN A 1 147 ? -5.198  2.729   -8.434  1.00 22.59 ? 146 GLN A CB  1 
ATOM   1176 C CG  . GLN A 1 147 ? -6.587  2.792   -9.037  1.00 22.47 ? 146 GLN A CG  1 
ATOM   1177 C CD  . GLN A 1 147 ? -6.843  1.729   -10.089 1.00 21.89 ? 146 GLN A CD  1 
ATOM   1178 O OE1 . GLN A 1 147 ? -5.939  1.312   -10.817 1.00 22.25 ? 146 GLN A OE1 1 
ATOM   1179 N NE2 . GLN A 1 147 ? -8.093  1.291   -10.189 1.00 21.49 ? 146 GLN A NE2 1 
ATOM   1180 N N   . CYS A 1 148 ? -2.846  4.488   -6.449  1.00 25.40 ? 147 CYS A N   1 
ATOM   1181 C CA  . CYS A 1 148 ? -1.646  4.384   -5.610  1.00 26.44 ? 147 CYS A CA  1 
ATOM   1182 C C   . CYS A 1 148 ? -2.044  4.207   -4.142  1.00 27.02 ? 147 CYS A C   1 
ATOM   1183 O O   . CYS A 1 148 ? -2.992  4.824   -3.687  1.00 27.20 ? 147 CYS A O   1 
ATOM   1184 C CB  . CYS A 1 148 ? -0.712  5.592   -5.793  1.00 26.99 ? 147 CYS A CB  1 
ATOM   1185 S SG  . CYS A 1 148 ? 0.097   5.526   -7.382  1.00 29.11 ? 147 CYS A SG  1 
ATOM   1186 N N   . GLY A 1 149 ? -1.330  3.330   -3.434  1.00 26.78 ? 148 GLY A N   1 
ATOM   1187 C CA  . GLY A 1 149 ? -1.614  2.995   -2.026  1.00 27.28 ? 148 GLY A CA  1 
ATOM   1188 C C   . GLY A 1 149 ? -2.389  1.685   -1.933  1.00 26.24 ? 148 GLY A C   1 
ATOM   1189 O O   . GLY A 1 149 ? -2.498  1.052   -0.858  1.00 28.33 ? 148 GLY A O   1 
ATOM   1190 N N   . GLY A 1 150 ? -2.935  1.279   -3.080  1.00 26.91 ? 149 GLY A N   1 
ATOM   1191 C CA  . GLY A 1 150 ? -3.718  0.053   -3.222  1.00 25.46 ? 149 GLY A CA  1 
ATOM   1192 C C   . GLY A 1 150 ? -2.976  -1.164  -2.730  1.00 25.82 ? 149 GLY A C   1 
ATOM   1193 O O   . GLY A 1 150 ? -1.747  -1.254  -2.867  1.00 26.16 ? 149 GLY A O   1 
ATOM   1194 N N   . VAL A 1 151 ? -3.710  -2.100  -2.141  1.00 26.23 ? 150 VAL A N   1 
ATOM   1195 C CA  . VAL A 1 151 ? -3.055  -3.204  -1.440  1.00 27.53 ? 150 VAL A CA  1 
ATOM   1196 C C   . VAL A 1 151 ? -3.094  -4.486  -2.265  1.00 27.46 ? 150 VAL A C   1 
ATOM   1197 O O   . VAL A 1 151 ? -4.149  -5.002  -2.574  1.00 27.91 ? 150 VAL A O   1 
ATOM   1198 C CB  . VAL A 1 151 ? -3.619  -3.430  -0.034  1.00 27.63 ? 150 VAL A CB  1 
ATOM   1199 C CG1 . VAL A 1 151 ? -2.810  -4.525  0.671   1.00 27.79 ? 150 VAL A CG1 1 
ATOM   1200 C CG2 . VAL A 1 151 ? -3.607  -2.120  0.748   1.00 27.89 ? 150 VAL A CG2 1 
ATOM   1201 N N   . VAL A 1 152 ? -1.915  -4.953  -2.656  1.00 27.46 ? 151 VAL A N   1 
ATOM   1202 C CA  . VAL A 1 152 ? -1.793  -6.174  -3.467  1.00 27.90 ? 151 VAL A CA  1 
ATOM   1203 C C   . VAL A 1 152 ? -1.933  -7.394  -2.542  1.00 28.50 ? 151 VAL A C   1 
ATOM   1204 O O   . VAL A 1 152 ? -1.124  -7.593  -1.646  1.00 30.48 ? 151 VAL A O   1 
ATOM   1205 C CB  . VAL A 1 152 ? -0.444  -6.250  -4.242  1.00 27.74 ? 151 VAL A CB  1 
ATOM   1206 C CG1 . VAL A 1 152 ? -0.389  -7.517  -5.070  1.00 26.96 ? 151 VAL A CG1 1 
ATOM   1207 C CG2 . VAL A 1 152 ? -0.232  -5.045  -5.160  1.00 27.89 ? 151 VAL A CG2 1 
ATOM   1208 N N   . THR A 1 153 ? -2.956  -8.214  -2.745  1.00 28.96 ? 152 THR A N   1 
ATOM   1209 C CA  . THR A 1 153 ? -3.119  -9.375  -1.873  1.00 30.95 ? 152 THR A CA  1 
ATOM   1210 C C   . THR A 1 153 ? -3.507  -10.674 -2.587  1.00 31.96 ? 152 THR A C   1 
ATOM   1211 O O   . THR A 1 153 ? -3.963  -10.650 -3.732  1.00 28.58 ? 152 THR A O   1 
ATOM   1212 C CB  . THR A 1 153 ? -4.114  -9.045  -0.760  1.00 32.27 ? 152 THR A CB  1 
ATOM   1213 O OG1 . THR A 1 153 ? -3.832  -9.874  0.377   1.00 35.61 ? 152 THR A OG1 1 
ATOM   1214 C CG2 . THR A 1 153 ? -5.551  -9.218  -1.259  1.00 31.96 ? 152 THR A CG2 1 
ATOM   1215 N N   . SER A 1 154 ? -3.292  -11.807 -1.909  1.00 33.33 ? 153 SER A N   1 
ATOM   1216 C CA  . SER A 1 154 ? -3.678  -13.123 -2.431  1.00 35.06 ? 153 SER A CA  1 
ATOM   1217 C C   . SER A 1 154 ? -3.431  -14.209 -1.396  1.00 35.69 ? 153 SER A C   1 
ATOM   1218 O O   . SER A 1 154 ? -2.353  -14.280 -0.820  1.00 35.24 ? 153 SER A O   1 
ATOM   1219 C CB  . SER A 1 154 ? -2.902  -13.467 -3.715  1.00 37.09 ? 153 SER A CB  1 
ATOM   1220 O OG  . SER A 1 154 ? -1.989  -14.542 -3.552  1.00 38.11 ? 153 SER A OG  1 
ATOM   1221 N N   . VAL A 1 155 ? -4.427  -15.070 -1.211  1.00 36.87 ? 154 VAL A N   1 
ATOM   1222 C CA  . VAL A 1 155 ? -4.363  -16.234 -0.309  1.00 36.07 ? 154 VAL A CA  1 
ATOM   1223 C C   . VAL A 1 155 ? -3.982  -15.893 1.135   1.00 34.04 ? 154 VAL A C   1 
ATOM   1224 O O   . VAL A 1 155 ? -3.255  -16.639 1.774   1.00 33.00 ? 154 VAL A O   1 
ATOM   1225 C CB  . VAL A 1 155 ? -3.471  -17.394 -0.865  1.00 37.55 ? 154 VAL A CB  1 
ATOM   1226 C CG1 . VAL A 1 155 ? -3.888  -17.753 -2.290  1.00 36.84 ? 154 VAL A CG1 1 
ATOM   1227 C CG2 . VAL A 1 155 ? -1.972  -17.087 -0.817  1.00 38.16 ? 154 VAL A CG2 1 
ATOM   1228 N N   . GLY A 1 156 ? -4.518  -14.796 1.648   1.00 32.13 ? 155 GLY A N   1 
ATOM   1229 C CA  . GLY A 1 156 ? -4.271  -14.391 3.025   1.00 31.32 ? 155 GLY A CA  1 
ATOM   1230 C C   . GLY A 1 156 ? -2.907  -13.768 3.227   1.00 31.54 ? 155 GLY A C   1 
ATOM   1231 O O   . GLY A 1 156 ? -2.445  -13.640 4.343   1.00 31.90 ? 155 GLY A O   1 
ATOM   1232 N N   . LYS A 1 157 ? -2.248  -13.368 2.154   1.00 31.66 ? 156 LYS A N   1 
ATOM   1233 C CA  . LYS A 1 157 ? -0.974  -12.688 2.289   1.00 30.86 ? 156 LYS A CA  1 
ATOM   1234 C C   . LYS A 1 157 ? -1.031  -11.261 1.702   1.00 27.77 ? 156 LYS A C   1 
ATOM   1235 O O   . LYS A 1 157 ? -1.658  -11.028 0.669   1.00 27.18 ? 156 LYS A O   1 
ATOM   1236 C CB  . LYS A 1 157 ? 0.133   -13.511 1.634   1.00 34.12 ? 156 LYS A CB  1 
ATOM   1237 C CG  . LYS A 1 157 ? 0.692   -14.633 2.504   1.00 37.80 ? 156 LYS A CG  1 
ATOM   1238 C CD  . LYS A 1 157 ? 2.216   -14.705 2.374   1.00 40.97 ? 156 LYS A CD  1 
ATOM   1239 C CE  . LYS A 1 157 ? 2.807   -15.994 2.932   1.00 43.36 ? 156 LYS A CE  1 
ATOM   1240 N NZ  . LYS A 1 157 ? 2.443   -17.169 2.093   1.00 45.54 ? 156 LYS A NZ  1 
ATOM   1241 N N   . VAL A 1 158 ? -0.334  -10.345 2.371   1.00 24.41 ? 157 VAL A N   1 
ATOM   1242 C CA  . VAL A 1 158 ? -0.258  -8.905  2.041   1.00 24.24 ? 157 VAL A CA  1 
ATOM   1243 C C   . VAL A 1 158 ? 1.179   -8.607  1.584   1.00 24.79 ? 157 VAL A C   1 
ATOM   1244 O O   . VAL A 1 158 ? 2.103   -8.480  2.397   1.00 25.88 ? 157 VAL A O   1 
ATOM   1245 C CB  . VAL A 1 158 ? -0.610  -8.039  3.275   1.00 23.37 ? 157 VAL A CB  1 
ATOM   1246 C CG1 . VAL A 1 158 ? -0.486  -6.546  2.979   1.00 23.26 ? 157 VAL A CG1 1 
ATOM   1247 C CG2 . VAL A 1 158 ? -2.025  -8.338  3.738   1.00 22.81 ? 157 VAL A CG2 1 
ATOM   1248 N N   . ILE A 1 159 ? 1.329   -8.476  0.272   1.00 24.18 ? 158 ILE A N   1 
ATOM   1249 C CA  . ILE A 1 159 ? 2.623   -8.517  -0.420  1.00 24.71 ? 158 ILE A CA  1 
ATOM   1250 C C   . ILE A 1 159 ? 3.065   -7.210  -1.120  1.00 25.70 ? 158 ILE A C   1 
ATOM   1251 O O   . ILE A 1 159 ? 4.242   -7.085  -1.485  1.00 27.45 ? 158 ILE A O   1 
ATOM   1252 C CB  . ILE A 1 159 ? 2.620   -9.657  -1.475  1.00 25.23 ? 158 ILE A CB  1 
ATOM   1253 C CG1 . ILE A 1 159 ? 1.642   -9.336  -2.621  1.00 25.52 ? 158 ILE A CG1 1 
ATOM   1254 C CG2 . ILE A 1 159 ? 2.320   -11.011 -0.808  1.00 26.19 ? 158 ILE A CG2 1 
ATOM   1255 C CD1 . ILE A 1 159 ? 1.696   -10.303 -3.795  1.00 25.10 ? 158 ILE A CD1 1 
ATOM   1256 N N   . GLY A 1 160 ? 2.158   -6.258  -1.349  1.00 23.39 ? 159 GLY A N   1 
ATOM   1257 C CA  . GLY A 1 160 ? 2.586   -4.986  -1.914  1.00 23.67 ? 159 GLY A CA  1 
ATOM   1258 C C   . GLY A 1 160 ? 1.689   -3.787  -1.724  1.00 22.51 ? 159 GLY A C   1 
ATOM   1259 O O   . GLY A 1 160 ? 0.550   -3.902  -1.287  1.00 23.08 ? 159 GLY A O   1 
ATOM   1260 N N   . ILE A 1 161 ? 2.230   -2.641  -2.121  1.00 23.59 ? 160 ILE A N   1 
ATOM   1261 C CA  . ILE A 1 161 ? 1.554   -1.350  -2.152  1.00 24.82 ? 160 ILE A CA  1 
ATOM   1262 C C   . ILE A 1 161 ? 1.749   -0.730  -3.540  1.00 26.92 ? 160 ILE A C   1 
ATOM   1263 O O   . ILE A 1 161 ? 2.901   -0.437  -3.940  1.00 26.37 ? 160 ILE A O   1 
ATOM   1264 C CB  . ILE A 1 161 ? 2.145   -0.394  -1.084  1.00 24.52 ? 160 ILE A CB  1 
ATOM   1265 C CG1 . ILE A 1 161 ? 1.858   -0.926  0.330   1.00 24.73 ? 160 ILE A CG1 1 
ATOM   1266 C CG2 . ILE A 1 161 ? 1.645   1.039   -1.258  1.00 24.70 ? 160 ILE A CG2 1 
ATOM   1267 C CD1 . ILE A 1 161 ? 0.386   -0.942  0.714   1.00 22.93 ? 160 ILE A CD1 1 
ATOM   1268 N N   . HIS A 1 162 ? 0.638   -0.563  -4.265  1.00 28.01 ? 161 HIS A N   1 
ATOM   1269 C CA  . HIS A 1 162 ? 0.654   0.025   -5.606  1.00 29.90 ? 161 HIS A CA  1 
ATOM   1270 C C   . HIS A 1 162 ? 1.235   1.433   -5.662  1.00 30.69 ? 161 HIS A C   1 
ATOM   1271 O O   . HIS A 1 162 ? 0.809   2.340   -4.933  1.00 30.97 ? 161 HIS A O   1 
ATOM   1272 C CB  . HIS A 1 162 ? -0.742  0.028   -6.227  1.00 30.55 ? 161 HIS A CB  1 
ATOM   1273 C CG  . HIS A 1 162 ? -0.742  0.412   -7.672  1.00 30.59 ? 161 HIS A CG  1 
ATOM   1274 N ND1 . HIS A 1 162 ? -0.461  -0.492  -8.674  1.00 29.84 ? 161 HIS A ND1 1 
ATOM   1275 C CD2 . HIS A 1 162 ? -0.966  1.600   -8.287  1.00 29.92 ? 161 HIS A CD2 1 
ATOM   1276 C CE1 . HIS A 1 162 ? -0.519  0.120   -9.842  1.00 30.04 ? 161 HIS A CE1 1 
ATOM   1277 N NE2 . HIS A 1 162 ? -0.835  1.386   -9.639  1.00 30.52 ? 161 HIS A NE2 1 
ATOM   1278 N N   . ILE A 1 163 ? 2.211   1.612   -6.553  1.00 29.43 ? 162 ILE A N   1 
ATOM   1279 C CA  . ILE A 1 163 ? 2.899   2.885   -6.724  1.00 29.72 ? 162 ILE A CA  1 
ATOM   1280 C C   . ILE A 1 163 ? 2.916   3.445   -8.170  1.00 29.80 ? 162 ILE A C   1 
ATOM   1281 O O   . ILE A 1 163 ? 3.283   4.601   -8.354  1.00 26.90 ? 162 ILE A O   1 
ATOM   1282 C CB  . ILE A 1 163 ? 4.375   2.772   -6.272  1.00 29.59 ? 162 ILE A CB  1 
ATOM   1283 C CG1 . ILE A 1 163 ? 5.062   1.603   -6.989  1.00 29.79 ? 162 ILE A CG1 1 
ATOM   1284 C CG2 . ILE A 1 163 ? 4.482   2.656   -4.749  1.00 29.73 ? 162 ILE A CG2 1 
ATOM   1285 C CD1 . ILE A 1 163 ? 6.551   1.771   -7.122  1.00 30.03 ? 162 ILE A CD1 1 
ATOM   1286 N N   . GLY A 1 164 ? 2.524   2.652   -9.174  1.00 33.29 ? 163 GLY A N   1 
ATOM   1287 C CA  . GLY A 1 164 ? 2.765   3.054   -10.564 1.00 34.77 ? 163 GLY A CA  1 
ATOM   1288 C C   . GLY A 1 164 ? 2.232   2.186   -11.689 1.00 35.65 ? 163 GLY A C   1 
ATOM   1289 O O   . GLY A 1 164 ? 1.707   1.094   -11.479 1.00 36.37 ? 163 GLY A O   1 
ATOM   1290 N N   . GLY A 1 165 ? 2.386   2.688   -12.910 1.00 36.40 ? 164 GLY A N   1 
ATOM   1291 C CA  . GLY A 1 165 ? 1.917   1.973   -14.098 1.00 36.49 ? 164 GLY A CA  1 
ATOM   1292 C C   . GLY A 1 165 ? 2.205   2.716   -15.391 1.00 36.11 ? 164 GLY A C   1 
ATOM   1293 O O   . GLY A 1 165 ? 2.549   3.887   -15.368 1.00 36.25 ? 164 GLY A O   1 
ATOM   1294 N N   . ASN A 1 166 ? 2.044   2.051   -16.530 1.00 36.35 ? 165 ASN A N   1 
ATOM   1295 C CA  . ASN A 1 166 ? 2.420   2.667   -17.813 1.00 36.52 ? 165 ASN A CA  1 
ATOM   1296 C C   . ASN A 1 166 ? 1.286   2.656   -18.815 1.00 38.26 ? 165 ASN A C   1 
ATOM   1297 O O   . ASN A 1 166 ? 1.485   3.019   -19.977 1.00 40.94 ? 165 ASN A O   1 
ATOM   1298 C CB  . ASN A 1 166 ? 3.690   2.007   -18.394 1.00 36.34 ? 165 ASN A CB  1 
ATOM   1299 C CG  . ASN A 1 166 ? 3.585   0.485   -18.523 1.00 34.40 ? 165 ASN A CG  1 
ATOM   1300 O OD1 . ASN A 1 166 ? 2.511   -0.072  -18.803 1.00 35.88 ? 165 ASN A OD1 1 
ATOM   1301 N ND2 . ASN A 1 166 ? 4.710   -0.197  -18.325 1.00 33.21 ? 165 ASN A ND2 1 
ATOM   1302 N N   . GLY A 1 167 ? 0.098   2.270   -18.348 1.00 36.40 ? 166 GLY A N   1 
ATOM   1303 C CA  . GLY A 1 167 ? -1.081  2.225   -19.172 1.00 36.09 ? 166 GLY A CA  1 
ATOM   1304 C C   . GLY A 1 167 ? -1.394  0.814   -19.600 1.00 34.25 ? 166 GLY A C   1 
ATOM   1305 O O   . GLY A 1 167 ? -2.491  0.555   -20.041 1.00 35.22 ? 166 GLY A O   1 
ATOM   1306 N N   . ARG A 1 168 ? -0.421  -0.092  -19.490 1.00 35.72 ? 167 ARG A N   1 
ATOM   1307 C CA  . ARG A 1 168 ? -0.627  -1.508  -19.810 1.00 35.75 ? 167 ARG A CA  1 
ATOM   1308 C C   . ARG A 1 168 ? -0.273  -2.427  -18.660 1.00 36.23 ? 167 ARG A C   1 
ATOM   1309 O O   . ARG A 1 168 ? -0.851  -3.499  -18.532 1.00 36.63 ? 167 ARG A O   1 
ATOM   1310 C CB  . ARG A 1 168 ? 0.195   -1.911  -21.040 1.00 35.17 ? 167 ARG A CB  1 
ATOM   1311 C CG  . ARG A 1 168 ? 0.074   -0.937  -22.200 1.00 35.91 ? 167 ARG A CG  1 
ATOM   1312 C CD  . ARG A 1 168 ? 1.117   -1.192  -23.286 1.00 35.04 ? 167 ARG A CD  1 
ATOM   1313 N NE  . ARG A 1 168 ? 2.482   -1.283  -22.767 1.00 35.27 ? 167 ARG A NE  1 
ATOM   1314 C CZ  . ARG A 1 168 ? 3.266   -0.245  -22.483 1.00 34.30 ? 167 ARG A CZ  1 
ATOM   1315 N NH1 . ARG A 1 168 ? 2.842   1.006   -22.632 1.00 35.35 ? 167 ARG A NH1 1 
ATOM   1316 N NH2 . ARG A 1 168 ? 4.480   -0.461  -22.014 1.00 33.32 ? 167 ARG A NH2 1 
ATOM   1317 N N   . GLN A 1 169 ? 0.673   -2.005  -17.833 1.00 36.47 ? 168 GLN A N   1 
ATOM   1318 C CA  . GLN A 1 169 ? 1.101   -2.771  -16.684 1.00 36.29 ? 168 GLN A CA  1 
ATOM   1319 C C   . GLN A 1 169 ? 0.967   -1.923  -15.431 1.00 37.24 ? 168 GLN A C   1 
ATOM   1320 O O   . GLN A 1 169 ? 0.934   -0.698  -15.515 1.00 39.97 ? 168 GLN A O   1 
ATOM   1321 C CB  . GLN A 1 169 ? 2.561   -3.180  -16.853 1.00 35.72 ? 168 GLN A CB  1 
ATOM   1322 C CG  . GLN A 1 169 ? 2.792   -4.018  -18.095 1.00 35.71 ? 168 GLN A CG  1 
ATOM   1323 C CD  . GLN A 1 169 ? 4.255   -4.258  -18.347 1.00 35.34 ? 168 GLN A CD  1 
ATOM   1324 O OE1 . GLN A 1 169 ? 4.966   -3.372  -18.808 1.00 35.04 ? 168 GLN A OE1 1 
ATOM   1325 N NE2 . GLN A 1 169 ? 4.720   -5.453  -18.027 1.00 35.42 ? 168 GLN A NE2 1 
ATOM   1326 N N   . GLY A 1 170 ? 0.903   -2.594  -14.283 1.00 36.75 ? 169 GLY A N   1 
ATOM   1327 C CA  . GLY A 1 170 ? 0.895   -1.941  -12.962 1.00 35.14 ? 169 GLY A CA  1 
ATOM   1328 C C   . GLY A 1 170 ? 2.110   -2.368  -12.157 1.00 33.92 ? 169 GLY A C   1 
ATOM   1329 O O   . GLY A 1 170 ? 2.639   -3.456  -12.368 1.00 34.79 ? 169 GLY A O   1 
ATOM   1330 N N   . PHE A 1 171 ? 2.556   -1.513  -11.234 1.00 32.64 ? 170 PHE A N   1 
ATOM   1331 C CA  . PHE A 1 171 ? 3.698   -1.840  -10.376 1.00 31.33 ? 170 PHE A CA  1 
ATOM   1332 C C   . PHE A 1 171 ? 3.516   -1.440  -8.907  1.00 30.56 ? 170 PHE A C   1 
ATOM   1333 O O   . PHE A 1 171 ? 3.144   -0.304  -8.602  1.00 30.06 ? 170 PHE A O   1 
ATOM   1334 C CB  . PHE A 1 171 ? 4.960   -1.170  -10.897 1.00 32.32 ? 170 PHE A CB  1 
ATOM   1335 C CG  . PHE A 1 171 ? 5.191   -1.384  -12.366 1.00 33.45 ? 170 PHE A CG  1 
ATOM   1336 C CD1 . PHE A 1 171 ? 4.618   -0.536  -13.307 1.00 34.27 ? 170 PHE A CD1 1 
ATOM   1337 C CD2 . PHE A 1 171 ? 5.960   -2.447  -12.807 1.00 34.44 ? 170 PHE A CD2 1 
ATOM   1338 C CE1 . PHE A 1 171 ? 4.819   -0.744  -14.663 1.00 34.55 ? 170 PHE A CE1 1 
ATOM   1339 C CE2 . PHE A 1 171 ? 6.173   -2.651  -14.157 1.00 33.99 ? 170 PHE A CE2 1 
ATOM   1340 C CZ  . PHE A 1 171 ? 5.599   -1.806  -15.085 1.00 34.38 ? 170 PHE A CZ  1 
ATOM   1341 N N   . CYS A 1 172 ? 3.842   -2.371  -8.013  1.00 28.53 ? 171 CYS A N   1 
ATOM   1342 C CA  . CYS A 1 172 ? 3.834   -2.130  -6.576  1.00 28.98 ? 171 CYS A CA  1 
ATOM   1343 C C   . CYS A 1 172 ? 5.235   -2.151  -6.020  1.00 28.50 ? 171 CYS A C   1 
ATOM   1344 O O   . CYS A 1 172 ? 6.123   -2.771  -6.585  1.00 30.39 ? 171 CYS A O   1 
ATOM   1345 C CB  . CYS A 1 172 ? 3.043   -3.222  -5.856  1.00 28.67 ? 171 CYS A CB  1 
ATOM   1346 S SG  . CYS A 1 172 ? 3.842   -4.844  -5.800  1.00 27.55 ? 171 CYS A SG  1 
ATOM   1347 N N   . ALA A 1 173 ? 5.404   -1.473  -4.896  1.00 26.92 ? 172 ALA A N   1 
ATOM   1348 C CA  . ALA A 1 173 ? 6.528   -1.692  -4.029  1.00 27.38 ? 172 ALA A CA  1 
ATOM   1349 C C   . ALA A 1 173 ? 6.324   -2.979  -3.190  1.00 27.87 ? 172 ALA A C   1 
ATOM   1350 O O   . ALA A 1 173 ? 5.317   -3.135  -2.492  1.00 29.77 ? 172 ALA A O   1 
ATOM   1351 C CB  . ALA A 1 173 ? 6.684   -0.481  -3.138  1.00 27.47 ? 172 ALA A CB  1 
ATOM   1352 N N   . GLY A 1 174 ? 7.262   -3.918  -3.257  1.00 26.54 ? 173 GLY A N   1 
ATOM   1353 C CA  . GLY A 1 174 ? 7.107   -5.156  -2.495  1.00 27.91 ? 173 GLY A CA  1 
ATOM   1354 C C   . GLY A 1 174 ? 7.086   -4.927  -0.978  1.00 27.49 ? 173 GLY A C   1 
ATOM   1355 O O   . GLY A 1 174 ? 7.844   -4.111  -0.468  1.00 27.01 ? 173 GLY A O   1 
ATOM   1356 N N   . LEU A 1 175 ? 6.242   -5.665  -0.245  1.00 27.06 ? 174 LEU A N   1 
ATOM   1357 C CA  . LEU A 1 175 ? 6.309   -5.650  1.239   1.00 28.00 ? 174 LEU A CA  1 
ATOM   1358 C C   . LEU A 1 175 ? 7.148   -6.794  1.840   1.00 28.81 ? 174 LEU A C   1 
ATOM   1359 O O   . LEU A 1 175 ? 7.188   -7.910  1.312   1.00 29.97 ? 174 LEU A O   1 
ATOM   1360 C CB  . LEU A 1 175 ? 4.907   -5.692  1.865   1.00 27.45 ? 174 LEU A CB  1 
ATOM   1361 C CG  . LEU A 1 175 ? 3.935   -4.544  1.582   1.00 28.12 ? 174 LEU A CG  1 
ATOM   1362 C CD1 . LEU A 1 175 ? 2.665   -4.712  2.411   1.00 27.54 ? 174 LEU A CD1 1 
ATOM   1363 C CD2 . LEU A 1 175 ? 4.565   -3.181  1.803   1.00 27.75 ? 174 LEU A CD2 1 
ATOM   1364 N N   . LYS A 1 176 ? 7.816   -6.501  2.951   1.00 28.66 ? 175 LYS A N   1 
ATOM   1365 C CA  . LYS A 1 176 ? 8.434   -7.529  3.756   1.00 29.84 ? 175 LYS A CA  1 
ATOM   1366 C C   . LYS A 1 176 ? 8.251   -7.163  5.239   1.00 26.99 ? 175 LYS A C   1 
ATOM   1367 O O   . LYS A 1 176 ? 8.125   -5.997  5.577   1.00 24.95 ? 175 LYS A O   1 
ATOM   1368 C CB  . LYS A 1 176 ? 9.896   -7.714  3.354   1.00 30.49 ? 175 LYS A CB  1 
ATOM   1369 C CG  . LYS A 1 176 ? 10.830  -6.609  3.823   1.00 32.71 ? 175 LYS A CG  1 
ATOM   1370 C CD  . LYS A 1 176 ? 12.140  -6.563  3.032   1.00 34.23 ? 175 LYS A CD  1 
ATOM   1371 C CE  . LYS A 1 176 ? 13.057  -7.732  3.345   1.00 35.72 ? 175 LYS A CE  1 
ATOM   1372 N NZ  . LYS A 1 176 ? 14.238  -7.715  2.436   1.00 39.46 ? 175 LYS A NZ  1 
ATOM   1373 N N   . ARG A 1 177 ? 8.200   -8.166  6.109   1.00 29.32 ? 176 ARG A N   1 
ATOM   1374 C CA  . ARG A 1 177 ? 7.723   -7.987  7.505   1.00 29.49 ? 176 ARG A CA  1 
ATOM   1375 C C   . ARG A 1 177 ? 8.643   -7.124  8.322   1.00 29.73 ? 176 ARG A C   1 
ATOM   1376 O O   . ARG A 1 177 ? 8.197   -6.375  9.200   1.00 31.83 ? 176 ARG A O   1 
ATOM   1377 C CB  . ARG A 1 177 ? 7.539   -9.340  8.205   1.00 29.92 ? 176 ARG A CB  1 
ATOM   1378 C CG  . ARG A 1 177 ? 6.702   -9.288  9.494   1.00 30.45 ? 176 ARG A CG  1 
ATOM   1379 C CD  . ARG A 1 177 ? 6.493   -10.683 10.054  1.00 31.64 ? 176 ARG A CD  1 
ATOM   1380 N NE  . ARG A 1 177 ? 5.874   -11.518 9.027   1.00 32.77 ? 176 ARG A NE  1 
ATOM   1381 C CZ  . ARG A 1 177 ? 5.985   -12.839 8.922   1.00 35.64 ? 176 ARG A CZ  1 
ATOM   1382 N NH1 . ARG A 1 177 ? 6.709   -13.545 9.785   1.00 35.50 ? 176 ARG A NH1 1 
ATOM   1383 N NH2 . ARG A 1 177 ? 5.380   -13.464 7.917   1.00 35.88 ? 176 ARG A NH2 1 
ATOM   1384 N N   . SER A 1 178 ? 9.930   -7.211  8.008   1.00 29.32 ? 177 SER A N   1 
ATOM   1385 C CA  . SER A 1 178 ? 10.959  -6.425  8.681   1.00 29.34 ? 177 SER A CA  1 
ATOM   1386 C C   . SER A 1 178 ? 10.751  -4.900  8.656   1.00 28.10 ? 177 SER A C   1 
ATOM   1387 O O   . SER A 1 178 ? 11.239  -4.219  9.571   1.00 27.76 ? 177 SER A O   1 
ATOM   1388 C CB  . SER A 1 178 ? 12.339  -6.745  8.103   1.00 30.37 ? 177 SER A CB  1 
ATOM   1389 O OG  . SER A 1 178 ? 12.270  -6.810  6.700   1.00 31.10 ? 177 SER A OG  1 
ATOM   1390 N N   . TYR A 1 179 ? 10.068  -4.376  7.624   1.00 26.50 ? 178 TYR A N   1 
ATOM   1391 C CA  . TYR A 1 179 ? 9.747   -2.934  7.550   1.00 25.81 ? 178 TYR A CA  1 
ATOM   1392 C C   . TYR A 1 179 ? 8.881   -2.461  8.699   1.00 26.43 ? 178 TYR A C   1 
ATOM   1393 O O   . TYR A 1 179 ? 8.916   -1.281  9.053   1.00 27.57 ? 178 TYR A O   1 
ATOM   1394 C CB  . TYR A 1 179 ? 8.988   -2.547  6.289   1.00 23.89 ? 178 TYR A CB  1 
ATOM   1395 C CG  . TYR A 1 179 ? 9.703   -2.757  4.979   1.00 23.95 ? 178 TYR A CG  1 
ATOM   1396 C CD1 . TYR A 1 179 ? 11.096  -2.787  4.893   1.00 23.41 ? 178 TYR A CD1 1 
ATOM   1397 C CD2 . TYR A 1 179 ? 8.979   -2.888  3.814   1.00 24.65 ? 178 TYR A CD2 1 
ATOM   1398 C CE1 . TYR A 1 179 ? 11.732  -2.975  3.677   1.00 22.76 ? 178 TYR A CE1 1 
ATOM   1399 C CE2 . TYR A 1 179 ? 9.601   -3.076  2.595   1.00 23.72 ? 178 TYR A CE2 1 
ATOM   1400 C CZ  . TYR A 1 179 ? 10.978  -3.119  2.526   1.00 22.82 ? 178 TYR A CZ  1 
ATOM   1401 O OH  . TYR A 1 179 ? 11.600  -3.305  1.306   1.00 21.51 ? 178 TYR A OH  1 
ATOM   1402 N N   . PHE A 1 180 ? 8.060   -3.375  9.218   1.00 25.55 ? 179 PHE A N   1 
ATOM   1403 C CA  . PHE A 1 180 ? 7.033   -3.062  10.231  1.00 27.62 ? 179 PHE A CA  1 
ATOM   1404 C C   . PHE A 1 180 ? 7.353   -3.655  11.609  1.00 31.77 ? 179 PHE A C   1 
ATOM   1405 O O   . PHE A 1 180 ? 6.560   -3.510  12.562  1.00 31.69 ? 179 PHE A O   1 
ATOM   1406 C CB  . PHE A 1 180 ? 5.672   -3.543  9.722   1.00 25.74 ? 179 PHE A CB  1 
ATOM   1407 C CG  . PHE A 1 180 ? 5.380   -3.088  8.330   1.00 25.30 ? 179 PHE A CG  1 
ATOM   1408 C CD1 . PHE A 1 180 ? 5.068   -1.761  8.087   1.00 25.54 ? 179 PHE A CD1 1 
ATOM   1409 C CD2 . PHE A 1 180 ? 5.468   -3.966  7.267   1.00 25.08 ? 179 PHE A CD2 1 
ATOM   1410 C CE1 . PHE A 1 180 ? 4.833   -1.316  6.812   1.00 25.13 ? 179 PHE A CE1 1 
ATOM   1411 C CE2 . PHE A 1 180 ? 5.227   -3.526  5.989   1.00 25.03 ? 179 PHE A CE2 1 
ATOM   1412 C CZ  . PHE A 1 180 ? 4.903   -2.203  5.761   1.00 24.19 ? 179 PHE A CZ  1 
ATOM   1413 N N   . ALA A 1 181 ? 8.515   -4.306  11.718  1.00 32.88 ? 180 ALA A N   1 
ATOM   1414 C CA  . ALA A 1 181 ? 9.108   -4.554  13.017  1.00 34.88 ? 180 ALA A CA  1 
ATOM   1415 C C   . ALA A 1 181 ? 9.487   -3.199  13.598  1.00 36.08 ? 180 ALA A C   1 
ATOM   1416 O O   . ALA A 1 181 ? 9.326   -2.958  14.782  1.00 40.56 ? 180 ALA A O   1 
ATOM   1417 C CB  . ALA A 1 181 ? 10.337  -5.442  12.898  1.00 32.97 ? 180 ALA A CB  1 
HETATM 1418 C C23 . 5EX B 2 .   ? 6.050   4.419   -16.040 1.00 50.70 ? 201 5EX A C23 1 
HETATM 1419 C C22 . 5EX B 2 .   ? 4.977   7.055   -13.789 1.00 44.56 ? 201 5EX A C22 1 
HETATM 1420 C C21 . 5EX B 2 .   ? 4.895   5.114   -15.342 1.00 49.50 ? 201 5EX A C21 1 
HETATM 1421 C C20 . 5EX B 2 .   ? 3.996   6.713   -12.709 1.00 42.42 ? 201 5EX A C20 1 
HETATM 1422 C C24 . 5EX B 2 .   ? 6.114   2.906   -15.841 1.00 52.30 ? 201 5EX A C24 1 
HETATM 1423 C C26 . 5EX B 2 .   ? -0.474  6.211   -13.063 1.00 33.01 ? 201 5EX A C26 1 
HETATM 1424 C C27 . 5EX B 2 .   ? 7.429   3.035   -15.091 1.00 52.25 ? 201 5EX A C27 1 
HETATM 1425 C C18 . 5EX B 2 .   ? -1.637  11.287  -9.961  1.00 34.18 ? 201 5EX A C18 1 
HETATM 1426 C C10 . 5EX B 2 .   ? -0.258  6.499   -9.992  1.00 31.35 ? 201 5EX A C10 1 
HETATM 1427 C C7  . 5EX B 2 .   ? 7.838   8.640   -7.920  1.00 48.21 ? 201 5EX A C7  1 
HETATM 1428 C C5  . 5EX B 2 .   ? 5.838   7.383   -8.432  1.00 46.06 ? 201 5EX A C5  1 
HETATM 1429 C C6  . 5EX B 2 .   ? 7.142   7.437   -7.941  1.00 47.22 ? 201 5EX A C6  1 
HETATM 1430 C C2  . 5EX B 2 .   ? 3.411   7.408   -10.379 1.00 39.46 ? 201 5EX A C2  1 
HETATM 1431 C C3  . 5EX B 2 .   ? 3.800   8.547   -9.435  1.00 41.19 ? 201 5EX A C3  1 
HETATM 1432 C C4  . 5EX B 2 .   ? 5.220   8.541   -8.904  1.00 43.82 ? 201 5EX A C4  1 
HETATM 1433 C C11 . 5EX B 2 .   ? -0.823  5.267   -10.702 1.00 31.23 ? 201 5EX A C11 1 
HETATM 1434 C C12 . 5EX B 2 .   ? -0.205  5.068   -12.090 1.00 32.84 ? 201 5EX A C12 1 
HETATM 1435 C C13 . 5EX B 2 .   ? -0.794  3.883   -12.772 1.00 34.15 ? 201 5EX A C13 1 
HETATM 1436 C C14 . 5EX B 2 .   ? -0.774  6.595   -8.534  1.00 30.00 ? 201 5EX A C14 1 
HETATM 1437 C C15 . 5EX B 2 .   ? -0.646  8.057   -8.117  1.00 30.97 ? 201 5EX A C15 1 
HETATM 1438 C C16 . 5EX B 2 .   ? -1.524  9.067   -8.819  1.00 30.94 ? 201 5EX A C16 1 
HETATM 1439 C C17 . 5EX B 2 .   ? 1.926   7.540   -10.528 1.00 35.39 ? 201 5EX A C17 1 
HETATM 1440 O O1  . 5EX B 2 .   ? -0.936  2.825   -12.199 1.00 36.48 ? 201 5EX A O1  1 
HETATM 1441 C C8  . 5EX B 2 .   ? 7.226   9.799   -8.384  1.00 47.45 ? 201 5EX A C8  1 
HETATM 1442 O O2  . 5EX B 2 .   ? -0.945  10.357  -9.131  1.00 34.26 ? 201 5EX A O2  1 
HETATM 1443 C C9  . 5EX B 2 .   ? 5.923   9.750   -8.864  1.00 46.57 ? 201 5EX A C9  1 
HETATM 1444 N N1  . 5EX B 2 .   ? -1.110  4.172   -14.033 1.00 32.05 ? 201 5EX A N1  1 
HETATM 1445 C C19 . 5EX B 2 .   ? -1.331  12.698  -9.511  1.00 34.24 ? 201 5EX A C19 1 
HETATM 1446 O O3  . 5EX B 2 .   ? -2.690  8.870   -9.132  1.00 31.69 ? 201 5EX A O3  1 
HETATM 1447 N N2  . 5EX B 2 .   ? 4.173   7.464   -11.623 1.00 39.46 ? 201 5EX A N2  1 
HETATM 1448 C C25 . 5EX B 2 .   ? -0.809  5.539   -14.393 1.00 31.86 ? 201 5EX A C25 1 
HETATM 1449 N N   . 5EX B 2 .   ? 1.198   6.556   -9.976  1.00 32.32 ? 201 5EX A N   1 
HETATM 1450 O O4  . 5EX B 2 .   ? 1.472   8.495   -11.133 1.00 34.74 ? 201 5EX A O4  1 
HETATM 1451 O O21 . 5EX B 2 .   ? 3.092   5.871   -12.788 1.00 40.54 ? 201 5EX A O21 1 
HETATM 1452 O O5  . 5EX B 2 .   ? 5.554   8.121   -13.674 1.00 44.71 ? 201 5EX A O5  1 
HETATM 1453 N N6  . 5EX B 2 .   ? 5.345   6.393   -14.880 1.00 47.23 ? 201 5EX A N6  1 
HETATM 1454 C C28 . 5EX B 2 .   ? 7.383   4.538   -15.318 1.00 52.08 ? 201 5EX A C28 1 
HETATM 1455 O O   . HOH C 3 .   ? -1.769  -5.162  -19.085 1.00 36.16 ? 301 HOH A O   1 
HETATM 1456 O O   . HOH C 3 .   ? -1.776  -7.709  -13.952 1.00 68.77 ? 302 HOH A O   1 
HETATM 1457 O O   . HOH C 3 .   ? -7.844  0.714   10.098  1.00 29.58 ? 303 HOH A O   1 
HETATM 1458 O O   . HOH C 3 .   ? -7.111  -14.863 -2.877  1.00 25.17 ? 304 HOH A O   1 
HETATM 1459 O O   . HOH C 3 .   ? -11.302 1.169   12.408  1.00 35.62 ? 305 HOH A O   1 
HETATM 1460 O O   . HOH C 3 .   ? 10.329  -2.638  -0.553  1.00 35.69 ? 306 HOH A O   1 
HETATM 1461 O O   . HOH C 3 .   ? 24.949  -3.442  -3.204  1.00 49.51 ? 307 HOH A O   1 
HETATM 1462 O O   . HOH C 3 .   ? -13.044 0.831   9.217   1.00 43.70 ? 308 HOH A O   1 
HETATM 1463 O O   . HOH C 3 .   ? 15.019  3.863   4.429   1.00 31.04 ? 309 HOH A O   1 
HETATM 1464 O O   . HOH C 3 .   ? 11.635  -9.238  6.564   1.00 28.77 ? 310 HOH A O   1 
HETATM 1465 O O   . HOH C 3 .   ? -3.342  18.333  5.825   1.00 33.67 ? 311 HOH A O   1 
HETATM 1466 O O   . HOH C 3 .   ? -0.507  -10.149 -13.867 1.00 28.12 ? 312 HOH A O   1 
HETATM 1467 O O   . HOH C 3 .   ? 18.257  -2.700  2.350   1.00 38.52 ? 313 HOH A O   1 
HETATM 1468 O O   . HOH C 3 .   ? 19.122  -4.395  -1.525  1.00 29.89 ? 314 HOH A O   1 
HETATM 1469 O O   . HOH C 3 .   ? -7.449  -14.142 -0.055  1.00 43.20 ? 315 HOH A O   1 
HETATM 1470 O O   . HOH C 3 .   ? 6.773   -6.321  -19.324 1.00 36.25 ? 316 HOH A O   1 
HETATM 1471 O O   . HOH C 3 .   ? -5.726  4.414   -3.938  1.00 22.84 ? 317 HOH A O   1 
HETATM 1472 O O   . HOH C 3 .   ? 6.804   10.634  1.797   1.00 43.09 ? 318 HOH A O   1 
HETATM 1473 O O   . HOH C 3 .   ? 8.368   -4.980  16.180  1.00 52.33 ? 319 HOH A O   1 
HETATM 1474 O O   . HOH C 3 .   ? -0.735  15.002  4.321   1.00 32.50 ? 320 HOH A O   1 
HETATM 1475 O O   . HOH C 3 .   ? 9.030   -3.428  17.363  1.00 45.12 ? 321 HOH A O   1 
HETATM 1476 O O   . HOH C 3 .   ? 16.242  6.595   -6.047  1.00 40.37 ? 322 HOH A O   1 
HETATM 1477 O O   . HOH C 3 .   ? 6.119   -15.730 1.086   1.00 33.78 ? 323 HOH A O   1 
HETATM 1478 O O   . HOH C 3 .   ? -0.870  -15.379 5.583   1.00 46.08 ? 324 HOH A O   1 
HETATM 1479 O O   . HOH C 3 .   ? 9.723   -1.477  -3.700  1.00 28.67 ? 325 HOH A O   1 
HETATM 1480 O O   . HOH C 3 .   ? 4.779   13.666  7.969   1.00 36.78 ? 326 HOH A O   1 
HETATM 1481 O O   . HOH C 3 .   ? -8.002  -1.973  12.887  1.00 29.15 ? 327 HOH A O   1 
HETATM 1482 O O   . HOH C 3 .   ? 17.512  -3.073  -2.628  1.00 39.16 ? 328 HOH A O   1 
HETATM 1483 O O   . HOH C 3 .   ? 4.917   3.447   14.743  1.00 34.24 ? 329 HOH A O   1 
HETATM 1484 O O   . HOH C 3 .   ? -14.249 15.891  11.021  1.00 34.26 ? 330 HOH A O   1 
HETATM 1485 O O   . HOH C 3 .   ? -9.437  9.371   -0.442  1.00 23.80 ? 331 HOH A O   1 
HETATM 1486 O O   . HOH C 3 .   ? -14.872 -10.044 6.324   1.00 33.24 ? 332 HOH A O   1 
HETATM 1487 O O   . HOH C 3 .   ? -6.063  -11.895 -10.383 1.00 48.38 ? 333 HOH A O   1 
HETATM 1488 O O   . HOH C 3 .   ? -0.816  1.403   -15.915 1.00 33.23 ? 334 HOH A O   1 
HETATM 1489 O O   . HOH C 3 .   ? -17.425 -1.796  1.356   1.00 33.38 ? 335 HOH A O   1 
HETATM 1490 O O   . HOH C 3 .   ? -4.810  13.432  15.451  1.00 28.52 ? 336 HOH A O   1 
HETATM 1491 O O   . HOH C 3 .   ? 3.006   -15.543 -14.088 1.00 36.18 ? 337 HOH A O   1 
HETATM 1492 O O   . HOH C 3 .   ? 5.596   -9.434  -0.968  1.00 36.13 ? 338 HOH A O   1 
HETATM 1493 O O   . HOH C 3 .   ? 5.971   18.070  6.534   1.00 44.95 ? 339 HOH A O   1 
HETATM 1494 O O   . HOH C 3 .   ? -6.560  -12.892 -4.999  1.00 38.71 ? 340 HOH A O   1 
HETATM 1495 O O   . HOH C 3 .   ? 14.778  0.939   4.549   1.00 28.42 ? 341 HOH A O   1 
HETATM 1496 O O   . HOH C 3 .   ? -2.054  9.040   19.737  1.00 29.22 ? 342 HOH A O   1 
HETATM 1497 O O   . HOH C 3 .   ? -10.262 8.635   10.742  1.00 27.77 ? 343 HOH A O   1 
HETATM 1498 O O   . HOH C 3 .   ? -7.635  -11.873 -3.362  1.00 55.88 ? 344 HOH A O   1 
HETATM 1499 O O   . HOH C 3 .   ? 2.308   -10.215 -14.222 1.00 40.34 ? 345 HOH A O   1 
HETATM 1500 O O   . HOH C 3 .   ? 20.587  -2.602  -8.468  1.00 34.56 ? 346 HOH A O   1 
HETATM 1501 O O   . HOH C 3 .   ? -8.524  -9.498  6.780   1.00 38.04 ? 347 HOH A O   1 
HETATM 1502 O O   . HOH C 3 .   ? 0.183   2.934   -22.460 1.00 38.87 ? 348 HOH A O   1 
HETATM 1503 O O   . HOH C 3 .   ? -1.628  -3.881  16.590  1.00 28.80 ? 349 HOH A O   1 
HETATM 1504 O O   . HOH C 3 .   ? -3.600  10.383  -6.235  1.00 28.84 ? 350 HOH A O   1 
HETATM 1505 O O   . HOH C 3 .   ? -15.320 2.047   -6.154  0.50 28.10 ? 351 HOH A O   1 
HETATM 1506 O O   . HOH C 3 .   ? -7.096  4.967   10.979  1.00 31.40 ? 352 HOH A O   1 
HETATM 1507 O O   . HOH C 3 .   ? -8.736  7.685   -6.226  1.00 29.82 ? 353 HOH A O   1 
HETATM 1508 O O   . HOH C 3 .   ? -3.424  -0.832  -22.335 1.00 41.89 ? 354 HOH A O   1 
HETATM 1509 O O   . HOH C 3 .   ? -5.772  17.675  -1.643  1.00 27.24 ? 355 HOH A O   1 
HETATM 1510 O O   . HOH C 3 .   ? -13.066 -14.952 9.395   1.00 30.77 ? 356 HOH A O   1 
HETATM 1511 O O   . HOH C 3 .   ? 2.324   19.744  6.167   1.00 36.46 ? 357 HOH A O   1 
HETATM 1512 O O   . HOH C 3 .   ? -10.556 16.839  12.050  1.00 31.37 ? 358 HOH A O   1 
HETATM 1513 O O   . HOH C 3 .   ? 12.656  9.922   5.620   1.00 45.79 ? 359 HOH A O   1 
HETATM 1514 O O   . HOH C 3 .   ? 10.251  -1.098  -2.016  1.00 46.10 ? 360 HOH A O   1 
HETATM 1515 O O   . HOH C 3 .   ? 3.968   -7.289  15.496  1.00 41.72 ? 361 HOH A O   1 
HETATM 1516 O O   . HOH C 3 .   ? -5.041  -15.383 -5.022  1.00 50.24 ? 362 HOH A O   1 
HETATM 1517 O O   . HOH C 3 .   ? 11.215  -8.063  -7.594  1.00 41.71 ? 363 HOH A O   1 
HETATM 1518 O O   . HOH C 3 .   ? 6.655   6.424   11.202  1.00 27.22 ? 364 HOH A O   1 
HETATM 1519 O O   . HOH C 3 .   ? 24.921  3.483   -3.008  1.00 32.28 ? 365 HOH A O   1 
HETATM 1520 O O   . HOH C 3 .   ? -14.550 6.833   -9.604  1.00 37.56 ? 366 HOH A O   1 
HETATM 1521 O O   . HOH C 3 .   ? -4.268  -6.714  16.774  1.00 23.57 ? 367 HOH A O   1 
HETATM 1522 O O   . HOH C 3 .   ? -9.032  -0.196  -12.497 1.00 35.37 ? 368 HOH A O   1 
HETATM 1523 O O   . HOH C 3 .   ? -6.202  12.376  -6.481  1.00 38.78 ? 369 HOH A O   1 
HETATM 1524 O O   . HOH C 3 .   ? 0.393   16.698  2.051   1.00 39.05 ? 370 HOH A O   1 
HETATM 1525 O O   . HOH C 3 .   ? 0.384   -10.285 13.431  1.00 31.17 ? 371 HOH A O   1 
HETATM 1526 O O   . HOH C 3 .   ? -0.764  2.273   1.181   1.00 28.62 ? 372 HOH A O   1 
HETATM 1527 O O   . HOH C 3 .   ? -12.414 9.732   2.928   1.00 28.99 ? 373 HOH A O   1 
HETATM 1528 O O   . HOH C 3 .   ? 8.705   -0.479  11.900  1.00 36.87 ? 374 HOH A O   1 
HETATM 1529 O O   . HOH C 3 .   ? 5.215   16.457  -3.912  1.00 63.18 ? 375 HOH A O   1 
HETATM 1530 O O   . HOH C 3 .   ? 14.183  -13.715 6.143   0.50 57.35 ? 376 HOH A O   1 
HETATM 1531 O O   . HOH C 3 .   ? -5.789  -12.251 -0.274  1.00 42.91 ? 377 HOH A O   1 
HETATM 1532 O O   . HOH C 3 .   ? 4.129   -3.796  -21.680 1.00 33.44 ? 378 HOH A O   1 
HETATM 1533 O O   . HOH C 3 .   ? -16.834 -6.718  6.559   1.00 35.16 ? 379 HOH A O   1 
HETATM 1534 O O   . HOH C 3 .   ? -15.844 -4.655  4.078   1.00 45.86 ? 380 HOH A O   1 
HETATM 1535 O O   . HOH C 3 .   ? -8.333  -11.402 -1.109  1.00 40.62 ? 381 HOH A O   1 
HETATM 1536 O O   . HOH C 3 .   ? 13.234  -3.415  7.383   1.00 43.68 ? 382 HOH A O   1 
HETATM 1537 O O   . HOH C 3 .   ? 25.902  1.104   1.384   1.00 39.63 ? 383 HOH A O   1 
HETATM 1538 O O   . HOH C 3 .   ? 17.172  8.430   -1.352  1.00 38.82 ? 384 HOH A O   1 
HETATM 1539 O O   . HOH C 3 .   ? -4.089  11.302  21.608  1.00 47.04 ? 385 HOH A O   1 
HETATM 1540 O O   . HOH C 3 .   ? -15.968 8.969   -7.852  0.50 46.10 ? 386 HOH A O   1 
HETATM 1541 O O   . HOH C 3 .   ? 7.337   -15.611 4.783   1.00 49.92 ? 387 HOH A O   1 
HETATM 1542 O O   . HOH C 3 .   ? -3.361  7.608   -6.242  1.00 26.88 ? 388 HOH A O   1 
HETATM 1543 O O   . HOH C 3 .   ? -3.191  -17.553 -12.855 1.00 36.87 ? 389 HOH A O   1 
HETATM 1544 O O   . HOH C 3 .   ? 13.225  -9.600  0.161   1.00 24.79 ? 390 HOH A O   1 
HETATM 1545 O O   . HOH C 3 .   ? -10.699 10.982  1.869   1.00 29.45 ? 391 HOH A O   1 
HETATM 1546 O O   . HOH C 3 .   ? -3.010  -13.655 -14.308 1.00 42.60 ? 392 HOH A O   1 
HETATM 1547 O O   . HOH C 3 .   ? 19.631  -4.518  -6.391  1.00 40.27 ? 393 HOH A O   1 
HETATM 1548 O O   . HOH C 3 .   ? -5.907  -13.786 12.956  1.00 30.70 ? 394 HOH A O   1 
HETATM 1549 O O   . HOH C 3 .   ? -12.976 -16.477 -1.977  1.00 23.90 ? 395 HOH A O   1 
HETATM 1550 O O   . HOH C 3 .   ? -2.727  17.118  3.334   1.00 34.59 ? 396 HOH A O   1 
HETATM 1551 O O   . HOH C 3 .   ? -17.116 7.313   -1.104  1.00 37.97 ? 397 HOH A O   1 
HETATM 1552 O O   . HOH C 3 .   ? -13.138 9.112   10.457  1.00 40.37 ? 398 HOH A O   1 
HETATM 1553 O O   . HOH C 3 .   ? -5.420  1.760   -19.999 1.00 37.99 ? 399 HOH A O   1 
HETATM 1554 O O   . HOH C 3 .   ? -14.164 10.916  16.396  1.00 32.79 ? 400 HOH A O   1 
HETATM 1555 O O   . HOH C 3 .   ? -9.241  -12.014 8.748   1.00 29.31 ? 401 HOH A O   1 
HETATM 1556 O O   . HOH C 3 .   ? -4.779  16.697  4.079   1.00 34.44 ? 402 HOH A O   1 
HETATM 1557 O O   . HOH C 3 .   ? 12.340  -1.924  15.268  1.00 51.40 ? 403 HOH A O   1 
HETATM 1558 O O   . HOH C 3 .   ? 2.874   3.166   16.733  1.00 22.60 ? 404 HOH A O   1 
HETATM 1559 O O   . HOH C 3 .   ? -17.604 12.445  -3.663  1.00 39.99 ? 405 HOH A O   1 
HETATM 1560 O O   . HOH C 3 .   ? 3.745   -17.107 -7.072  1.00 34.15 ? 406 HOH A O   1 
HETATM 1561 O O   . HOH C 3 .   ? 11.781  -0.972  -16.283 1.00 35.91 ? 407 HOH A O   1 
HETATM 1562 O O   . HOH C 3 .   ? 11.273  -11.165 9.187   1.00 39.58 ? 408 HOH A O   1 
HETATM 1563 O O   . HOH C 3 .   ? 16.687  -4.612  -11.561 1.00 41.51 ? 409 HOH A O   1 
HETATM 1564 O O   . HOH C 3 .   ? 13.402  -9.372  -12.137 1.00 33.44 ? 410 HOH A O   1 
HETATM 1565 O O   . HOH C 3 .   ? 9.347   13.175  15.807  1.00 37.10 ? 411 HOH A O   1 
HETATM 1566 O O   . HOH C 3 .   ? -1.718  5.993   23.516  1.00 41.44 ? 412 HOH A O   1 
HETATM 1567 O O   . HOH C 3 .   ? 2.360   13.071  -6.717  1.00 40.48 ? 413 HOH A O   1 
HETATM 1568 O O   . HOH C 3 .   ? 15.325  -4.290  -7.823  1.00 23.42 ? 414 HOH A O   1 
HETATM 1569 O O   . HOH C 3 .   ? 1.326   7.224   18.792  1.00 38.44 ? 415 HOH A O   1 
HETATM 1570 O O   . HOH C 3 .   ? 10.242  12.184  6.046   1.00 37.85 ? 416 HOH A O   1 
HETATM 1571 O O   . HOH C 3 .   ? -2.576  4.584   -17.322 1.00 56.21 ? 417 HOH A O   1 
HETATM 1572 O O   . HOH C 3 .   ? 1.445   2.738   19.882  1.00 34.52 ? 418 HOH A O   1 
HETATM 1573 O O   . HOH C 3 .   ? -3.352  8.166   -15.425 1.00 51.93 ? 419 HOH A O   1 
HETATM 1574 O O   . HOH C 3 .   ? 10.062  -9.202  11.144  1.00 26.87 ? 420 HOH A O   1 
HETATM 1575 O O   . HOH C 3 .   ? -17.126 -9.215  6.081   1.00 33.97 ? 421 HOH A O   1 
HETATM 1576 O O   . HOH C 3 .   ? 6.812   12.632  -5.777  1.00 48.37 ? 422 HOH A O   1 
HETATM 1577 O O   . HOH C 3 .   ? 13.579  8.722   -0.254  1.00 43.26 ? 423 HOH A O   1 
HETATM 1578 O O   . HOH C 3 .   ? 9.195   13.895  -14.691 1.00 45.82 ? 424 HOH A O   1 
HETATM 1579 O O   . HOH C 3 .   ? 0.404   6.173   -17.696 1.00 42.93 ? 425 HOH A O   1 
HETATM 1580 O O   . HOH C 3 .   ? -14.204 10.494  12.307  1.00 34.41 ? 426 HOH A O   1 
HETATM 1581 O O   . HOH C 3 .   ? 22.531  -3.908  3.017   1.00 37.12 ? 427 HOH A O   1 
HETATM 1582 O O   . HOH C 3 .   ? 8.827   4.336   11.869  1.00 26.96 ? 428 HOH A O   1 
HETATM 1583 O O   . HOH C 3 .   ? 7.660   1.842   13.309  1.00 46.38 ? 429 HOH A O   1 
HETATM 1584 O O   . HOH C 3 .   ? 14.391  -7.484  -3.242  1.00 38.13 ? 430 HOH A O   1 
HETATM 1585 O O   . HOH C 3 .   ? 3.491   -13.169 13.585  1.00 41.88 ? 431 HOH A O   1 
HETATM 1586 O O   . HOH C 3 .   ? -8.668  10.129  -7.459  1.00 33.78 ? 432 HOH A O   1 
HETATM 1587 O O   . HOH C 3 .   ? 9.036   1.459   -18.219 1.00 34.28 ? 433 HOH A O   1 
HETATM 1588 O O   . HOH C 3 .   ? 11.178  -4.611  19.276  1.00 53.42 ? 434 HOH A O   1 
# 
